data_5H3O
#
_entry.id   5H3O
#
_cell.length_a   1
_cell.length_b   1
_cell.length_c   1
_cell.angle_alpha   90
_cell.angle_beta   90
_cell.angle_gamma   90
#
_symmetry.space_group_name_H-M   'P 1'
#
loop_
_entity.id
_entity.type
_entity.pdbx_description
1 polymer 'Cyclic nucleotide-gated cation channel'
2 non-polymer 'CYCLIC GUANOSINE MONOPHOSPHATE'
3 non-polymer 'SODIUM ION'
#
_entity_poly.entity_id   1
_entity_poly.type   'polypeptide(L)'
_entity_poly.pdbx_seq_one_letter_code
;GGGGSMSTAEPAPDPTNPSTSGLAPTTNGIGSPPPTASAATKFSILTKFLRRKNQVHTTTAQQNEFMQKYMPNGNSNAVQ
PAATGGQPASSDGGSAIEVPPPKESYAVRIRKYLANYTQDPSTDNFYYWTCVVTVAYIYNLLFVIARQVFNDLIGPSSQS
LCRFYNGTLNSTTQVECTYNMLTNMKEMPTYSQYPDLGWSKYWHFRMLWVFFDLLMDCVYLIDTFLNYRMGYMDQGLVVR
EAEKVTKAYWQSKQYRIDGISLIPLDYILGWPIPYINWRGLPILRLNRLIRYKRVRNCLERTETRSSMPNAFRVVVVVWY
IVIIIHWNACLYFWISEWIGLGTDAWVYGHLNKQSLPDDITDTLLRRYVYSFYWSTLILTTIGEVPSPVRNIEYAFVTLD
LMCGVLIFATIVGNVGSMISNMSAARTEFQNKMDGIKQYMELRKVSKQLEIRVIKWFDYLWTNKQSLSDQQVLKVLPDKL
QAEIAMQVHFETLRKVRIFQDCEAGLLAELVLKLQLQVFSPGDFICKKGDIGREMYIVKRGRLQVVDDDGKKVFVTLQEG
SVFGELSILNIAGSKNGNRRTANVRSVGYTDLFVLSKTDLWNALREYPDARKLLLAKGREILKKDNLLDENAPEEQKTVE
EIAEHLNNAVKVLQTRMARLIVEHSSTEGKLMKRIEMLEKHLSRYKALARRQKTMHGVSIDGGDISTDGVDERVRPPRLR
QTKTIDLPTGTESESLLK
;
_entity_poly.pdbx_strand_id   A,B,C,D
#
# COMPACT_ATOMS: atom_id res chain seq x y z
N ARG A 111 -25.84 9.37 -53.17
CA ARG A 111 -26.01 8.48 -52.04
C ARG A 111 -25.18 7.20 -52.19
N LYS A 112 -24.79 6.89 -53.42
CA LYS A 112 -23.98 5.70 -53.70
C LYS A 112 -22.59 5.80 -53.05
N TYR A 113 -22.16 7.05 -52.79
CA TYR A 113 -20.88 7.30 -52.13
C TYR A 113 -20.88 6.83 -50.67
N LEU A 114 -22.06 6.72 -50.09
CA LEU A 114 -22.22 6.34 -48.68
C LEU A 114 -22.32 4.82 -48.56
N ALA A 115 -22.28 4.13 -49.70
CA ALA A 115 -22.25 2.68 -49.73
C ALA A 115 -20.80 2.16 -49.66
N ASN A 116 -19.90 2.82 -50.36
CA ASN A 116 -18.49 2.43 -50.40
C ASN A 116 -17.63 3.24 -49.42
N TYR A 117 -18.30 4.04 -48.59
CA TYR A 117 -17.66 4.87 -47.57
C TYR A 117 -16.99 4.05 -46.48
N THR A 118 -15.72 4.34 -46.20
CA THR A 118 -14.96 3.65 -45.16
C THR A 118 -14.57 4.58 -44.01
N GLN A 119 -14.59 4.04 -42.78
CA GLN A 119 -14.34 4.82 -41.58
C GLN A 119 -12.92 4.65 -41.06
N ASP A 120 -12.29 5.77 -40.72
CA ASP A 120 -10.99 5.79 -40.06
C ASP A 120 -11.19 5.73 -38.53
N PRO A 121 -10.52 4.78 -37.84
CA PRO A 121 -10.66 4.67 -36.38
C PRO A 121 -9.97 5.80 -35.64
N SER A 122 -8.94 6.36 -36.28
CA SER A 122 -8.12 7.42 -35.70
C SER A 122 -8.50 8.84 -36.14
N THR A 123 -9.76 9.22 -35.94
CA THR A 123 -10.20 10.61 -36.12
C THR A 123 -10.90 11.09 -34.87
N ASP A 124 -10.88 12.39 -34.65
CA ASP A 124 -11.49 12.96 -33.46
C ASP A 124 -13.02 12.75 -33.51
N ASN A 125 -13.57 12.87 -34.71
CA ASN A 125 -15.00 12.72 -34.92
C ASN A 125 -15.44 11.35 -34.43
N PHE A 126 -14.65 10.33 -34.75
CA PHE A 126 -14.99 8.97 -34.35
C PHE A 126 -15.07 8.84 -32.85
N TYR A 127 -14.14 9.50 -32.14
CA TYR A 127 -14.20 9.49 -30.69
C TYR A 127 -15.49 10.15 -30.22
N TYR A 128 -15.91 11.23 -30.89
CA TYR A 128 -17.23 11.79 -30.57
C TYR A 128 -18.33 10.73 -30.74
N TRP A 129 -18.23 9.97 -31.82
CA TRP A 129 -19.24 8.94 -32.10
C TRP A 129 -19.27 7.87 -31.00
N THR A 130 -18.10 7.34 -30.63
CA THR A 130 -18.00 6.32 -29.59
C THR A 130 -18.61 6.86 -28.30
N CYS A 131 -18.38 8.14 -28.04
CA CYS A 131 -19.04 8.82 -26.93
C CYS A 131 -20.57 8.72 -27.05
N VAL A 132 -21.08 8.86 -28.27
CA VAL A 132 -22.54 8.73 -28.49
C VAL A 132 -23.07 7.30 -28.21
N VAL A 133 -22.38 6.30 -28.76
CA VAL A 133 -22.67 4.91 -28.47
C VAL A 133 -22.72 4.71 -26.95
N THR A 134 -21.80 5.37 -26.27
CA THR A 134 -21.70 5.33 -24.81
C THR A 134 -22.97 5.83 -24.15
N VAL A 135 -23.49 6.95 -24.64
CA VAL A 135 -24.73 7.44 -24.06
C VAL A 135 -25.87 6.46 -24.25
N ALA A 136 -25.95 5.85 -25.43
CA ALA A 136 -26.97 4.80 -25.64
C ALA A 136 -26.81 3.62 -24.66
N TYR A 137 -25.56 3.21 -24.44
CA TYR A 137 -25.26 2.09 -23.55
C TYR A 137 -25.76 2.35 -22.16
N ILE A 138 -25.32 3.46 -21.61
CA ILE A 138 -25.74 3.84 -20.27
C ILE A 138 -27.25 3.92 -20.21
N TYR A 139 -27.85 4.38 -21.32
CA TYR A 139 -29.30 4.42 -21.37
C TYR A 139 -29.85 3.06 -21.04
N ASN A 140 -29.45 2.06 -21.81
CA ASN A 140 -29.97 0.71 -21.60
C ASN A 140 -29.71 0.19 -20.20
N LEU A 141 -28.44 0.19 -19.77
CA LEU A 141 -28.13 -0.44 -18.48
C LEU A 141 -28.67 0.34 -17.28
N LEU A 142 -29.18 1.53 -17.51
CA LEU A 142 -29.84 2.24 -16.42
C LEU A 142 -31.34 2.04 -16.40
N PHE A 143 -31.97 2.22 -17.56
CA PHE A 143 -33.43 2.28 -17.61
C PHE A 143 -34.13 0.97 -17.94
N VAL A 144 -33.43 0.07 -18.60
CA VAL A 144 -34.09 -1.17 -19.00
C VAL A 144 -34.51 -1.97 -17.79
N ILE A 145 -33.53 -2.26 -16.92
CA ILE A 145 -33.77 -3.09 -15.76
C ILE A 145 -34.84 -2.48 -14.86
N ALA A 146 -34.77 -1.17 -14.68
CA ALA A 146 -35.73 -0.44 -13.87
C ALA A 146 -37.15 -0.50 -14.47
N ARG A 147 -37.25 -0.45 -15.80
CA ARG A 147 -38.52 -0.64 -16.53
C ARG A 147 -39.08 -2.03 -16.28
N GLN A 148 -38.16 -2.99 -16.17
CA GLN A 148 -38.55 -4.37 -15.92
C GLN A 148 -39.14 -4.51 -14.53
N VAL A 149 -38.49 -3.89 -13.56
CA VAL A 149 -38.91 -4.06 -12.17
C VAL A 149 -40.10 -3.20 -11.75
N PHE A 150 -39.95 -1.90 -11.93
CA PHE A 150 -41.00 -0.95 -11.65
C PHE A 150 -41.89 -0.77 -12.91
N ASN A 151 -42.81 -1.71 -13.12
CA ASN A 151 -43.76 -1.70 -14.26
C ASN A 151 -44.83 -0.64 -14.09
N ASP A 152 -44.72 0.06 -12.96
CA ASP A 152 -45.47 1.26 -12.67
C ASP A 152 -44.97 2.35 -13.63
N LEU A 153 -43.70 2.27 -14.00
CA LEU A 153 -43.04 3.31 -14.81
C LEU A 153 -43.77 3.51 -16.15
N ILE A 154 -43.51 2.64 -17.13
CA ILE A 154 -44.29 2.67 -18.36
C ILE A 154 -45.66 2.14 -18.03
N GLY A 155 -46.60 3.05 -17.83
CA GLY A 155 -47.93 2.65 -17.45
C GLY A 155 -48.51 3.47 -16.33
N PRO A 156 -49.12 2.80 -15.33
CA PRO A 156 -49.13 1.35 -15.16
C PRO A 156 -50.03 0.57 -16.12
N SER A 157 -49.92 -0.74 -16.04
CA SER A 157 -50.73 -1.64 -16.84
C SER A 157 -51.91 -2.18 -16.02
N SER A 158 -52.23 -1.50 -14.93
CA SER A 158 -53.38 -1.86 -14.08
C SER A 158 -53.78 -0.72 -13.13
N GLN A 159 -54.92 -0.86 -12.47
CA GLN A 159 -55.38 0.13 -11.49
C GLN A 159 -55.45 -0.40 -10.04
N SER A 160 -55.32 0.52 -9.08
CA SER A 160 -55.08 0.20 -7.67
C SER A 160 -56.11 -0.59 -6.83
N LEU A 161 -57.41 -0.35 -6.98
CA LEU A 161 -58.41 -1.12 -6.22
C LEU A 161 -58.21 -1.19 -4.69
N CYS A 162 -57.91 -0.05 -4.08
CA CYS A 162 -57.80 0.04 -2.62
C CYS A 162 -59.19 -0.06 -2.02
N ARG A 163 -59.32 -0.61 -0.81
CA ARG A 163 -60.66 -0.69 -0.25
C ARG A 163 -60.80 0.09 1.05
N PHE A 164 -61.84 0.92 1.12
CA PHE A 164 -62.19 1.64 2.34
C PHE A 164 -63.62 1.27 2.74
N TYR A 165 -63.83 0.96 4.02
CA TYR A 165 -65.18 0.70 4.51
C TYR A 165 -65.98 2.01 4.53
N ASN A 166 -67.30 1.90 4.41
CA ASN A 166 -68.23 3.03 4.50
C ASN A 166 -68.28 3.85 3.21
N THR A 172 -67.80 -1.25 2.29
CA THR A 172 -66.46 -1.83 2.23
C THR A 172 -66.06 -2.17 0.79
N THR A 173 -66.71 -1.49 -0.15
CA THR A 173 -66.50 -1.71 -1.59
C THR A 173 -65.11 -1.34 -2.08
N GLN A 174 -64.59 -2.16 -3.00
CA GLN A 174 -63.33 -1.85 -3.65
C GLN A 174 -63.55 -0.60 -4.50
N VAL A 175 -62.59 0.32 -4.41
CA VAL A 175 -62.70 1.63 -5.05
C VAL A 175 -61.49 1.75 -5.97
N GLU A 176 -61.28 2.91 -6.58
CA GLU A 176 -60.06 3.15 -7.33
C GLU A 176 -58.99 3.71 -6.42
N CYS A 177 -58.01 4.36 -7.02
CA CYS A 177 -56.91 4.94 -6.27
C CYS A 177 -57.18 6.41 -5.94
N THR A 178 -57.14 6.76 -4.65
CA THR A 178 -57.16 8.16 -4.25
C THR A 178 -55.88 8.46 -3.46
N TYR A 179 -55.20 9.54 -3.85
CA TYR A 179 -53.86 9.86 -3.36
C TYR A 179 -53.79 10.04 -1.85
N ASN A 180 -54.94 10.19 -1.21
CA ASN A 180 -54.98 10.23 0.24
C ASN A 180 -55.19 8.85 0.86
N MET A 181 -55.79 7.93 0.12
CA MET A 181 -56.05 6.59 0.65
C MET A 181 -54.87 5.63 0.41
N LEU A 182 -53.89 6.06 -0.38
CA LEU A 182 -52.61 5.34 -0.52
C LEU A 182 -51.58 5.70 0.55
N THR A 183 -52.05 6.41 1.57
CA THR A 183 -51.29 6.71 2.78
C THR A 183 -51.88 5.96 3.99
N ASN A 184 -51.04 5.57 4.94
CA ASN A 184 -51.55 5.08 6.22
C ASN A 184 -52.48 3.88 6.06
N MET A 185 -52.13 2.98 5.13
CA MET A 185 -53.03 1.88 4.82
C MET A 185 -53.00 0.75 5.83
N LYS A 186 -54.11 0.02 5.88
CA LYS A 186 -54.25 -1.12 6.77
C LYS A 186 -53.65 -2.34 6.07
N GLU A 187 -54.01 -2.53 4.81
CA GLU A 187 -53.50 -3.64 4.00
C GLU A 187 -53.06 -3.13 2.63
N MET A 188 -52.24 -3.91 1.94
CA MET A 188 -51.73 -3.53 0.63
C MET A 188 -52.84 -3.49 -0.43
N PRO A 189 -52.75 -2.56 -1.40
CA PRO A 189 -53.76 -2.40 -2.46
C PRO A 189 -53.75 -3.53 -3.50
N THR A 190 -54.90 -4.14 -3.76
CA THR A 190 -55.02 -5.20 -4.77
C THR A 190 -54.85 -4.67 -6.20
N TYR A 191 -53.99 -5.27 -7.01
CA TYR A 191 -53.81 -4.77 -8.38
C TYR A 191 -54.78 -5.47 -9.30
N SER A 192 -55.75 -4.70 -9.79
CA SER A 192 -56.74 -5.23 -10.74
C SER A 192 -56.50 -4.67 -12.14
N GLN A 193 -56.39 -5.58 -13.09
CA GLN A 193 -55.94 -5.29 -14.44
C GLN A 193 -57.03 -4.63 -15.29
N TYR A 194 -56.60 -3.74 -16.20
CA TYR A 194 -57.49 -3.11 -17.18
C TYR A 194 -58.00 -4.13 -18.23
N PRO A 195 -59.15 -3.65 -18.90
CA PRO A 195 -59.61 -4.52 -20.00
C PRO A 195 -58.59 -4.57 -21.13
N ASP A 196 -58.13 -3.40 -21.56
CA ASP A 196 -56.93 -3.23 -22.35
C ASP A 196 -55.98 -2.47 -21.44
N LEU A 197 -54.83 -3.06 -21.15
CA LEU A 197 -53.94 -2.48 -20.17
C LEU A 197 -53.01 -1.53 -20.90
N GLY A 198 -53.10 -0.24 -20.61
CA GLY A 198 -52.15 0.57 -21.32
C GLY A 198 -52.63 1.82 -22.03
N TRP A 199 -52.37 1.81 -23.34
CA TRP A 199 -52.17 3.00 -24.17
C TRP A 199 -53.38 3.94 -24.20
N SER A 200 -54.59 3.41 -24.00
CA SER A 200 -55.78 4.27 -24.01
C SER A 200 -55.70 5.34 -22.93
N LYS A 201 -55.31 4.95 -21.71
CA LYS A 201 -55.20 5.89 -20.60
C LYS A 201 -53.91 6.72 -20.65
N TYR A 202 -52.78 6.07 -20.98
CA TYR A 202 -51.46 6.72 -21.03
C TYR A 202 -50.91 6.59 -22.46
N TRP A 203 -50.64 7.75 -23.12
CA TRP A 203 -50.24 7.77 -24.52
C TRP A 203 -48.90 8.47 -24.71
N HIS A 204 -48.81 9.70 -24.22
CA HIS A 204 -47.59 10.51 -24.35
C HIS A 204 -46.37 9.75 -23.85
N PHE A 205 -46.51 9.15 -22.68
CA PHE A 205 -45.43 8.45 -22.02
C PHE A 205 -44.85 7.32 -22.87
N ARG A 206 -45.70 6.36 -23.20
CA ARG A 206 -45.27 5.18 -23.92
C ARG A 206 -44.64 5.58 -25.25
N MET A 207 -45.25 6.55 -25.92
CA MET A 207 -44.71 7.07 -27.17
C MET A 207 -43.30 7.62 -26.96
N LEU A 208 -43.10 8.35 -25.86
CA LEU A 208 -41.78 8.84 -25.51
C LEU A 208 -40.80 7.68 -25.43
N TRP A 209 -41.12 6.69 -24.61
CA TRP A 209 -40.19 5.58 -24.41
C TRP A 209 -39.87 4.88 -25.74
N VAL A 210 -40.84 4.78 -26.64
CA VAL A 210 -40.61 4.13 -27.93
C VAL A 210 -39.71 4.99 -28.84
N PHE A 211 -39.90 6.29 -28.80
CA PHE A 211 -39.06 7.21 -29.56
C PHE A 211 -37.61 7.07 -29.10
N PHE A 212 -37.41 7.04 -27.79
CA PHE A 212 -36.06 6.94 -27.24
C PHE A 212 -35.40 5.60 -27.49
N ASP A 213 -36.12 4.51 -27.23
CA ASP A 213 -35.56 3.19 -27.53
C ASP A 213 -35.21 3.08 -29.00
N LEU A 214 -36.10 3.57 -29.85
CA LEU A 214 -35.90 3.53 -31.28
C LEU A 214 -34.65 4.31 -31.64
N LEU A 215 -34.46 5.43 -30.95
CA LEU A 215 -33.31 6.30 -31.18
C LEU A 215 -32.02 5.56 -30.84
N MET A 216 -31.97 5.00 -29.63
CA MET A 216 -30.80 4.27 -29.15
C MET A 216 -30.44 3.15 -30.11
N ASP A 217 -31.48 2.45 -30.56
CA ASP A 217 -31.32 1.36 -31.50
C ASP A 217 -30.77 1.88 -32.84
N CYS A 218 -31.18 3.08 -33.23
CA CYS A 218 -30.63 3.69 -34.43
C CYS A 218 -29.14 3.89 -34.24
N VAL A 219 -28.75 4.30 -33.03
CA VAL A 219 -27.33 4.49 -32.74
C VAL A 219 -26.60 3.16 -32.88
N TYR A 220 -27.21 2.09 -32.37
CA TYR A 220 -26.61 0.77 -32.48
C TYR A 220 -26.44 0.32 -33.93
N LEU A 221 -27.45 0.61 -34.75
CA LEU A 221 -27.44 0.26 -36.17
C LEU A 221 -26.33 1.01 -36.91
N ILE A 222 -26.32 2.32 -36.75
CA ILE A 222 -25.32 3.16 -37.40
C ILE A 222 -23.92 2.73 -36.98
N ASP A 223 -23.80 2.38 -35.70
CA ASP A 223 -22.57 1.85 -35.16
C ASP A 223 -22.20 0.55 -35.87
N THR A 224 -23.20 -0.24 -36.24
CA THR A 224 -22.90 -1.52 -36.87
C THR A 224 -22.48 -1.31 -38.32
N PHE A 225 -23.08 -0.33 -38.98
CA PHE A 225 -22.69 0.02 -40.35
C PHE A 225 -21.23 0.50 -40.34
N LEU A 226 -20.88 1.26 -39.31
CA LEU A 226 -19.50 1.74 -39.18
C LEU A 226 -18.56 0.57 -38.89
N ASN A 227 -19.03 -0.38 -38.09
CA ASN A 227 -18.27 -1.61 -37.84
C ASN A 227 -17.99 -2.36 -39.14
N TYR A 228 -18.97 -2.31 -40.04
CA TYR A 228 -18.85 -2.92 -41.37
C TYR A 228 -17.69 -2.31 -42.16
N ARG A 229 -17.52 -1.01 -42.00
CA ARG A 229 -16.57 -0.26 -42.79
C ARG A 229 -15.36 0.23 -41.96
N MET A 230 -15.06 -0.46 -40.87
CA MET A 230 -13.98 -0.07 -39.96
C MET A 230 -12.60 -0.29 -40.56
N GLY A 231 -11.92 0.81 -40.87
CA GLY A 231 -10.59 0.73 -41.48
C GLY A 231 -9.54 0.14 -40.56
N TYR A 232 -9.42 -1.18 -40.58
CA TYR A 232 -8.44 -1.90 -39.76
C TYR A 232 -7.03 -1.46 -40.13
N MET A 233 -6.07 -1.68 -39.23
CA MET A 233 -4.74 -1.12 -39.45
C MET A 233 -3.69 -2.20 -39.79
N ASP A 234 -3.26 -2.20 -41.06
CA ASP A 234 -2.23 -3.12 -41.57
C ASP A 234 -0.85 -2.47 -41.66
N GLN A 235 0.02 -2.83 -40.72
CA GLN A 235 1.38 -2.31 -40.67
C GLN A 235 1.43 -0.77 -40.60
N GLY A 236 0.88 -0.23 -39.50
CA GLY A 236 0.98 1.20 -39.19
C GLY A 236 0.12 2.17 -39.99
N LEU A 237 -0.44 1.72 -41.11
CA LEU A 237 -1.25 2.56 -41.99
C LEU A 237 -2.71 2.14 -41.94
N VAL A 238 -3.62 3.08 -42.12
CA VAL A 238 -5.05 2.74 -42.10
C VAL A 238 -5.56 2.31 -43.48
N VAL A 239 -6.01 1.05 -43.58
CA VAL A 239 -6.50 0.50 -44.84
C VAL A 239 -7.96 0.87 -45.10
N ARG A 240 -8.16 1.83 -45.99
CA ARG A 240 -9.51 2.28 -46.37
C ARG A 240 -9.85 1.81 -47.78
N GLU A 241 -10.62 0.73 -47.86
CA GLU A 241 -10.85 0.04 -49.13
C GLU A 241 -12.26 -0.54 -49.26
N ALA A 242 -12.65 -0.88 -50.49
CA ALA A 242 -13.98 -1.37 -50.77
C ALA A 242 -14.23 -2.75 -50.16
N GLU A 243 -13.67 -3.79 -50.77
CA GLU A 243 -13.98 -5.17 -50.39
C GLU A 243 -13.03 -5.70 -49.32
N LYS A 244 -11.85 -5.08 -49.20
CA LYS A 244 -10.84 -5.49 -48.23
C LYS A 244 -11.37 -5.38 -46.79
N VAL A 245 -11.98 -4.25 -46.49
CA VAL A 245 -12.52 -3.99 -45.16
C VAL A 245 -13.61 -4.98 -44.77
N THR A 246 -14.57 -5.17 -45.67
CA THR A 246 -15.67 -6.10 -45.45
C THR A 246 -15.15 -7.52 -45.29
N LYS A 247 -14.11 -7.83 -46.06
CA LYS A 247 -13.38 -9.09 -45.93
C LYS A 247 -12.89 -9.23 -44.48
N ALA A 248 -12.24 -8.18 -43.98
CA ALA A 248 -11.75 -8.19 -42.60
C ALA A 248 -12.88 -8.36 -41.58
N TYR A 249 -14.06 -7.83 -41.92
CA TYR A 249 -15.23 -7.98 -41.05
C TYR A 249 -15.61 -9.44 -40.92
N TRP A 250 -15.92 -10.08 -42.05
CA TRP A 250 -16.47 -11.43 -41.97
C TRP A 250 -15.43 -12.50 -41.69
N GLN A 251 -14.16 -12.21 -41.94
CA GLN A 251 -13.08 -13.10 -41.54
C GLN A 251 -12.98 -13.16 -40.03
N SER A 252 -13.23 -12.03 -39.39
CA SER A 252 -13.34 -11.98 -37.93
C SER A 252 -14.77 -12.38 -37.56
N LYS A 253 -14.94 -13.64 -37.19
CA LYS A 253 -16.28 -14.19 -36.93
C LYS A 253 -16.94 -13.52 -35.71
N GLN A 254 -16.11 -13.00 -34.82
CA GLN A 254 -16.60 -12.36 -33.60
C GLN A 254 -17.44 -11.10 -33.89
N TYR A 255 -16.99 -10.31 -34.87
CA TYR A 255 -17.71 -9.13 -35.35
C TYR A 255 -19.19 -9.41 -35.67
N ARG A 256 -19.43 -10.36 -36.56
CA ARG A 256 -20.80 -10.72 -36.93
C ARG A 256 -21.51 -11.44 -35.78
N ILE A 257 -20.78 -12.21 -34.97
CA ILE A 257 -21.44 -12.95 -33.87
C ILE A 257 -22.03 -11.97 -32.84
N ASP A 258 -21.18 -11.23 -32.11
CA ASP A 258 -21.69 -10.33 -31.07
C ASP A 258 -22.53 -9.23 -31.71
N GLY A 259 -22.06 -8.72 -32.86
CA GLY A 259 -22.73 -7.61 -33.54
C GLY A 259 -24.16 -7.92 -33.90
N ILE A 260 -24.40 -9.12 -34.45
CA ILE A 260 -25.76 -9.58 -34.76
C ILE A 260 -26.57 -9.82 -33.48
N SER A 261 -25.89 -10.32 -32.44
CA SER A 261 -26.59 -10.76 -31.23
C SER A 261 -27.44 -9.68 -30.54
N LEU A 262 -26.97 -8.43 -30.51
CA LEU A 262 -27.68 -7.39 -29.76
C LEU A 262 -28.75 -6.62 -30.54
N ILE A 263 -28.84 -6.83 -31.85
CA ILE A 263 -29.87 -6.14 -32.63
C ILE A 263 -31.03 -7.02 -33.11
N PRO A 264 -31.50 -8.00 -32.30
CA PRO A 264 -32.64 -8.74 -32.84
C PRO A 264 -33.86 -7.84 -32.97
N LEU A 265 -33.94 -6.85 -32.07
CA LEU A 265 -35.08 -5.94 -31.96
C LEU A 265 -36.21 -6.76 -31.34
N ASP A 266 -35.82 -7.81 -30.61
CA ASP A 266 -36.77 -8.73 -29.98
C ASP A 266 -37.62 -8.03 -28.92
N TYR A 267 -37.15 -6.87 -28.48
CA TYR A 267 -37.85 -6.08 -27.46
C TYR A 267 -39.24 -5.65 -27.92
N ILE A 268 -39.37 -5.27 -29.19
CA ILE A 268 -40.65 -4.85 -29.74
C ILE A 268 -41.72 -5.91 -29.53
N LEU A 269 -41.32 -7.17 -29.60
CA LEU A 269 -42.25 -8.28 -29.42
C LEU A 269 -42.43 -8.62 -27.94
N GLY A 270 -41.51 -8.12 -27.11
CA GLY A 270 -41.56 -8.35 -25.69
C GLY A 270 -42.09 -7.16 -24.92
N TRP A 271 -42.21 -6.03 -25.60
CA TRP A 271 -42.71 -4.80 -24.99
C TRP A 271 -44.07 -5.09 -24.34
N PRO A 272 -44.55 -4.21 -23.45
CA PRO A 272 -45.91 -4.41 -22.89
C PRO A 272 -47.03 -4.58 -23.91
N ILE A 273 -46.87 -4.06 -25.14
CA ILE A 273 -47.78 -4.38 -26.26
C ILE A 273 -47.41 -5.81 -26.73
N PRO A 274 -48.41 -6.67 -26.99
CA PRO A 274 -49.85 -6.46 -27.12
C PRO A 274 -50.66 -6.25 -25.86
N TYR A 275 -51.87 -5.75 -26.12
CA TYR A 275 -52.86 -5.57 -25.06
C TYR A 275 -53.31 -6.91 -24.49
N ILE A 276 -53.37 -7.96 -25.32
CA ILE A 276 -53.91 -9.26 -24.92
C ILE A 276 -52.77 -10.21 -24.57
N ASN A 277 -52.86 -10.82 -23.38
CA ASN A 277 -52.12 -12.01 -22.96
C ASN A 277 -50.63 -11.77 -22.67
N TRP A 278 -50.14 -10.53 -22.78
CA TRP A 278 -48.72 -10.26 -22.58
C TRP A 278 -48.53 -9.11 -21.60
N ARG A 279 -47.73 -9.36 -20.57
CA ARG A 279 -47.37 -8.32 -19.60
C ARG A 279 -46.22 -7.46 -20.11
N GLY A 280 -45.32 -8.03 -20.90
CA GLY A 280 -44.19 -7.32 -21.43
C GLY A 280 -42.93 -7.71 -20.70
N LEU A 281 -41.88 -8.13 -21.42
CA LEU A 281 -40.60 -8.46 -20.81
C LEU A 281 -39.52 -7.48 -21.26
N PRO A 282 -39.60 -6.18 -20.78
CA PRO A 282 -38.56 -5.28 -21.28
C PRO A 282 -37.17 -5.83 -21.03
N ILE A 283 -37.04 -6.75 -20.14
CA ILE A 283 -35.72 -7.21 -19.75
C ILE A 283 -34.96 -7.84 -20.93
N LEU A 284 -35.68 -8.19 -21.99
CA LEU A 284 -35.07 -8.73 -23.19
C LEU A 284 -34.01 -7.77 -23.75
N ARG A 285 -34.25 -6.48 -23.56
CA ARG A 285 -33.33 -5.48 -24.09
C ARG A 285 -31.91 -5.67 -23.56
N LEU A 286 -31.77 -6.51 -22.55
CA LEU A 286 -30.47 -6.76 -21.94
C LEU A 286 -29.45 -7.22 -22.96
N ASN A 287 -29.92 -7.80 -24.07
CA ASN A 287 -28.97 -8.29 -25.07
C ASN A 287 -28.11 -7.17 -25.66
N ARG A 288 -28.55 -5.92 -25.46
CA ARG A 288 -27.83 -4.77 -26.00
C ARG A 288 -26.59 -4.47 -25.20
N LEU A 289 -26.50 -5.11 -24.04
CA LEU A 289 -25.45 -4.81 -23.10
C LEU A 289 -24.13 -5.42 -23.55
N ILE A 290 -24.20 -6.30 -24.54
CA ILE A 290 -23.00 -6.99 -24.96
C ILE A 290 -22.10 -6.16 -25.90
N ARG A 291 -22.44 -4.88 -26.13
CA ARG A 291 -21.57 -4.03 -26.97
C ARG A 291 -20.55 -3.28 -26.14
N TYR A 292 -20.42 -3.69 -24.89
CA TYR A 292 -19.66 -2.93 -23.91
C TYR A 292 -18.25 -2.60 -24.38
N LYS A 293 -17.69 -3.42 -25.26
CA LYS A 293 -16.31 -3.21 -25.67
C LYS A 293 -16.13 -1.80 -26.22
N ARG A 294 -17.13 -1.33 -26.96
CA ARG A 294 -17.04 0.00 -27.58
C ARG A 294 -16.88 1.06 -26.49
N VAL A 295 -17.72 0.95 -25.46
CA VAL A 295 -17.71 1.86 -24.34
C VAL A 295 -16.34 1.89 -23.64
N ARG A 296 -15.74 0.71 -23.47
CA ARG A 296 -14.42 0.67 -22.86
C ARG A 296 -13.46 1.47 -23.72
N ASN A 297 -13.49 1.20 -25.02
CA ASN A 297 -12.59 1.86 -25.96
C ASN A 297 -12.80 3.37 -25.98
N CYS A 298 -13.97 3.80 -25.50
CA CYS A 298 -14.22 5.21 -25.29
C CYS A 298 -13.50 5.74 -24.03
N LEU A 299 -13.80 5.15 -22.88
CA LEU A 299 -13.27 5.63 -21.61
C LEU A 299 -11.76 5.60 -21.61
N GLU A 300 -11.20 4.51 -22.08
CA GLU A 300 -9.75 4.39 -22.20
C GLU A 300 -9.17 5.56 -22.96
N ARG A 301 -9.88 6.00 -24.00
CA ARG A 301 -9.38 7.06 -24.87
C ARG A 301 -9.73 8.44 -24.32
N THR A 302 -10.61 8.49 -23.34
CA THR A 302 -10.99 9.76 -22.74
C THR A 302 -10.03 10.16 -21.63
N GLU A 303 -9.55 9.17 -20.87
CA GLU A 303 -8.56 9.44 -19.85
C GLU A 303 -7.34 10.04 -20.52
N THR A 304 -6.91 9.40 -21.61
CA THR A 304 -5.68 9.83 -22.29
C THR A 304 -5.84 11.19 -22.98
N ARG A 305 -7.07 11.68 -23.07
CA ARG A 305 -7.30 13.02 -23.62
C ARG A 305 -7.37 14.08 -22.53
N SER A 306 -8.07 13.78 -21.43
CA SER A 306 -8.40 14.79 -20.44
C SER A 306 -7.18 15.50 -19.90
N SER A 307 -7.28 16.82 -19.82
CA SER A 307 -6.22 17.63 -19.25
C SER A 307 -6.02 17.20 -17.81
N MET A 308 -7.10 17.16 -17.03
CA MET A 308 -7.06 16.68 -15.66
C MET A 308 -7.68 15.29 -15.55
N PRO A 309 -6.84 14.25 -15.66
CA PRO A 309 -7.30 12.87 -15.76
C PRO A 309 -8.01 12.44 -14.52
N ASN A 310 -7.37 12.64 -13.38
CA ASN A 310 -7.84 12.04 -12.13
C ASN A 310 -9.21 12.57 -11.75
N ALA A 311 -9.55 13.73 -12.33
CA ALA A 311 -10.90 14.27 -12.22
C ALA A 311 -11.92 13.31 -12.82
N PHE A 312 -11.77 13.12 -14.12
CA PHE A 312 -12.58 12.21 -14.90
C PHE A 312 -12.57 10.82 -14.29
N ARG A 313 -11.38 10.40 -13.89
CA ARG A 313 -11.16 9.05 -13.37
C ARG A 313 -11.92 8.86 -12.07
N VAL A 314 -12.13 9.93 -11.31
CA VAL A 314 -12.94 9.80 -10.11
C VAL A 314 -14.44 9.86 -10.42
N VAL A 315 -14.82 10.77 -11.31
CA VAL A 315 -16.22 10.84 -11.74
C VAL A 315 -16.77 9.51 -12.25
N VAL A 316 -16.01 8.87 -13.12
CA VAL A 316 -16.35 7.56 -13.62
C VAL A 316 -16.69 6.58 -12.49
N VAL A 317 -15.78 6.48 -11.53
CA VAL A 317 -15.97 5.55 -10.44
C VAL A 317 -17.21 5.88 -9.62
N VAL A 318 -17.50 7.17 -9.44
CA VAL A 318 -18.75 7.52 -8.79
C VAL A 318 -19.97 7.02 -9.57
N TRP A 319 -19.90 7.07 -10.90
CA TRP A 319 -20.96 6.47 -11.70
C TRP A 319 -21.06 4.96 -11.48
N TYR A 320 -19.92 4.24 -11.47
CA TYR A 320 -19.98 2.81 -11.17
C TYR A 320 -20.78 2.60 -9.92
N ILE A 321 -20.40 3.29 -8.85
CA ILE A 321 -21.06 3.06 -7.57
C ILE A 321 -22.55 3.27 -7.69
N VAL A 322 -22.93 4.32 -8.41
CA VAL A 322 -24.35 4.62 -8.51
C VAL A 322 -25.16 3.60 -9.33
N ILE A 323 -24.57 3.10 -10.40
CA ILE A 323 -25.28 2.09 -11.19
C ILE A 323 -25.36 0.80 -10.39
N ILE A 324 -24.27 0.46 -9.71
CA ILE A 324 -24.23 -0.74 -8.92
C ILE A 324 -25.33 -0.71 -7.90
N ILE A 325 -25.33 0.37 -7.16
CA ILE A 325 -26.31 0.57 -6.10
C ILE A 325 -27.68 0.53 -6.70
N HIS A 326 -27.78 1.06 -7.90
CA HIS A 326 -29.04 1.10 -8.60
C HIS A 326 -29.59 -0.32 -8.84
N TRP A 327 -28.88 -1.08 -9.65
CA TRP A 327 -29.28 -2.42 -9.98
C TRP A 327 -29.62 -3.13 -8.71
N ASN A 328 -28.77 -2.99 -7.71
CA ASN A 328 -29.01 -3.72 -6.49
C ASN A 328 -30.32 -3.32 -5.86
N ALA A 329 -30.66 -2.05 -6.01
CA ALA A 329 -31.90 -1.58 -5.43
C ALA A 329 -33.02 -2.30 -6.14
N CYS A 330 -32.92 -2.33 -7.46
CA CYS A 330 -33.90 -2.99 -8.29
C CYS A 330 -34.07 -4.43 -7.88
N LEU A 331 -32.96 -5.04 -7.51
CA LEU A 331 -32.98 -6.40 -7.07
C LEU A 331 -33.77 -6.48 -5.80
N TYR A 332 -33.53 -5.56 -4.88
CA TYR A 332 -34.28 -5.61 -3.65
C TYR A 332 -35.74 -5.56 -4.02
N PHE A 333 -36.09 -4.65 -4.91
CA PHE A 333 -37.50 -4.42 -5.14
C PHE A 333 -38.21 -5.55 -5.89
N TRP A 334 -37.48 -6.17 -6.80
CA TRP A 334 -37.94 -7.30 -7.60
C TRP A 334 -38.22 -8.46 -6.68
N ILE A 335 -37.23 -8.76 -5.84
CA ILE A 335 -37.30 -9.87 -4.91
C ILE A 335 -38.43 -9.60 -3.96
N SER A 336 -38.65 -8.34 -3.72
CA SER A 336 -39.71 -7.93 -2.83
C SER A 336 -41.07 -7.99 -3.50
N GLU A 337 -41.07 -8.01 -4.82
CA GLU A 337 -42.30 -8.18 -5.53
C GLU A 337 -42.64 -9.66 -5.59
N TRP A 338 -41.60 -10.44 -5.84
CA TRP A 338 -41.71 -11.88 -5.99
C TRP A 338 -42.25 -12.52 -4.73
N ILE A 339 -41.66 -12.19 -3.59
CA ILE A 339 -42.31 -12.48 -2.34
C ILE A 339 -43.49 -11.54 -2.28
N GLY A 340 -44.55 -11.91 -1.58
CA GLY A 340 -45.74 -11.05 -1.47
C GLY A 340 -45.49 -9.66 -0.90
N LEU A 341 -45.85 -8.63 -1.65
CA LEU A 341 -45.45 -7.27 -1.28
C LEU A 341 -46.35 -6.66 -0.20
N GLY A 342 -45.84 -6.61 1.03
CA GLY A 342 -46.66 -6.25 2.16
C GLY A 342 -47.15 -7.53 2.84
N THR A 343 -46.26 -8.51 2.95
CA THR A 343 -46.61 -9.72 3.67
C THR A 343 -45.69 -9.96 4.88
N ASP A 344 -44.61 -9.17 4.99
CA ASP A 344 -43.71 -9.29 6.15
C ASP A 344 -42.87 -8.03 6.34
N ALA A 345 -42.00 -8.07 7.35
CA ALA A 345 -41.27 -6.88 7.81
C ALA A 345 -39.95 -6.65 7.09
N TRP A 346 -39.75 -7.32 5.97
CA TRP A 346 -38.52 -7.14 5.26
C TRP A 346 -38.75 -6.76 3.84
N VAL A 347 -39.91 -7.13 3.34
CA VAL A 347 -40.29 -6.77 1.99
C VAL A 347 -40.94 -5.37 1.94
N TYR A 348 -40.57 -4.53 0.97
CA TYR A 348 -41.09 -3.16 0.88
C TYR A 348 -42.58 -3.16 1.07
N GLY A 349 -43.10 -2.22 1.86
CA GLY A 349 -44.53 -2.13 2.02
C GLY A 349 -44.91 -1.93 3.45
N HIS A 350 -46.21 -1.78 3.71
CA HIS A 350 -46.72 -1.24 4.98
C HIS A 350 -46.25 -1.98 6.23
N LEU A 351 -45.85 -3.25 6.00
CA LEU A 351 -45.33 -4.18 7.06
C LEU A 351 -44.08 -3.83 7.74
N ASN A 352 -43.20 -3.29 6.95
CA ASN A 352 -42.06 -2.71 7.62
C ASN A 352 -42.31 -1.20 7.65
N LYS A 353 -42.39 -0.68 8.86
CA LYS A 353 -42.70 0.71 9.01
C LYS A 353 -41.53 1.59 8.57
N GLN A 354 -40.42 1.00 8.16
CA GLN A 354 -39.32 1.84 7.72
C GLN A 354 -39.68 2.55 6.41
N SER A 355 -40.29 1.83 5.46
CA SER A 355 -40.57 2.40 4.14
C SER A 355 -41.84 3.22 4.09
N LEU A 356 -42.90 2.72 4.71
CA LEU A 356 -44.15 3.47 4.80
C LEU A 356 -44.39 3.91 6.25
N PRO A 357 -43.75 5.00 6.68
CA PRO A 357 -44.18 5.57 7.95
C PRO A 357 -45.59 6.07 7.73
N ASP A 358 -46.42 6.12 8.76
CA ASP A 358 -47.87 6.33 8.57
C ASP A 358 -48.30 7.52 7.66
N ASP A 359 -47.70 8.69 7.80
CA ASP A 359 -48.11 9.85 7.01
C ASP A 359 -47.57 9.91 5.57
N ILE A 360 -46.58 9.10 5.22
CA ILE A 360 -46.12 9.09 3.83
C ILE A 360 -47.06 8.31 2.89
N THR A 361 -47.34 8.91 1.72
CA THR A 361 -48.18 8.33 0.69
C THR A 361 -47.36 7.38 -0.19
N ASP A 362 -47.97 6.28 -0.61
CA ASP A 362 -47.29 5.30 -1.49
C ASP A 362 -47.18 5.76 -2.95
N THR A 363 -45.99 5.61 -3.54
CA THR A 363 -45.73 6.05 -4.93
C THR A 363 -44.63 5.30 -5.60
N LEU A 364 -44.46 5.59 -6.88
CA LEU A 364 -43.31 5.07 -7.58
C LEU A 364 -42.11 5.70 -6.95
N LEU A 365 -42.17 7.01 -6.75
CA LEU A 365 -41.02 7.72 -6.27
C LEU A 365 -40.52 7.13 -4.97
N ARG A 366 -41.45 6.82 -4.07
CA ARG A 366 -41.10 6.28 -2.77
C ARG A 366 -40.35 4.98 -2.96
N ARG A 367 -40.90 4.07 -3.75
CA ARG A 367 -40.29 2.75 -3.96
C ARG A 367 -38.88 2.89 -4.45
N TYR A 368 -38.66 3.73 -5.44
CA TYR A 368 -37.32 3.83 -5.92
C TYR A 368 -36.47 4.45 -4.88
N VAL A 369 -37.00 5.41 -4.16
CA VAL A 369 -36.22 6.08 -3.14
C VAL A 369 -35.75 5.11 -2.05
N TYR A 370 -36.68 4.39 -1.46
CA TYR A 370 -36.41 3.50 -0.37
C TYR A 370 -35.54 2.34 -0.75
N SER A 371 -35.79 1.85 -1.94
CA SER A 371 -34.98 0.78 -2.44
C SER A 371 -33.60 1.28 -2.70
N PHE A 372 -33.47 2.52 -3.14
CA PHE A 372 -32.13 2.99 -3.32
C PHE A 372 -31.41 3.14 -2.01
N TYR A 373 -32.12 3.60 -1.00
CA TYR A 373 -31.54 3.78 0.32
C TYR A 373 -31.09 2.44 0.87
N TRP A 374 -31.98 1.46 0.80
CA TRP A 374 -31.73 0.11 1.27
C TRP A 374 -30.48 -0.45 0.65
N SER A 375 -30.40 -0.35 -0.65
CA SER A 375 -29.21 -0.82 -1.27
C SER A 375 -27.99 -0.06 -0.86
N THR A 376 -28.14 1.21 -0.55
CA THR A 376 -26.98 1.99 -0.16
C THR A 376 -26.39 1.39 1.10
N LEU A 377 -27.24 1.20 2.09
CA LEU A 377 -26.79 0.64 3.35
C LEU A 377 -26.20 -0.76 3.16
N ILE A 378 -26.97 -1.72 2.65
CA ILE A 378 -26.46 -3.09 2.50
C ILE A 378 -25.16 -3.16 1.72
N LEU A 379 -25.00 -2.31 0.72
CA LEU A 379 -23.75 -2.36 -0.02
C LEU A 379 -22.65 -1.59 0.65
N THR A 380 -22.93 -0.77 1.65
CA THR A 380 -21.82 -0.17 2.40
C THR A 380 -21.83 -0.56 3.88
N THR A 381 -22.56 -1.64 4.18
CA THR A 381 -22.52 -2.33 5.46
C THR A 381 -22.65 -1.38 6.63
N ILE A 382 -23.59 -0.48 6.53
CA ILE A 382 -24.02 0.18 7.71
C ILE A 382 -25.05 -0.74 8.24
N GLY A 383 -25.93 -1.16 7.36
CA GLY A 383 -26.89 -2.17 7.71
C GLY A 383 -27.83 -1.74 8.82
N GLU A 384 -28.50 -0.62 8.62
CA GLU A 384 -29.49 -0.15 9.59
C GLU A 384 -30.91 -0.42 9.05
N VAL A 385 -31.11 -1.69 8.69
CA VAL A 385 -32.28 -2.13 7.95
C VAL A 385 -33.02 -3.28 8.58
N PRO A 386 -34.36 -3.22 8.65
CA PRO A 386 -35.20 -4.27 9.25
C PRO A 386 -34.73 -5.65 8.86
N SER A 387 -34.67 -6.55 9.84
CA SER A 387 -34.00 -7.82 9.65
C SER A 387 -34.86 -8.89 8.96
N PRO A 388 -34.20 -9.76 8.17
CA PRO A 388 -34.80 -10.84 7.36
C PRO A 388 -35.77 -11.75 8.12
N VAL A 389 -36.85 -12.13 7.44
CA VAL A 389 -37.90 -12.94 8.06
C VAL A 389 -38.19 -14.30 7.39
N ARG A 390 -37.62 -14.56 6.22
CA ARG A 390 -37.81 -15.86 5.54
C ARG A 390 -36.47 -16.40 5.10
N ASN A 391 -36.33 -17.72 5.08
CA ASN A 391 -35.02 -18.35 4.84
C ASN A 391 -34.44 -17.86 3.53
N ILE A 392 -35.36 -17.66 2.58
CA ILE A 392 -35.03 -17.14 1.27
C ILE A 392 -34.40 -15.75 1.36
N GLU A 393 -34.90 -14.94 2.26
CA GLU A 393 -34.38 -13.60 2.38
C GLU A 393 -32.98 -13.61 2.97
N TYR A 394 -32.75 -14.44 3.99
CA TYR A 394 -31.42 -14.59 4.60
C TYR A 394 -30.45 -14.95 3.54
N ALA A 395 -30.93 -15.85 2.70
CA ALA A 395 -30.16 -16.24 1.55
C ALA A 395 -29.77 -14.97 0.83
N PHE A 396 -30.77 -14.14 0.60
CA PHE A 396 -30.50 -12.96 -0.17
C PHE A 396 -29.52 -12.03 0.53
N VAL A 397 -29.97 -11.42 1.62
CA VAL A 397 -29.24 -10.47 2.43
C VAL A 397 -27.80 -10.90 2.75
N THR A 398 -27.56 -12.19 2.99
CA THR A 398 -26.20 -12.65 3.19
C THR A 398 -25.42 -12.60 1.92
N LEU A 399 -26.06 -13.07 0.86
CA LEU A 399 -25.39 -13.04 -0.42
C LEU A 399 -24.98 -11.62 -0.67
N ASP A 400 -25.91 -10.72 -0.40
CA ASP A 400 -25.80 -9.34 -0.81
C ASP A 400 -24.78 -8.61 0.11
N LEU A 401 -24.73 -8.98 1.40
CA LEU A 401 -23.83 -8.39 2.40
C LEU A 401 -22.42 -8.77 2.10
N MET A 402 -22.21 -10.05 1.79
CA MET A 402 -20.88 -10.54 1.41
C MET A 402 -20.44 -9.88 0.13
N CYS A 403 -21.35 -9.88 -0.84
CA CYS A 403 -21.17 -9.21 -2.11
C CYS A 403 -20.72 -7.79 -1.91
N GLY A 404 -21.22 -7.16 -0.86
CA GLY A 404 -20.86 -5.80 -0.56
C GLY A 404 -19.52 -5.68 0.10
N VAL A 405 -19.25 -6.51 1.10
CA VAL A 405 -17.99 -6.45 1.81
C VAL A 405 -16.82 -6.78 0.89
N LEU A 406 -17.09 -7.41 -0.25
CA LEU A 406 -16.01 -7.55 -1.24
C LEU A 406 -16.07 -6.46 -2.31
N ILE A 407 -17.18 -6.38 -3.04
CA ILE A 407 -17.35 -5.35 -4.07
C ILE A 407 -16.95 -3.94 -3.62
N PHE A 408 -17.50 -3.48 -2.51
CA PHE A 408 -17.27 -2.12 -2.09
C PHE A 408 -15.97 -1.90 -1.40
N ALA A 409 -15.49 -2.95 -0.77
CA ALA A 409 -14.16 -2.93 -0.23
C ALA A 409 -13.23 -2.53 -1.35
N THR A 410 -13.19 -3.32 -2.39
CA THR A 410 -12.32 -2.98 -3.49
C THR A 410 -12.61 -1.58 -4.07
N ILE A 411 -13.87 -1.29 -4.38
CA ILE A 411 -14.22 -0.01 -5.01
C ILE A 411 -13.69 1.21 -4.27
N VAL A 412 -14.00 1.28 -2.98
CA VAL A 412 -13.62 2.43 -2.17
C VAL A 412 -12.12 2.39 -1.79
N GLY A 413 -11.56 1.19 -1.76
CA GLY A 413 -10.12 1.06 -1.71
C GLY A 413 -9.42 1.43 -3.02
N ASN A 414 -10.21 1.75 -4.03
CA ASN A 414 -9.66 2.33 -5.24
C ASN A 414 -9.85 3.83 -5.30
N VAL A 415 -10.99 4.31 -4.81
CA VAL A 415 -11.20 5.76 -4.74
C VAL A 415 -10.14 6.37 -3.84
N GLY A 416 -9.90 5.69 -2.73
CA GLY A 416 -8.83 6.09 -1.84
C GLY A 416 -7.48 6.13 -2.55
N SER A 417 -7.14 5.06 -3.27
CA SER A 417 -5.86 4.98 -4.00
C SER A 417 -5.73 6.05 -5.07
N MET A 418 -6.86 6.47 -5.61
CA MET A 418 -6.90 7.44 -6.69
C MET A 418 -6.57 8.79 -6.14
N ILE A 419 -7.29 9.16 -5.08
CA ILE A 419 -7.03 10.42 -4.38
C ILE A 419 -5.64 10.39 -3.69
N SER A 420 -5.11 9.17 -3.53
CA SER A 420 -3.76 8.94 -3.04
C SER A 420 -2.70 9.35 -4.05
N ASN A 421 -2.59 8.59 -5.14
CA ASN A 421 -1.57 8.85 -6.15
C ASN A 421 -1.67 10.27 -6.69
N MET A 422 -2.87 10.85 -6.61
CA MET A 422 -3.06 12.26 -6.87
C MET A 422 -2.32 13.05 -5.79
N SER A 423 -1.35 13.85 -6.22
CA SER A 423 -0.35 14.51 -5.35
C SER A 423 0.50 13.47 -4.62
N ALA A 424 1.17 12.64 -5.40
CA ALA A 424 2.13 11.69 -4.88
C ALA A 424 3.51 12.31 -5.06
N ALA A 425 3.53 13.38 -5.86
CA ALA A 425 4.72 14.19 -6.02
C ALA A 425 5.08 14.77 -4.68
N ARG A 426 4.09 15.47 -4.13
CA ARG A 426 4.20 16.11 -2.84
C ARG A 426 4.54 15.14 -1.72
N THR A 427 3.91 13.97 -1.73
CA THR A 427 4.23 12.93 -0.77
C THR A 427 5.68 12.47 -0.85
N GLU A 428 6.16 12.23 -2.08
CA GLU A 428 7.54 11.81 -2.25
C GLU A 428 8.47 12.86 -1.66
N PHE A 429 8.11 14.12 -1.95
CA PHE A 429 8.89 15.26 -1.51
C PHE A 429 9.03 15.34 0.00
N GLN A 430 7.89 15.34 0.69
CA GLN A 430 7.89 15.40 2.15
C GLN A 430 8.64 14.21 2.74
N ASN A 431 8.57 13.07 2.07
CA ASN A 431 9.38 11.94 2.48
C ASN A 431 10.88 12.25 2.47
N LYS A 432 11.37 12.70 1.31
CA LYS A 432 12.80 13.01 1.14
C LYS A 432 13.26 13.99 2.20
N MET A 433 12.46 15.05 2.34
CA MET A 433 12.82 16.14 3.23
C MET A 433 12.86 15.69 4.68
N ASP A 434 11.81 15.00 5.12
CA ASP A 434 11.77 14.53 6.50
C ASP A 434 12.95 13.65 6.80
N GLY A 435 13.33 12.84 5.82
CA GLY A 435 14.57 12.08 5.95
C GLY A 435 15.69 13.05 6.29
N ILE A 436 15.88 14.06 5.44
CA ILE A 436 16.98 15.02 5.65
C ILE A 436 17.01 15.67 7.02
N LYS A 437 15.88 16.23 7.42
CA LYS A 437 15.77 16.91 8.70
C LYS A 437 16.09 15.95 9.84
N GLN A 438 15.53 14.75 9.78
CA GLN A 438 15.85 13.72 10.75
C GLN A 438 17.36 13.55 10.89
N TYR A 439 18.01 13.34 9.74
CA TYR A 439 19.46 13.15 9.71
C TYR A 439 20.21 14.29 10.40
N MET A 440 19.81 15.52 10.14
CA MET A 440 20.46 16.67 10.76
C MET A 440 20.21 16.84 12.26
N GLU A 441 19.03 16.44 12.73
CA GLU A 441 18.74 16.50 14.17
C GLU A 441 19.56 15.51 14.94
N LEU A 442 19.61 14.29 14.44
CA LEU A 442 20.33 13.24 15.15
C LEU A 442 21.82 13.53 15.21
N ARG A 443 22.40 13.98 14.11
CA ARG A 443 23.84 14.20 14.04
C ARG A 443 24.28 15.56 14.56
N LYS A 444 23.33 16.35 15.04
CA LYS A 444 23.64 17.60 15.73
C LYS A 444 24.46 18.60 14.91
N VAL A 445 24.17 18.68 13.62
CA VAL A 445 24.73 19.69 12.73
C VAL A 445 24.38 21.10 13.24
N SER A 446 25.07 22.13 12.77
CA SER A 446 24.80 23.52 13.17
C SER A 446 23.38 23.99 12.84
N LYS A 447 23.05 25.21 13.29
CA LYS A 447 21.75 25.81 12.98
C LYS A 447 21.77 26.54 11.66
N GLN A 448 22.87 27.22 11.39
CA GLN A 448 23.03 27.98 10.16
C GLN A 448 22.94 27.08 8.94
N LEU A 449 23.64 25.96 8.99
CA LEU A 449 23.64 25.00 7.89
C LEU A 449 22.26 24.39 7.65
N GLU A 450 21.60 24.00 8.73
CA GLU A 450 20.27 23.40 8.65
C GLU A 450 19.25 24.36 8.06
N ILE A 451 19.26 25.59 8.55
CA ILE A 451 18.41 26.61 7.99
C ILE A 451 18.66 26.74 6.50
N ARG A 452 19.93 26.88 6.14
CA ARG A 452 20.30 27.07 4.75
C ARG A 452 19.72 25.96 3.87
N VAL A 453 19.86 24.71 4.32
CA VAL A 453 19.28 23.57 3.60
C VAL A 453 17.78 23.69 3.41
N ILE A 454 17.08 23.94 4.51
CA ILE A 454 15.63 23.96 4.39
C ILE A 454 15.17 25.12 3.50
N LYS A 455 15.93 26.20 3.47
CA LYS A 455 15.66 27.27 2.52
C LYS A 455 15.84 26.79 1.07
N TRP A 456 16.90 26.01 0.84
CA TRP A 456 17.11 25.39 -0.46
C TRP A 456 15.91 24.56 -0.88
N PHE A 457 15.40 23.74 0.02
CA PHE A 457 14.25 22.94 -0.35
C PHE A 457 13.05 23.81 -0.62
N ASP A 458 12.82 24.80 0.24
CA ASP A 458 11.69 25.71 0.07
C ASP A 458 11.65 26.32 -1.33
N TYR A 459 12.74 26.98 -1.71
CA TYR A 459 12.80 27.59 -3.04
C TYR A 459 12.74 26.54 -4.15
N LEU A 460 13.24 25.35 -3.85
CA LEU A 460 13.18 24.27 -4.82
C LEU A 460 11.73 23.88 -5.12
N TRP A 461 10.86 24.03 -4.12
CA TRP A 461 9.50 23.56 -4.28
C TRP A 461 8.51 24.68 -4.58
N THR A 462 8.89 25.90 -4.31
CA THR A 462 8.02 27.03 -4.65
C THR A 462 8.15 27.42 -6.12
N ASN A 463 9.14 26.86 -6.81
CA ASN A 463 9.28 27.12 -8.22
C ASN A 463 8.77 25.98 -9.08
N LYS A 464 8.68 24.80 -8.46
CA LYS A 464 8.13 23.63 -9.11
C LYS A 464 8.91 23.27 -10.38
N GLN A 465 10.13 23.79 -10.48
CA GLN A 465 11.08 23.39 -11.52
C GLN A 465 11.86 22.18 -11.02
N SER A 466 11.42 21.69 -9.86
CA SER A 466 12.01 20.56 -9.15
C SER A 466 11.80 19.21 -9.84
N LEU A 467 10.91 19.19 -10.83
CA LEU A 467 10.64 17.97 -11.60
C LEU A 467 11.92 17.46 -12.26
N SER A 468 12.38 16.29 -11.81
CA SER A 468 13.61 15.68 -12.33
C SER A 468 13.50 15.29 -13.81
N ASP A 469 12.28 15.36 -14.32
CA ASP A 469 11.99 15.08 -15.72
C ASP A 469 12.35 13.65 -16.08
N GLN A 470 12.66 12.83 -15.07
CA GLN A 470 13.01 11.44 -15.32
C GLN A 470 11.80 10.70 -15.88
N GLN A 471 10.63 11.31 -15.77
CA GLN A 471 9.45 10.81 -16.43
C GLN A 471 9.65 10.83 -17.92
N VAL A 472 9.91 12.02 -18.43
CA VAL A 472 10.12 12.22 -19.84
C VAL A 472 11.26 11.36 -20.33
N LEU A 473 12.31 11.28 -19.51
CA LEU A 473 13.51 10.52 -19.84
C LEU A 473 13.11 9.07 -20.09
N LYS A 474 12.68 8.44 -19.02
CA LYS A 474 12.50 7.01 -19.05
C LYS A 474 11.38 6.61 -20.02
N VAL A 475 10.16 7.13 -19.83
CA VAL A 475 8.99 6.54 -20.46
C VAL A 475 9.01 6.77 -21.98
N LEU A 476 9.46 7.94 -22.40
CA LEU A 476 9.29 8.38 -23.78
C LEU A 476 10.35 7.78 -24.71
N PRO A 477 10.11 7.85 -26.03
CA PRO A 477 11.18 7.54 -26.99
C PRO A 477 12.22 8.62 -26.94
N ASP A 478 13.44 8.27 -27.34
CA ASP A 478 14.51 9.27 -27.24
C ASP A 478 14.19 10.52 -28.07
N LYS A 479 13.60 10.35 -29.24
CA LYS A 479 13.38 11.50 -30.12
C LYS A 479 12.42 12.51 -29.48
N LEU A 480 11.37 12.01 -28.83
CA LEU A 480 10.40 12.90 -28.19
C LEU A 480 11.03 13.72 -27.06
N GLN A 481 11.90 13.11 -26.26
CA GLN A 481 12.67 13.89 -25.29
C GLN A 481 13.35 15.08 -25.98
N ALA A 482 13.97 14.92 -27.11
CA ALA A 482 14.68 15.95 -27.85
C ALA A 482 13.78 17.13 -28.20
N GLU A 483 12.62 16.85 -28.79
CA GLU A 483 11.72 17.92 -29.24
C GLU A 483 11.04 18.66 -28.08
N ILE A 484 10.61 17.91 -27.07
CA ILE A 484 10.07 18.52 -25.86
C ILE A 484 11.04 19.51 -25.24
N ALA A 485 12.24 19.03 -24.91
CA ALA A 485 13.23 19.86 -24.25
C ALA A 485 13.64 21.00 -25.15
N MET A 486 13.57 20.72 -26.45
CA MET A 486 13.82 21.74 -27.44
C MET A 486 12.90 22.91 -27.22
N GLN A 487 11.59 22.66 -27.36
CA GLN A 487 10.62 23.71 -27.16
C GLN A 487 10.77 24.41 -25.81
N VAL A 488 10.85 23.63 -24.74
CA VAL A 488 10.88 24.21 -23.41
C VAL A 488 12.04 25.18 -23.20
N HIS A 489 13.26 24.71 -23.43
CA HIS A 489 14.40 25.53 -23.13
C HIS A 489 14.78 26.40 -24.31
N PHE A 490 13.87 26.44 -25.30
CA PHE A 490 14.18 27.01 -26.61
C PHE A 490 14.67 28.45 -26.53
N GLU A 491 13.90 29.29 -25.87
CA GLU A 491 14.26 30.69 -25.76
C GLU A 491 15.54 30.86 -24.94
N THR A 492 15.71 30.06 -23.90
CA THR A 492 16.84 30.20 -23.00
C THR A 492 18.15 29.87 -23.71
N LEU A 493 18.12 28.82 -24.51
CA LEU A 493 19.30 28.44 -25.28
C LEU A 493 19.50 29.30 -26.51
N ARG A 494 18.40 29.87 -27.00
CA ARG A 494 18.42 30.73 -28.18
C ARG A 494 19.43 31.88 -28.04
N LYS A 495 19.76 32.23 -26.79
CA LYS A 495 20.74 33.25 -26.48
C LYS A 495 22.03 32.66 -25.90
N VAL A 496 22.59 31.67 -26.58
CA VAL A 496 23.87 31.09 -26.20
C VAL A 496 24.84 31.17 -27.37
N ARG A 497 26.07 31.62 -27.13
CA ARG A 497 27.07 31.72 -28.19
C ARG A 497 27.34 30.36 -28.82
N ILE A 498 27.73 29.40 -27.98
CA ILE A 498 28.18 28.09 -28.43
C ILE A 498 27.19 27.35 -29.34
N PHE A 499 25.93 27.27 -28.96
CA PHE A 499 24.95 26.55 -29.77
C PHE A 499 24.58 27.24 -31.09
N GLN A 500 24.50 28.57 -31.04
CA GLN A 500 24.15 29.37 -32.21
C GLN A 500 25.25 29.39 -33.26
N ASP A 501 26.50 29.45 -32.81
CA ASP A 501 27.65 29.57 -33.71
C ASP A 501 27.84 28.35 -34.60
N CYS A 502 27.76 27.14 -34.02
CA CYS A 502 27.97 25.91 -34.78
C CYS A 502 26.77 25.64 -35.68
N GLU A 503 27.05 25.45 -36.96
CA GLU A 503 26.02 25.20 -37.94
C GLU A 503 25.30 23.90 -37.63
N ALA A 504 26.07 22.93 -37.17
CA ALA A 504 25.52 21.62 -36.84
C ALA A 504 24.47 21.71 -35.74
N GLY A 505 23.46 20.87 -35.84
CA GLY A 505 22.52 20.72 -34.76
C GLY A 505 23.14 19.80 -33.73
N LEU A 506 24.30 20.20 -33.22
CA LEU A 506 24.97 19.45 -32.15
C LEU A 506 24.14 19.54 -30.89
N LEU A 507 23.47 20.69 -30.74
CA LEU A 507 22.58 20.92 -29.62
C LEU A 507 21.64 19.76 -29.47
N ALA A 508 21.14 19.29 -30.61
CA ALA A 508 20.30 18.10 -30.64
C ALA A 508 20.91 16.94 -29.86
N GLU A 509 22.23 16.90 -29.72
CA GLU A 509 22.86 15.86 -28.93
C GLU A 509 22.83 16.18 -27.44
N LEU A 510 23.25 17.39 -27.11
CA LEU A 510 23.51 17.80 -25.73
C LEU A 510 22.25 18.01 -24.92
N VAL A 511 21.17 18.34 -25.59
CA VAL A 511 19.92 18.58 -24.91
C VAL A 511 19.47 17.38 -24.11
N LEU A 512 19.78 16.21 -24.63
CA LEU A 512 19.37 14.99 -23.96
C LEU A 512 20.04 14.87 -22.60
N LYS A 513 21.28 15.35 -22.51
CA LYS A 513 22.05 15.22 -21.27
C LYS A 513 22.54 16.55 -20.72
N LEU A 514 21.58 17.31 -20.19
CA LEU A 514 21.85 18.47 -19.35
C LEU A 514 21.02 18.36 -18.09
N GLN A 515 21.65 18.57 -16.94
CA GLN A 515 20.91 18.46 -15.70
C GLN A 515 20.84 19.77 -14.96
N LEU A 516 19.64 20.19 -14.59
CA LEU A 516 19.47 21.46 -13.90
C LEU A 516 19.79 21.40 -12.42
N GLN A 517 20.76 22.18 -12.02
CA GLN A 517 21.16 22.25 -10.62
C GLN A 517 20.87 23.63 -10.03
N VAL A 518 20.22 23.65 -8.87
CA VAL A 518 19.91 24.91 -8.18
C VAL A 518 20.92 25.24 -7.09
N PHE A 519 21.41 26.48 -7.08
CA PHE A 519 22.40 26.87 -6.11
C PHE A 519 21.85 27.97 -5.23
N SER A 520 22.17 27.91 -3.95
CA SER A 520 21.75 28.92 -2.96
C SER A 520 22.52 30.26 -3.10
N PRO A 521 21.91 31.38 -2.63
CA PRO A 521 22.49 32.71 -2.88
C PRO A 521 23.72 33.00 -2.05
N GLY A 522 24.71 33.62 -2.70
CA GLY A 522 25.94 34.05 -2.06
C GLY A 522 26.98 32.96 -1.96
N ASP A 523 26.66 31.79 -2.53
CA ASP A 523 27.52 30.62 -2.40
C ASP A 523 28.35 30.34 -3.64
N PHE A 524 29.59 29.95 -3.42
CA PHE A 524 30.52 29.74 -4.52
C PHE A 524 30.18 28.51 -5.34
N ILE A 525 29.82 28.76 -6.60
CA ILE A 525 29.70 27.73 -7.61
C ILE A 525 31.07 27.15 -7.85
N CYS A 526 32.04 28.05 -7.88
CA CYS A 526 33.43 27.69 -8.13
C CYS A 526 34.37 28.38 -7.14
N LYS A 527 35.51 27.75 -6.89
CA LYS A 527 36.58 28.35 -6.11
C LYS A 527 37.87 28.21 -6.87
N LYS A 528 38.74 29.22 -6.74
CA LYS A 528 40.04 29.18 -7.39
C LYS A 528 40.84 27.96 -6.93
N GLY A 529 41.53 27.31 -7.85
CA GLY A 529 42.37 26.18 -7.51
C GLY A 529 41.59 24.91 -7.25
N ASP A 530 40.58 24.66 -8.08
CA ASP A 530 39.80 23.44 -7.96
C ASP A 530 39.66 22.73 -9.31
N ILE A 531 39.43 21.42 -9.23
CA ILE A 531 39.25 20.56 -10.40
C ILE A 531 37.98 20.90 -11.16
N GLY A 532 38.14 21.20 -12.44
CA GLY A 532 36.99 21.45 -13.29
C GLY A 532 36.52 20.14 -13.87
N ARG A 533 35.26 19.79 -13.59
CA ARG A 533 34.65 18.58 -14.14
C ARG A 533 33.40 18.90 -14.95
N GLU A 534 32.73 19.98 -14.57
CA GLU A 534 31.49 20.35 -15.20
C GLU A 534 31.63 21.70 -15.88
N MET A 535 30.65 22.00 -16.72
CA MET A 535 30.59 23.25 -17.46
C MET A 535 29.17 23.75 -17.41
N TYR A 536 28.97 24.95 -16.90
CA TYR A 536 27.62 25.41 -16.59
C TYR A 536 27.02 26.44 -17.56
N ILE A 537 25.72 26.30 -17.83
CA ILE A 537 25.01 27.31 -18.60
C ILE A 537 23.81 27.80 -17.80
N VAL A 538 23.74 29.10 -17.64
CA VAL A 538 22.81 29.70 -16.71
C VAL A 538 21.38 29.82 -17.22
N LYS A 539 20.43 29.19 -16.53
CA LYS A 539 19.06 29.27 -16.98
C LYS A 539 18.35 30.49 -16.41
N ARG A 540 18.63 30.80 -15.16
CA ARG A 540 18.06 32.00 -14.57
C ARG A 540 18.91 32.42 -13.38
N GLY A 541 18.66 33.64 -12.90
CA GLY A 541 19.47 34.26 -11.86
C GLY A 541 20.65 34.96 -12.52
N ARG A 542 21.39 35.74 -11.72
CA ARG A 542 22.60 36.35 -12.25
C ARG A 542 23.68 36.12 -11.20
N LEU A 543 24.89 35.91 -11.70
CA LEU A 543 26.01 35.56 -10.86
C LEU A 543 27.26 36.36 -11.26
N GLN A 544 28.08 36.72 -10.28
CA GLN A 544 29.24 37.57 -10.54
C GLN A 544 30.58 36.86 -10.32
N VAL A 545 31.53 37.16 -11.21
CA VAL A 545 32.92 36.72 -11.08
C VAL A 545 33.71 37.63 -10.13
N VAL A 546 34.18 37.07 -9.03
CA VAL A 546 34.89 37.85 -8.03
C VAL A 546 36.08 37.15 -7.40
N ASP A 547 37.08 37.93 -7.01
CA ASP A 547 38.27 37.41 -6.36
C ASP A 547 38.67 38.27 -5.15
N ASP A 548 38.95 37.62 -4.01
CA ASP A 548 39.38 38.34 -2.81
C ASP A 548 38.21 38.89 -1.99
N ASP A 549 37.02 38.29 -2.10
CA ASP A 549 35.82 38.71 -1.35
C ASP A 549 35.42 40.16 -1.69
N GLY A 550 35.37 40.46 -2.97
CA GLY A 550 35.09 41.81 -3.43
C GLY A 550 36.36 42.56 -3.78
N LYS A 551 36.15 43.75 -4.34
CA LYS A 551 37.13 44.72 -4.85
C LYS A 551 37.75 44.24 -6.17
N LYS A 552 37.40 43.03 -6.66
CA LYS A 552 37.86 42.57 -7.97
C LYS A 552 36.95 43.17 -9.05
N VAL A 553 37.04 42.63 -10.27
CA VAL A 553 36.14 43.00 -11.34
C VAL A 553 34.92 42.09 -11.20
N PHE A 554 33.85 42.65 -10.65
CA PHE A 554 32.61 41.91 -10.50
C PHE A 554 32.00 41.82 -11.89
N VAL A 555 32.17 40.66 -12.53
CA VAL A 555 31.65 40.47 -13.87
C VAL A 555 30.40 39.65 -13.70
N THR A 556 29.29 40.16 -14.22
CA THR A 556 28.04 39.45 -14.06
C THR A 556 27.45 38.86 -15.33
N LEU A 557 27.29 37.55 -15.28
CA LEU A 557 26.67 36.79 -16.34
C LEU A 557 25.18 36.66 -16.01
N GLN A 558 24.33 36.92 -16.99
CA GLN A 558 22.91 36.67 -16.83
C GLN A 558 22.56 35.35 -17.48
N GLU A 559 21.27 35.05 -17.56
CA GLU A 559 20.84 33.80 -18.15
C GLU A 559 21.35 33.70 -19.59
N GLY A 560 21.52 32.47 -20.05
CA GLY A 560 22.00 32.24 -21.40
C GLY A 560 23.51 32.21 -21.49
N SER A 561 24.16 32.79 -20.48
CA SER A 561 25.60 32.86 -20.49
C SER A 561 26.24 31.50 -20.24
N VAL A 562 27.50 31.39 -20.64
CA VAL A 562 28.28 30.16 -20.55
C VAL A 562 29.57 30.35 -19.78
N PHE A 563 29.83 29.47 -18.82
CA PHE A 563 31.09 29.50 -18.10
C PHE A 563 31.49 28.12 -17.58
N GLY A 564 32.62 28.06 -16.90
CA GLY A 564 33.15 26.80 -16.42
C GLY A 564 33.81 26.00 -17.53
N GLU A 565 33.91 26.61 -18.71
CA GLU A 565 34.38 25.90 -19.89
C GLU A 565 35.91 25.87 -20.02
N LEU A 566 36.62 26.74 -19.32
CA LEU A 566 38.07 26.82 -19.51
C LEU A 566 38.77 25.57 -18.99
N SER A 567 38.29 25.04 -17.87
CA SER A 567 38.93 23.89 -17.26
C SER A 567 38.69 22.61 -18.04
N ILE A 568 37.46 22.43 -18.52
CA ILE A 568 37.10 21.23 -19.27
C ILE A 568 37.97 21.06 -20.52
N LEU A 569 38.07 22.11 -21.32
CA LEU A 569 38.96 22.11 -22.46
C LEU A 569 40.39 22.11 -21.96
N ASN A 570 41.12 21.05 -22.28
CA ASN A 570 42.47 20.85 -21.77
C ASN A 570 43.51 21.73 -22.45
N ILE A 571 43.42 22.98 -22.04
CA ILE A 571 44.37 23.96 -22.53
C ILE A 571 45.05 24.65 -21.34
N ALA A 572 46.40 24.77 -21.39
CA ALA A 572 47.19 25.35 -20.29
C ALA A 572 48.26 26.30 -20.86
N GLY A 573 47.83 27.48 -21.32
CA GLY A 573 48.77 28.51 -21.76
C GLY A 573 49.54 29.17 -20.62
N SER A 574 48.88 29.36 -19.49
CA SER A 574 49.50 29.77 -18.23
C SER A 574 49.94 28.58 -17.36
N LYS A 575 49.66 27.34 -17.81
CA LYS A 575 50.07 26.06 -17.21
C LYS A 575 49.25 25.68 -15.98
N ASN A 576 48.10 26.32 -15.78
CA ASN A 576 47.29 26.09 -14.58
C ASN A 576 46.69 24.69 -14.55
N GLY A 577 46.23 24.18 -15.70
CA GLY A 577 45.61 22.86 -15.77
C GLY A 577 44.13 22.88 -15.47
N ASN A 578 43.58 21.67 -15.28
CA ASN A 578 42.16 21.50 -14.96
C ASN A 578 41.80 22.16 -13.63
N ARG A 579 42.18 23.47 -13.64
CA ARG A 579 41.93 24.28 -12.45
C ARG A 579 41.02 25.45 -12.74
N ARG A 580 40.11 25.74 -11.83
CA ARG A 580 39.24 26.90 -11.96
C ARG A 580 40.06 28.20 -11.87
N THR A 581 40.06 28.97 -12.95
CA THR A 581 40.86 30.19 -13.04
C THR A 581 40.42 31.23 -12.04
N ALA A 582 39.11 31.47 -11.99
CA ALA A 582 38.53 32.42 -11.05
C ALA A 582 37.58 31.67 -10.13
N ASN A 583 36.90 32.38 -9.24
CA ASN A 583 35.84 31.77 -8.45
C ASN A 583 34.52 32.50 -8.68
N VAL A 584 33.54 31.77 -9.18
CA VAL A 584 32.25 32.34 -9.57
C VAL A 584 31.25 32.26 -8.43
N ARG A 585 30.62 33.39 -8.13
CA ARG A 585 29.71 33.44 -6.99
C ARG A 585 28.30 33.80 -7.43
N SER A 586 27.29 33.27 -6.75
CA SER A 586 25.90 33.59 -7.06
C SER A 586 25.39 34.75 -6.20
N VAL A 587 24.46 35.53 -6.74
CA VAL A 587 23.89 36.67 -6.01
C VAL A 587 22.53 36.32 -5.36
N GLY A 588 21.83 35.39 -5.99
CA GLY A 588 20.55 34.94 -5.48
C GLY A 588 20.41 33.46 -5.73
N TYR A 589 19.17 32.98 -5.89
CA TYR A 589 18.94 31.59 -6.25
C TYR A 589 19.07 31.39 -7.75
N THR A 590 20.17 30.74 -8.17
CA THR A 590 20.50 30.62 -9.59
C THR A 590 20.41 29.19 -10.11
N ASP A 591 19.79 29.01 -11.27
CA ASP A 591 19.65 27.66 -11.88
C ASP A 591 20.61 27.47 -13.02
N LEU A 592 21.37 26.39 -12.98
CA LEU A 592 22.39 26.19 -14.00
C LEU A 592 22.14 24.92 -14.76
N PHE A 593 22.51 24.92 -16.03
CA PHE A 593 22.60 23.68 -16.78
C PHE A 593 23.95 23.05 -16.47
N VAL A 594 23.94 21.74 -16.22
CA VAL A 594 25.19 21.08 -15.93
C VAL A 594 25.46 20.00 -16.95
N LEU A 595 26.63 20.14 -17.56
CA LEU A 595 27.13 19.28 -18.60
C LEU A 595 28.47 18.66 -18.16
N SER A 596 28.48 17.37 -17.84
CA SER A 596 29.70 16.70 -17.39
C SER A 596 30.77 16.64 -18.48
N LYS A 597 32.04 16.70 -18.06
CA LYS A 597 33.18 16.71 -18.99
C LYS A 597 33.13 15.60 -20.02
N THR A 598 32.86 14.39 -19.52
CA THR A 598 32.76 13.21 -20.35
C THR A 598 31.75 13.38 -21.49
N ASP A 599 30.62 14.02 -21.20
CA ASP A 599 29.58 14.20 -22.20
C ASP A 599 29.98 15.23 -23.23
N LEU A 600 30.46 16.37 -22.76
CA LEU A 600 30.90 17.40 -23.68
C LEU A 600 31.92 16.84 -24.63
N TRP A 601 32.89 16.11 -24.10
CA TRP A 601 33.96 15.62 -24.93
C TRP A 601 33.53 14.50 -25.87
N ASN A 602 32.82 13.52 -25.34
CA ASN A 602 32.32 12.41 -26.16
C ASN A 602 31.49 12.92 -27.31
N ALA A 603 30.79 14.02 -27.08
CA ALA A 603 29.99 14.63 -28.13
C ALA A 603 30.84 15.54 -29.03
N LEU A 604 31.98 16.00 -28.53
CA LEU A 604 32.77 17.00 -29.25
C LEU A 604 33.63 16.43 -30.38
N ARG A 605 33.91 15.14 -30.32
CA ARG A 605 34.69 14.48 -31.37
C ARG A 605 33.94 14.48 -32.69
N GLU A 606 32.61 14.47 -32.55
CA GLU A 606 31.71 14.35 -33.69
C GLU A 606 31.66 15.65 -34.48
N TYR A 607 31.84 16.76 -33.78
CA TYR A 607 31.81 18.07 -34.41
C TYR A 607 33.08 18.83 -34.04
N PRO A 608 34.10 18.79 -34.91
CA PRO A 608 35.38 19.45 -34.64
C PRO A 608 35.30 20.97 -34.81
N ASP A 609 34.28 21.46 -35.52
CA ASP A 609 34.07 22.89 -35.66
C ASP A 609 33.80 23.57 -34.31
N ALA A 610 32.93 22.95 -33.52
CA ALA A 610 32.61 23.42 -32.17
C ALA A 610 33.87 23.50 -31.31
N ARG A 611 34.73 22.50 -31.48
CA ARG A 611 36.05 22.51 -30.88
C ARG A 611 36.80 23.77 -31.31
N LYS A 612 36.84 24.03 -32.62
CA LYS A 612 37.56 25.19 -33.13
C LYS A 612 37.08 26.50 -32.51
N LEU A 613 35.76 26.66 -32.42
CA LEU A 613 35.18 27.89 -31.90
C LEU A 613 35.34 28.07 -30.38
N LEU A 614 35.02 27.01 -29.64
CA LEU A 614 35.16 27.03 -28.18
C LEU A 614 36.61 27.27 -27.76
N LEU A 615 37.55 26.58 -28.42
CA LEU A 615 38.97 26.79 -28.16
C LEU A 615 39.40 28.20 -28.60
N ALA A 616 38.83 28.67 -29.70
CA ALA A 616 39.11 30.03 -30.21
C ALA A 616 38.73 31.08 -29.17
N LYS A 617 37.66 30.83 -28.43
CA LYS A 617 37.29 31.72 -27.33
C LYS A 617 38.23 31.51 -26.14
N GLY A 618 38.56 30.25 -25.86
CA GLY A 618 39.40 29.89 -24.73
C GLY A 618 40.78 30.52 -24.74
N ARG A 619 41.42 30.55 -25.90
CA ARG A 619 42.72 31.22 -26.04
C ARG A 619 42.58 32.69 -25.69
N GLU A 620 41.46 33.29 -26.06
CA GLU A 620 41.25 34.72 -25.87
C GLU A 620 40.89 35.06 -24.40
N ILE A 621 40.30 34.10 -23.69
CA ILE A 621 40.03 34.29 -22.26
C ILE A 621 41.31 34.07 -21.43
N LEU A 622 42.11 33.08 -21.82
CA LEU A 622 43.37 32.79 -21.12
C LEU A 622 44.47 33.80 -21.52
N LYS A 623 44.23 34.55 -22.59
CA LYS A 623 45.15 35.60 -23.06
C LYS A 623 45.37 36.69 -22.00
N LYS A 624 44.30 37.07 -21.30
CA LYS A 624 44.34 38.07 -20.24
C LYS A 624 45.32 37.68 -19.12
N ASP A 625 45.42 36.39 -18.87
CA ASP A 625 46.30 35.82 -17.84
C ASP A 625 47.66 35.39 -18.39
N ARG B 111 5.17 59.15 7.79
CA ARG B 111 4.16 58.20 7.33
C ARG B 111 4.24 57.96 5.82
N LYS B 112 4.88 58.89 5.10
CA LYS B 112 5.04 58.77 3.65
C LYS B 112 5.92 57.56 3.28
N TYR B 113 6.76 57.13 4.22
CA TYR B 113 7.62 55.97 4.05
C TYR B 113 6.82 54.65 3.95
N LEU B 114 5.62 54.66 4.51
CA LEU B 114 4.75 53.48 4.56
C LEU B 114 3.88 53.41 3.29
N ALA B 115 4.01 54.42 2.44
CA ALA B 115 3.35 54.44 1.14
C ALA B 115 4.19 53.73 0.08
N ASN B 116 5.51 53.96 0.12
CA ASN B 116 6.42 53.35 -0.85
C ASN B 116 7.11 52.09 -0.31
N TYR B 117 6.65 51.65 0.86
CA TYR B 117 7.16 50.45 1.52
C TYR B 117 6.86 49.17 0.76
N THR B 118 7.88 48.36 0.52
CA THR B 118 7.72 47.08 -0.19
C THR B 118 8.04 45.87 0.70
N GLN B 119 7.28 44.80 0.52
CA GLN B 119 7.39 43.61 1.35
C GLN B 119 8.20 42.51 0.68
N ASP B 120 9.10 41.93 1.47
CA ASP B 120 9.88 40.76 1.05
C ASP B 120 9.11 39.48 1.42
N PRO B 121 8.90 38.56 0.45
CA PRO B 121 8.17 37.31 0.73
C PRO B 121 8.98 36.34 1.58
N SER B 122 10.30 36.44 1.48
CA SER B 122 11.23 35.54 2.17
C SER B 122 11.81 36.10 3.48
N THR B 123 10.93 36.49 4.41
CA THR B 123 11.34 36.85 5.78
C THR B 123 10.54 36.05 6.78
N ASP B 124 11.11 35.84 7.95
CA ASP B 124 10.45 35.05 8.98
C ASP B 124 9.18 35.78 9.44
N ASN B 125 9.28 37.11 9.52
CA ASN B 125 8.17 37.94 9.97
C ASN B 125 6.95 37.70 9.08
N PHE B 126 7.20 37.63 7.77
CA PHE B 126 6.12 37.43 6.81
C PHE B 126 5.40 36.11 7.08
N TYR B 127 6.16 35.07 7.40
CA TYR B 127 5.56 33.80 7.74
C TYR B 127 4.68 33.96 8.99
N TYR B 128 5.15 34.76 9.96
CA TYR B 128 4.27 35.07 11.10
C TYR B 128 2.96 35.71 10.61
N TRP B 129 3.08 36.64 9.67
CA TRP B 129 1.91 37.32 9.16
C TRP B 129 0.93 36.35 8.49
N THR B 130 1.44 35.52 7.59
CA THR B 130 0.61 34.54 6.88
C THR B 130 -0.11 33.65 7.89
N CYS B 131 0.60 33.30 8.97
CA CYS B 131 -0.01 32.60 10.08
C CYS B 131 -1.21 33.39 10.65
N VAL B 132 -1.06 34.72 10.73
CA VAL B 132 -2.18 35.57 11.19
C VAL B 132 -3.40 35.56 10.24
N VAL B 133 -3.13 35.75 8.95
CA VAL B 133 -4.15 35.62 7.92
C VAL B 133 -4.88 34.29 8.10
N THR B 134 -4.10 33.27 8.42
CA THR B 134 -4.61 31.93 8.66
C THR B 134 -5.62 31.90 9.80
N VAL B 135 -5.29 32.57 10.90
CA VAL B 135 -6.23 32.61 12.00
C VAL B 135 -7.54 33.29 11.60
N ALA B 136 -7.44 34.38 10.84
CA ALA B 136 -8.66 35.02 10.33
C ALA B 136 -9.50 34.06 9.44
N TYR B 137 -8.81 33.31 8.59
CA TYR B 137 -9.47 32.37 7.68
C TYR B 137 -10.29 31.36 8.43
N ILE B 138 -9.60 30.67 9.34
CA ILE B 138 -10.28 29.66 10.15
C ILE B 138 -11.43 30.30 10.89
N TYR B 139 -11.24 31.55 11.31
CA TYR B 139 -12.32 32.26 11.97
C TYR B 139 -13.56 32.20 11.12
N ASN B 140 -13.43 32.71 9.90
CA ASN B 140 -14.57 32.75 9.00
C ASN B 140 -15.16 31.38 8.72
N LEU B 141 -14.35 30.43 8.27
CA LEU B 141 -14.91 29.13 7.86
C LEU B 141 -15.42 28.30 9.03
N LEU B 142 -15.16 28.75 10.26
CA LEU B 142 -15.74 28.06 11.40
C LEU B 142 -17.02 28.73 11.89
N PHE B 143 -16.98 30.04 12.06
CA PHE B 143 -18.06 30.73 12.73
C PHE B 143 -19.12 31.34 11.83
N VAL B 144 -18.75 31.62 10.58
CA VAL B 144 -19.71 32.25 9.70
C VAL B 144 -20.90 31.35 9.45
N ILE B 145 -20.62 30.16 8.97
CA ILE B 145 -21.67 29.23 8.59
C ILE B 145 -22.56 28.90 9.79
N ALA B 146 -21.92 28.69 10.94
CA ALA B 146 -22.64 28.41 12.17
C ALA B 146 -23.55 29.58 12.61
N ARG B 147 -23.07 30.82 12.42
CA ARG B 147 -23.88 32.03 12.66
C ARG B 147 -25.08 32.06 11.75
N GLN B 148 -24.89 31.55 10.54
CA GLN B 148 -25.96 31.51 9.56
C GLN B 148 -27.03 30.53 10.01
N VAL B 149 -26.61 29.36 10.47
CA VAL B 149 -27.56 28.31 10.80
C VAL B 149 -28.22 28.47 12.16
N PHE B 150 -27.40 28.56 13.20
CA PHE B 150 -27.87 28.79 14.55
C PHE B 150 -27.99 30.30 14.81
N ASN B 151 -29.09 30.90 14.35
CA ASN B 151 -29.37 32.35 14.51
C ASN B 151 -29.76 32.67 15.96
N ASP B 152 -29.77 31.62 16.76
CA ASP B 152 -29.89 31.69 18.19
C ASP B 152 -28.60 32.33 18.73
N LEU B 153 -27.48 32.09 18.03
CA LEU B 153 -26.17 32.54 18.49
C LEU B 153 -26.11 34.07 18.68
N ILE B 154 -25.96 34.83 17.60
CA ILE B 154 -26.07 36.27 17.70
C ILE B 154 -27.53 36.59 17.91
N GLY B 155 -27.89 36.83 19.16
CA GLY B 155 -29.27 37.09 19.46
C GLY B 155 -29.76 36.34 20.69
N PRO B 156 -30.95 35.73 20.57
CA PRO B 156 -31.75 35.58 19.35
C PRO B 156 -32.45 36.85 18.86
N SER B 157 -33.04 36.73 17.68
CA SER B 157 -33.80 37.81 17.08
C SER B 157 -35.31 37.60 17.31
N SER B 158 -35.64 36.75 18.28
CA SER B 158 -37.05 36.50 18.64
C SER B 158 -37.18 35.85 20.02
N GLN B 159 -38.40 35.73 20.53
CA GLN B 159 -38.66 35.06 21.82
C GLN B 159 -39.53 33.80 21.69
N SER B 160 -39.35 32.88 22.64
CA SER B 160 -39.88 31.51 22.57
C SER B 160 -41.39 31.21 22.52
N LEU B 161 -42.22 31.93 23.27
CA LEU B 161 -43.68 31.71 23.22
C LEU B 161 -44.16 30.26 23.40
N CYS B 162 -43.60 29.57 24.39
CA CYS B 162 -44.03 28.23 24.75
C CYS B 162 -45.40 28.31 25.40
N ARG B 163 -46.25 27.29 25.24
CA ARG B 163 -47.55 27.40 25.89
C ARG B 163 -47.78 26.29 26.92
N PHE B 164 -48.22 26.70 28.11
CA PHE B 164 -48.61 25.76 29.15
C PHE B 164 -50.07 26.03 29.54
N TYR B 165 -50.88 24.99 29.63
CA TYR B 165 -52.25 25.15 30.11
C TYR B 165 -52.23 25.49 31.60
N ASN B 166 -53.28 26.19 32.06
CA ASN B 166 -53.47 26.53 33.48
C ASN B 166 -52.60 27.71 33.92
N THR B 172 -54.38 28.30 29.08
CA THR B 172 -53.60 27.76 27.97
C THR B 172 -52.90 28.88 27.19
N THR B 173 -52.70 30.00 27.87
CA THR B 173 -52.09 31.20 27.28
C THR B 173 -50.63 31.02 26.85
N GLN B 174 -50.28 31.62 25.72
CA GLN B 174 -48.89 31.64 25.29
C GLN B 174 -48.12 32.49 26.29
N VAL B 175 -46.95 32.00 26.70
CA VAL B 175 -46.14 32.61 27.76
C VAL B 175 -44.78 32.89 27.13
N GLU B 176 -43.81 33.34 27.91
CA GLU B 176 -42.45 33.47 27.42
C GLU B 176 -41.69 32.17 27.65
N CYS B 177 -40.36 32.27 27.66
CA CYS B 177 -39.52 31.11 27.84
C CYS B 177 -39.13 30.93 29.32
N THR B 178 -39.43 29.77 29.88
CA THR B 178 -38.92 29.40 31.21
C THR B 178 -38.07 28.13 31.09
N TYR B 179 -36.86 28.18 31.64
CA TYR B 179 -35.85 27.14 31.45
C TYR B 179 -36.31 25.76 31.91
N ASN B 180 -37.38 25.70 32.67
CA ASN B 180 -37.98 24.43 33.04
C ASN B 180 -39.05 23.96 32.06
N MET B 181 -39.67 24.90 31.34
CA MET B 181 -40.73 24.55 30.40
C MET B 181 -40.17 24.23 28.99
N LEU B 182 -38.89 24.50 28.78
CA LEU B 182 -38.19 24.04 27.56
C LEU B 182 -37.64 22.62 27.68
N THR B 183 -38.06 21.92 28.72
CA THR B 183 -37.80 20.49 28.91
C THR B 183 -39.09 19.69 28.78
N ASN B 184 -39.00 18.46 28.27
CA ASN B 184 -40.14 17.56 28.36
C ASN B 184 -41.39 18.13 27.69
N MET B 185 -41.20 18.80 26.55
CA MET B 185 -42.31 19.50 25.93
C MET B 185 -43.24 18.58 25.16
N LYS B 186 -44.48 19.02 25.02
CA LYS B 186 -45.49 18.28 24.27
C LYS B 186 -45.34 18.62 22.79
N GLU B 187 -45.24 19.91 22.50
CA GLU B 187 -45.05 20.38 21.12
C GLU B 187 -43.93 21.41 21.06
N MET B 188 -43.41 21.66 19.86
CA MET B 188 -42.31 22.59 19.68
C MET B 188 -42.75 24.05 19.97
N PRO B 189 -41.84 24.87 20.54
CA PRO B 189 -42.14 26.27 20.88
C PRO B 189 -42.27 27.19 19.66
N THR B 190 -43.37 27.94 19.57
CA THR B 190 -43.58 28.89 18.48
C THR B 190 -42.63 30.10 18.57
N TYR B 191 -41.94 30.45 17.49
CA TYR B 191 -41.04 31.60 17.55
C TYR B 191 -41.77 32.86 17.16
N SER B 192 -41.97 33.74 18.15
CA SER B 192 -42.63 35.01 17.92
C SER B 192 -41.62 36.16 18.00
N GLN B 193 -41.62 36.97 16.94
CA GLN B 193 -40.59 37.97 16.71
C GLN B 193 -40.77 39.21 17.57
N TYR B 194 -39.65 39.82 17.96
CA TYR B 194 -39.65 41.10 18.67
C TYR B 194 -40.13 42.26 17.78
N PRO B 195 -40.51 43.41 18.57
CA PRO B 195 -40.87 44.59 17.77
C PRO B 195 -39.67 45.14 17.02
N ASP B 196 -38.57 45.32 17.74
CA ASP B 196 -37.24 45.50 17.19
C ASP B 196 -36.47 44.27 17.63
N LEU B 197 -35.99 43.51 16.66
CA LEU B 197 -35.38 42.23 16.98
C LEU B 197 -33.90 42.48 17.24
N GLY B 198 -33.46 42.25 18.47
CA GLY B 198 -32.04 42.46 18.61
C GLY B 198 -31.53 43.30 19.76
N TRP B 199 -30.81 44.36 19.35
CA TRP B 199 -29.76 45.01 20.13
C TRP B 199 -30.24 45.57 21.47
N SER B 200 -31.53 45.92 21.58
CA SER B 200 -32.04 46.46 22.84
C SER B 200 -31.86 45.45 23.98
N LYS B 201 -32.22 44.19 23.73
CA LYS B 201 -32.11 43.13 24.75
C LYS B 201 -30.68 42.61 24.90
N TYR B 202 -29.97 42.40 23.77
CA TYR B 202 -28.61 41.87 23.75
C TYR B 202 -27.70 42.90 23.10
N TRP B 203 -26.67 43.36 23.85
CA TRP B 203 -25.81 44.44 23.38
C TRP B 203 -24.35 44.00 23.35
N HIS B 204 -23.86 43.52 24.50
CA HIS B 204 -22.47 43.09 24.65
C HIS B 204 -22.08 42.11 23.55
N PHE B 205 -22.95 41.12 23.35
CA PHE B 205 -22.70 40.04 22.40
C PHE B 205 -22.47 40.55 20.98
N ARG B 206 -23.49 41.22 20.44
CA ARG B 206 -23.44 41.68 19.07
C ARG B 206 -22.23 42.58 18.85
N MET B 207 -21.98 43.46 19.82
CA MET B 207 -20.80 44.32 19.76
C MET B 207 -19.52 43.50 19.67
N LEU B 208 -19.43 42.43 20.46
CA LEU B 208 -18.29 41.53 20.38
C LEU B 208 -18.12 41.02 18.96
N TRP B 209 -19.17 40.43 18.42
CA TRP B 209 -19.07 39.84 17.09
C TRP B 209 -18.66 40.88 16.04
N VAL B 210 -19.12 42.12 16.20
CA VAL B 210 -18.75 43.18 15.23
C VAL B 210 -17.28 43.58 15.38
N PHE B 211 -16.80 43.64 16.61
CA PHE B 211 -15.39 43.93 16.87
C PHE B 211 -14.51 42.87 16.21
N PHE B 212 -14.88 41.61 16.39
CA PHE B 212 -14.09 40.51 15.83
C PHE B 212 -14.15 40.45 14.32
N ASP B 213 -15.34 40.53 13.74
CA ASP B 213 -15.45 40.55 12.29
C ASP B 213 -14.65 41.70 11.71
N LEU B 214 -14.77 42.87 12.34
CA LEU B 214 -14.08 44.05 11.89
C LEU B 214 -12.57 43.82 11.96
N LEU B 215 -12.15 43.11 13.00
CA LEU B 215 -10.75 42.80 13.21
C LEU B 215 -10.22 41.91 12.07
N MET B 216 -10.92 40.81 11.82
CA MET B 216 -10.54 39.85 10.80
C MET B 216 -10.44 40.55 9.46
N ASP B 217 -11.42 41.42 9.20
CA ASP B 217 -11.46 42.19 7.97
C ASP B 217 -10.26 43.14 7.89
N CYS B 218 -9.84 43.68 9.03
CA CYS B 218 -8.64 44.51 9.05
C CYS B 218 -7.46 43.66 8.61
N VAL B 219 -7.42 42.41 9.07
CA VAL B 219 -6.34 41.52 8.68
C VAL B 219 -6.36 41.31 7.16
N TYR B 220 -7.56 41.13 6.61
CA TYR B 220 -7.71 40.96 5.17
C TYR B 220 -7.22 42.18 4.39
N LEU B 221 -7.55 43.36 4.90
CA LEU B 221 -7.16 44.61 4.27
C LEU B 221 -5.65 44.79 4.28
N ILE B 222 -5.05 44.65 5.45
CA ILE B 222 -3.61 44.78 5.61
C ILE B 222 -2.89 43.78 4.71
N ASP B 223 -3.47 42.59 4.64
CA ASP B 223 -2.97 41.56 3.75
C ASP B 223 -3.05 42.02 2.30
N THR B 224 -4.08 42.79 1.97
CA THR B 224 -4.22 43.22 0.59
C THR B 224 -3.22 44.33 0.27
N PHE B 225 -2.95 45.19 1.24
CA PHE B 225 -1.94 46.24 1.07
C PHE B 225 -0.57 45.57 0.88
N LEU B 226 -0.32 44.49 1.60
CA LEU B 226 0.92 43.75 1.43
C LEU B 226 0.97 43.08 0.06
N ASN B 227 -0.17 42.58 -0.39
CA ASN B 227 -0.28 42.01 -1.73
C ASN B 227 0.08 43.06 -2.79
N TYR B 228 -0.31 44.31 -2.53
CA TYR B 228 0.01 45.43 -3.40
C TYR B 228 1.51 45.62 -3.55
N ARG B 229 2.22 45.40 -2.44
CA ARG B 229 3.65 45.66 -2.39
C ARG B 229 4.49 44.40 -2.31
N MET B 230 3.95 43.28 -2.81
CA MET B 230 4.64 41.98 -2.75
C MET B 230 5.85 41.92 -3.67
N GLY B 231 7.04 41.88 -3.08
CA GLY B 231 8.26 41.83 -3.86
C GLY B 231 8.44 40.53 -4.63
N TYR B 232 7.89 40.50 -5.84
CA TYR B 232 7.99 39.33 -6.72
C TYR B 232 9.45 39.02 -7.04
N MET B 233 9.74 37.79 -7.44
CA MET B 233 11.15 37.39 -7.58
C MET B 233 11.57 37.22 -9.05
N ASP B 234 12.39 38.16 -9.52
CA ASP B 234 12.94 38.16 -10.89
C ASP B 234 14.37 37.62 -10.93
N GLN B 235 14.52 36.40 -11.43
CA GLN B 235 15.82 35.75 -11.55
C GLN B 235 16.58 35.65 -10.21
N GLY B 236 15.98 34.92 -9.27
CA GLY B 236 16.62 34.60 -7.98
C GLY B 236 16.75 35.69 -6.94
N LEU B 237 16.53 36.95 -7.33
CA LEU B 237 16.67 38.10 -6.44
C LEU B 237 15.30 38.71 -6.18
N VAL B 238 15.11 39.28 -5.00
CA VAL B 238 13.83 39.90 -4.66
C VAL B 238 13.77 41.36 -5.12
N VAL B 239 12.85 41.66 -6.03
CA VAL B 239 12.70 43.02 -6.58
C VAL B 239 11.84 43.89 -5.67
N ARG B 240 12.49 44.78 -4.94
CA ARG B 240 11.80 45.71 -4.04
C ARG B 240 11.84 47.13 -4.60
N GLU B 241 10.75 47.55 -5.22
CA GLU B 241 10.73 48.78 -6.01
C GLU B 241 9.40 49.52 -5.92
N ALA B 242 9.41 50.79 -6.33
CA ALA B 242 8.23 51.65 -6.25
C ALA B 242 7.12 51.21 -7.21
N GLU B 243 7.29 51.51 -8.49
CA GLU B 243 6.23 51.31 -9.49
C GLU B 243 6.29 49.92 -10.12
N LYS B 244 7.46 49.29 -10.07
CA LYS B 244 7.66 47.97 -10.66
C LYS B 244 6.74 46.91 -10.03
N VAL B 245 6.70 46.92 -8.69
CA VAL B 245 5.89 45.96 -7.94
C VAL B 245 4.41 46.11 -8.24
N THR B 246 3.91 47.35 -8.17
CA THR B 246 2.51 47.65 -8.45
C THR B 246 2.16 47.27 -9.88
N LYS B 247 3.12 47.49 -10.78
CA LYS B 247 3.02 47.05 -12.16
C LYS B 247 2.77 45.53 -12.18
N ALA B 248 3.59 44.78 -11.44
CA ALA B 248 3.44 43.33 -11.35
C ALA B 248 2.08 42.92 -10.77
N TYR B 249 1.55 43.75 -9.88
CA TYR B 249 0.23 43.50 -9.30
C TYR B 249 -0.84 43.55 -10.37
N TRP B 250 -0.95 44.69 -11.05
CA TRP B 250 -2.07 44.89 -11.97
C TRP B 250 -1.90 44.16 -13.30
N GLN B 251 -0.65 43.82 -13.65
CA GLN B 251 -0.42 42.98 -14.83
C GLN B 251 -0.96 41.58 -14.59
N SER B 252 -0.85 41.12 -13.34
CA SER B 252 -1.47 39.88 -12.94
C SER B 252 -2.92 40.18 -12.58
N LYS B 253 -3.83 39.93 -13.51
CA LYS B 253 -5.23 40.29 -13.36
C LYS B 253 -5.90 39.50 -12.23
N GLN B 254 -5.35 38.33 -11.93
CA GLN B 254 -5.89 37.45 -10.89
C GLN B 254 -5.81 38.10 -9.50
N TYR B 255 -4.70 38.77 -9.22
CA TYR B 255 -4.49 39.53 -7.98
C TYR B 255 -5.66 40.47 -7.63
N ARG B 256 -5.96 41.37 -8.56
CA ARG B 256 -7.05 42.31 -8.35
C ARG B 256 -8.41 41.61 -8.43
N ILE B 257 -8.54 40.57 -9.24
CA ILE B 257 -9.83 39.87 -9.36
C ILE B 257 -10.23 39.21 -8.02
N ASP B 258 -9.49 38.19 -7.58
CA ASP B 258 -9.87 37.50 -6.34
C ASP B 258 -9.72 38.45 -5.17
N GLY B 259 -8.66 39.27 -5.18
CA GLY B 259 -8.37 40.18 -4.08
C GLY B 259 -9.50 41.14 -3.80
N ILE B 260 -10.06 41.74 -4.85
CA ILE B 260 -11.22 42.62 -4.72
C ILE B 260 -12.46 41.83 -4.29
N SER B 261 -12.58 40.60 -4.80
CA SER B 261 -13.81 39.83 -4.61
C SER B 261 -14.22 39.58 -3.14
N LEU B 262 -13.26 39.36 -2.25
CA LEU B 262 -13.58 39.00 -0.87
C LEU B 262 -13.74 40.18 0.09
N ILE B 263 -13.40 41.38 -0.34
CA ILE B 263 -13.57 42.54 0.53
C ILE B 263 -14.73 43.49 0.17
N PRO B 264 -15.89 42.97 -0.29
CA PRO B 264 -16.93 43.97 -0.56
C PRO B 264 -17.38 44.63 0.74
N LEU B 265 -17.31 43.86 1.83
CA LEU B 265 -17.81 44.27 3.15
C LEU B 265 -19.33 44.22 3.06
N ASP B 266 -19.82 43.40 2.13
CA ASP B 266 -21.25 43.25 1.88
C ASP B 266 -21.99 42.70 3.11
N TYR B 267 -21.23 42.09 4.01
CA TYR B 267 -21.79 41.50 5.22
C TYR B 267 -22.48 42.54 6.11
N ILE B 268 -21.90 43.74 6.21
CA ILE B 268 -22.47 44.80 7.02
C ILE B 268 -23.91 45.09 6.61
N LEU B 269 -24.19 44.97 5.32
CA LEU B 269 -25.52 45.23 4.80
C LEU B 269 -26.41 43.99 4.93
N GLY B 270 -25.77 42.83 5.12
CA GLY B 270 -26.49 41.59 5.26
C GLY B 270 -26.62 41.15 6.72
N TRP B 271 -25.87 41.81 7.59
CA TRP B 271 -25.90 41.48 9.02
C TRP B 271 -27.35 41.52 9.51
N PRO B 272 -27.65 40.94 10.68
CA PRO B 272 -29.03 41.05 11.23
C PRO B 272 -29.58 42.47 11.33
N ILE B 273 -28.73 43.49 11.45
CA ILE B 273 -29.16 44.90 11.32
C ILE B 273 -29.38 45.15 9.80
N PRO B 274 -30.47 45.84 9.42
CA PRO B 274 -31.44 46.60 10.21
C PRO B 274 -32.45 45.85 11.04
N TYR B 275 -33.06 46.62 11.93
CA TYR B 275 -34.14 46.13 12.77
C TYR B 275 -35.38 45.80 11.92
N ILE B 276 -35.63 46.58 10.85
CA ILE B 276 -36.84 46.43 10.04
C ILE B 276 -36.55 45.61 8.80
N ASN B 277 -37.37 44.59 8.56
CA ASN B 277 -37.54 43.88 7.29
C ASN B 277 -36.38 42.97 6.91
N TRP B 278 -35.35 42.84 7.74
CA TRP B 278 -34.18 42.03 7.41
C TRP B 278 -33.87 41.07 8.54
N ARG B 279 -33.77 39.78 8.20
CA ARG B 279 -33.36 38.76 9.16
C ARG B 279 -31.85 38.70 9.31
N GLY B 280 -31.11 39.00 8.24
CA GLY B 280 -29.66 38.97 8.25
C GLY B 280 -29.15 37.74 7.53
N LEU B 281 -28.27 37.93 6.53
CA LEU B 281 -27.66 36.81 5.83
C LEU B 281 -26.17 36.73 6.11
N PRO B 282 -25.88 36.34 7.32
CA PRO B 282 -24.43 36.35 7.55
C PRO B 282 -23.70 35.53 6.51
N ILE B 283 -24.32 34.61 5.89
CA ILE B 283 -23.66 33.67 5.00
C ILE B 283 -22.91 34.38 3.87
N LEU B 284 -23.24 35.64 3.65
CA LEU B 284 -22.56 36.44 2.63
C LEU B 284 -21.05 36.47 2.89
N ARG B 285 -20.66 36.41 4.16
CA ARG B 285 -19.25 36.48 4.51
C ARG B 285 -18.44 35.38 3.84
N LEU B 286 -19.15 34.39 3.28
CA LEU B 286 -18.48 33.26 2.63
C LEU B 286 -17.52 33.72 1.55
N ASN B 287 -17.75 34.93 1.01
CA ASN B 287 -16.87 35.40 -0.07
C ASN B 287 -15.41 35.55 0.39
N ARG B 288 -15.21 35.55 1.71
CA ARG B 288 -13.87 35.73 2.27
C ARG B 288 -13.07 34.45 2.15
N LEU B 289 -13.77 33.38 1.83
CA LEU B 289 -13.17 32.06 1.85
C LEU B 289 -12.28 31.86 0.64
N ILE B 290 -12.37 32.77 -0.31
CA ILE B 290 -11.61 32.61 -1.54
C ILE B 290 -10.14 33.04 -1.42
N ARG B 291 -9.69 33.41 -0.20
CA ARG B 291 -8.26 33.76 -0.03
C ARG B 291 -7.43 32.57 0.38
N TYR B 292 -8.01 31.39 0.23
CA TYR B 292 -7.43 30.18 0.78
C TYR B 292 -5.99 29.97 0.36
N LYS B 293 -5.60 30.50 -0.80
CA LYS B 293 -4.26 30.26 -1.30
C LYS B 293 -3.22 30.67 -0.26
N ARG B 294 -3.48 31.78 0.42
CA ARG B 294 -2.52 32.29 1.41
C ARG B 294 -2.31 31.24 2.50
N VAL B 295 -3.42 30.70 2.99
CA VAL B 295 -3.39 29.68 4.03
C VAL B 295 -2.59 28.46 3.59
N ARG B 296 -2.76 28.03 2.34
CA ARG B 296 -2.00 26.89 1.87
C ARG B 296 -0.53 27.22 1.95
N ASN B 297 -0.16 28.40 1.42
CA ASN B 297 1.23 28.82 1.40
C ASN B 297 1.82 28.92 2.79
N CYS B 298 0.96 29.03 3.79
CA CYS B 298 1.38 28.97 5.18
C CYS B 298 1.70 27.54 5.61
N LEU B 299 0.71 26.64 5.48
CA LEU B 299 0.86 25.28 5.95
C LEU B 299 2.01 24.59 5.27
N GLU B 300 2.10 24.76 3.96
CA GLU B 300 3.22 24.21 3.20
C GLU B 300 4.55 24.61 3.81
N ARG B 301 4.63 25.86 4.27
CA ARG B 301 5.87 26.41 4.78
C ARG B 301 6.06 26.09 6.25
N THR B 302 5.01 25.61 6.91
CA THR B 302 5.11 25.26 8.32
C THR B 302 5.62 23.83 8.49
N GLU B 303 5.21 22.94 7.61
CA GLU B 303 5.73 21.59 7.63
C GLU B 303 7.22 21.65 7.47
N THR B 304 7.67 22.42 6.50
CA THR B 304 9.09 22.49 6.17
C THR B 304 9.91 23.19 7.26
N ARG B 305 9.23 23.82 8.22
CA ARG B 305 9.92 24.41 9.37
C ARG B 305 9.96 23.47 10.56
N SER B 306 8.84 22.81 10.84
CA SER B 306 8.68 22.06 12.08
C SER B 306 9.76 21.02 12.28
N SER B 307 10.30 21.00 13.49
CA SER B 307 11.29 20.00 13.86
C SER B 307 10.67 18.62 13.69
N MET B 308 9.50 18.43 14.31
CA MET B 308 8.75 17.17 14.17
C MET B 308 7.56 17.36 13.25
N PRO B 309 7.75 17.08 11.96
CA PRO B 309 6.76 17.38 10.93
C PRO B 309 5.51 16.58 11.13
N ASN B 310 5.67 15.28 11.30
CA ASN B 310 4.54 14.37 11.28
C ASN B 310 3.57 14.65 12.42
N ALA B 311 4.10 15.32 13.44
CA ALA B 311 3.27 15.82 14.53
C ALA B 311 2.24 16.81 14.02
N PHE B 312 2.77 17.92 13.50
CA PHE B 312 2.00 18.97 12.89
C PHE B 312 1.08 18.42 11.80
N ARG B 313 1.65 17.54 10.99
CA ARG B 313 0.96 16.99 9.84
C ARG B 313 -0.24 16.15 10.28
N VAL B 314 -0.18 15.58 11.46
CA VAL B 314 -1.35 14.86 11.97
C VAL B 314 -2.35 15.80 12.63
N VAL B 315 -1.86 16.77 13.38
CA VAL B 315 -2.73 17.78 13.97
C VAL B 315 -3.63 18.48 12.94
N VAL B 316 -3.00 18.91 11.85
CA VAL B 316 -3.72 19.51 10.74
C VAL B 316 -4.89 18.65 10.29
N VAL B 317 -4.61 17.39 10.03
CA VAL B 317 -5.63 16.48 9.54
C VAL B 317 -6.76 16.33 10.54
N VAL B 318 -6.44 16.30 11.83
CA VAL B 318 -7.50 16.27 12.83
C VAL B 318 -8.39 17.52 12.75
N TRP B 319 -7.79 18.68 12.48
CA TRP B 319 -8.59 19.87 12.23
C TRP B 319 -9.49 19.71 11.01
N TYR B 320 -8.97 19.19 9.90
CA TYR B 320 -9.83 18.95 8.74
C TYR B 320 -11.04 18.18 9.18
N ILE B 321 -10.82 17.05 9.85
CA ILE B 321 -11.95 16.21 10.22
C ILE B 321 -12.95 16.98 11.03
N VAL B 322 -12.46 17.80 11.95
CA VAL B 322 -13.39 18.53 12.81
C VAL B 322 -14.19 19.62 12.09
N ILE B 323 -13.56 20.32 11.16
CA ILE B 323 -14.29 21.34 10.41
C ILE B 323 -15.31 20.66 9.49
N ILE B 324 -14.89 19.56 8.88
CA ILE B 324 -15.76 18.83 7.99
C ILE B 324 -17.00 18.42 8.72
N ILE B 325 -16.77 17.76 9.84
CA ILE B 325 -17.83 17.25 10.67
C ILE B 325 -18.70 18.40 11.10
N HIS B 326 -18.04 19.51 11.35
CA HIS B 326 -18.74 20.71 11.78
C HIS B 326 -19.76 21.16 10.73
N TRP B 327 -19.25 21.57 9.57
CA TRP B 327 -20.10 22.04 8.50
C TRP B 327 -21.22 21.06 8.33
N ASN B 328 -20.87 19.78 8.29
CA ASN B 328 -21.91 18.81 8.02
C ASN B 328 -22.96 18.82 9.08
N ALA B 329 -22.56 19.11 10.31
CA ALA B 329 -23.52 19.15 11.38
C ALA B 329 -24.46 20.29 11.10
N CYS B 330 -23.87 21.42 10.75
CA CYS B 330 -24.66 22.60 10.43
C CYS B 330 -25.65 22.31 9.33
N LEU B 331 -25.22 21.49 8.39
CA LEU B 331 -26.08 21.11 7.31
C LEU B 331 -27.23 20.33 7.85
N TYR B 332 -26.95 19.38 8.75
CA TYR B 332 -28.04 18.63 9.31
C TYR B 332 -29.00 19.62 9.91
N PHE B 333 -28.48 20.57 10.66
CA PHE B 333 -29.38 21.41 11.43
C PHE B 333 -30.20 22.39 10.59
N TRP B 334 -29.59 22.87 9.53
CA TRP B 334 -30.19 23.79 8.58
C TRP B 334 -31.33 23.10 7.89
N ILE B 335 -31.03 21.91 7.36
CA ILE B 335 -32.00 21.12 6.63
C ILE B 335 -33.11 20.76 7.56
N SER B 336 -32.76 20.66 8.82
CA SER B 336 -33.72 20.32 9.83
C SER B 336 -34.56 21.52 10.23
N GLU B 337 -34.06 22.71 9.92
CA GLU B 337 -34.83 23.91 10.16
C GLU B 337 -35.80 24.10 9.01
N TRP B 338 -35.27 23.86 7.81
CA TRP B 338 -36.01 24.04 6.57
C TRP B 338 -37.23 23.14 6.53
N ILE B 339 -37.05 21.87 6.82
CA ILE B 339 -38.18 21.04 7.12
C ILE B 339 -38.66 21.52 8.48
N GLY B 340 -39.94 21.36 8.77
CA GLY B 340 -40.50 21.80 10.05
C GLY B 340 -39.84 21.19 11.29
N LEU B 341 -39.31 22.03 12.18
CA LEU B 341 -38.49 21.51 13.28
C LEU B 341 -39.33 20.96 14.43
N GLY B 342 -39.38 19.64 14.53
CA GLY B 342 -40.31 18.99 15.44
C GLY B 342 -41.57 18.60 14.67
N THR B 343 -41.40 18.10 13.46
CA THR B 343 -42.54 17.60 12.72
C THR B 343 -42.39 16.11 12.37
N ASP B 344 -41.21 15.54 12.62
CA ASP B 344 -41.01 14.09 12.40
C ASP B 344 -39.81 13.56 13.17
N ALA B 345 -39.54 12.27 12.97
CA ALA B 345 -38.58 11.53 13.79
C ALA B 345 -37.15 11.58 13.26
N TRP B 346 -36.89 12.49 12.33
CA TRP B 346 -35.56 12.58 11.78
C TRP B 346 -35.00 13.96 11.92
N VAL B 347 -35.90 14.92 11.99
CA VAL B 347 -35.50 16.29 12.17
C VAL B 347 -35.30 16.63 13.66
N TYR B 348 -34.22 17.33 14.02
CA TYR B 348 -33.92 17.64 15.42
C TYR B 348 -35.15 18.13 16.11
N GLY B 349 -35.41 17.67 17.33
CA GLY B 349 -36.55 18.17 18.06
C GLY B 349 -37.31 17.05 18.73
N HIS B 350 -38.34 17.41 19.49
CA HIS B 350 -38.97 16.51 20.47
C HIS B 350 -39.45 15.18 19.89
N LEU B 351 -39.68 15.20 18.56
CA LEU B 351 -40.15 14.03 17.77
C LEU B 351 -39.26 12.85 17.64
N ASN B 352 -38.00 13.18 17.56
CA ASN B 352 -37.07 12.07 17.72
C ASN B 352 -36.55 12.15 19.15
N LYS B 353 -36.82 11.11 19.90
CA LYS B 353 -36.46 11.11 21.29
C LYS B 353 -34.94 10.98 21.44
N GLN B 354 -34.21 10.85 20.36
CA GLN B 354 -32.77 10.75 20.52
C GLN B 354 -32.18 12.08 21.01
N SER B 355 -32.64 13.20 20.44
CA SER B 355 -32.06 14.51 20.77
C SER B 355 -32.61 15.12 22.03
N LEU B 356 -33.93 15.05 22.19
CA LEU B 356 -34.58 15.53 23.42
C LEU B 356 -35.13 14.34 24.21
N PRO B 357 -34.27 13.66 24.96
CA PRO B 357 -34.83 12.71 25.93
C PRO B 357 -35.60 13.54 26.92
N ASP B 358 -36.62 12.98 27.56
CA ASP B 358 -37.57 13.79 28.34
C ASP B 358 -36.97 14.80 29.39
N ASP B 359 -35.97 14.40 30.16
CA ASP B 359 -35.42 15.29 31.19
C ASP B 359 -34.42 16.35 30.69
N ILE B 360 -33.90 16.23 29.47
CA ILE B 360 -33.01 17.28 28.95
C ILE B 360 -33.77 18.53 28.49
N THR B 361 -33.24 19.69 28.88
CA THR B 361 -33.78 21.00 28.51
C THR B 361 -33.25 21.42 27.14
N ASP B 362 -34.09 22.07 26.34
CA ASP B 362 -33.68 22.56 25.01
C ASP B 362 -32.81 23.81 25.04
N THR B 363 -31.73 23.81 24.26
CA THR B 363 -30.77 24.93 24.22
C THR B 363 -30.02 25.04 22.95
N LEU B 364 -29.23 26.11 22.84
CA LEU B 364 -28.34 26.22 21.72
C LEU B 364 -27.34 25.10 21.86
N LEU B 365 -26.82 24.97 23.07
CA LEU B 365 -25.74 24.02 23.28
C LEU B 365 -26.15 22.63 22.84
N ARG B 366 -27.37 22.24 23.19
CA ARG B 366 -27.89 20.93 22.86
C ARG B 366 -27.85 20.74 21.36
N ARG B 367 -28.41 21.71 20.62
CA ARG B 367 -28.52 21.62 19.17
C ARG B 367 -27.16 21.42 18.56
N TYR B 368 -26.18 22.22 18.97
CA TYR B 368 -24.90 22.03 18.36
C TYR B 368 -24.34 20.72 18.76
N VAL B 369 -24.57 20.32 19.99
CA VAL B 369 -24.02 19.05 20.45
C VAL B 369 -24.56 17.87 19.64
N TYR B 370 -25.88 17.75 19.56
CA TYR B 370 -26.53 16.64 18.90
C TYR B 370 -26.26 16.60 17.43
N SER B 371 -26.23 17.78 16.84
CA SER B 371 -25.93 17.87 15.46
C SER B 371 -24.51 17.49 15.23
N PHE B 372 -23.63 17.81 16.15
CA PHE B 372 -22.28 17.37 15.94
C PHE B 372 -22.16 15.88 16.05
N TYR B 373 -22.88 15.30 16.98
CA TYR B 373 -22.86 13.86 17.18
C TYR B 373 -23.37 13.17 15.92
N TRP B 374 -24.52 13.63 15.44
CA TRP B 374 -25.15 13.10 14.25
C TRP B 374 -24.22 13.10 13.09
N SER B 375 -23.59 14.22 12.85
CA SER B 375 -22.65 14.26 11.79
C SER B 375 -21.51 13.33 12.00
N THR B 376 -21.12 13.12 13.25
CA THR B 376 -20.00 12.25 13.49
C THR B 376 -20.32 10.87 12.99
N LEU B 377 -21.48 10.36 13.42
CA LEU B 377 -21.89 9.03 13.02
C LEU B 377 -22.04 8.93 11.49
N ILE B 378 -22.92 9.72 10.89
CA ILE B 378 -23.13 9.63 9.44
C ILE B 378 -21.84 9.75 8.64
N LEU B 379 -20.91 10.56 9.09
CA LEU B 379 -19.68 10.65 8.34
C LEU B 379 -18.70 9.55 8.66
N THR B 380 -18.90 8.80 9.72
CA THR B 380 -18.03 7.63 9.93
C THR B 380 -18.81 6.31 9.92
N THR B 381 -20.02 6.38 9.36
CA THR B 381 -20.82 5.21 9.02
C THR B 381 -20.92 4.24 10.16
N ILE B 382 -21.16 4.75 11.34
CA ILE B 382 -21.65 3.90 12.37
C ILE B 382 -23.10 3.88 12.13
N GLY B 383 -23.65 5.06 11.97
CA GLY B 383 -25.03 5.19 11.59
C GLY B 383 -25.99 4.62 12.59
N GLU B 384 -25.89 5.07 13.82
CA GLU B 384 -26.82 4.64 14.87
C GLU B 384 -27.85 5.76 15.14
N VAL B 385 -28.48 6.19 14.05
CA VAL B 385 -29.30 7.38 14.00
C VAL B 385 -30.69 7.15 13.47
N PRO B 386 -31.73 7.69 14.12
CA PRO B 386 -33.13 7.54 13.72
C PRO B 386 -33.29 7.67 12.22
N SER B 387 -34.09 6.78 11.63
CA SER B 387 -34.13 6.62 10.19
C SER B 387 -35.03 7.63 9.47
N PRO B 388 -34.63 8.04 8.26
CA PRO B 388 -35.30 9.03 7.41
C PRO B 388 -36.80 8.78 7.20
N VAL B 389 -37.56 9.88 7.18
CA VAL B 389 -39.01 9.78 7.07
C VAL B 389 -39.65 10.52 5.88
N ARG B 390 -38.87 11.31 5.15
CA ARG B 390 -39.40 12.00 3.96
C ARG B 390 -38.44 11.80 2.80
N ASN B 391 -38.98 11.74 1.58
CA ASN B 391 -38.18 11.36 0.40
C ASN B 391 -36.97 12.29 0.28
N ILE B 392 -37.21 13.54 0.65
CA ILE B 392 -36.19 14.57 0.66
C ILE B 392 -35.05 14.21 1.62
N GLU B 393 -35.39 13.63 2.75
CA GLU B 393 -34.38 13.30 3.72
C GLU B 393 -33.54 12.14 3.23
N TYR B 394 -34.16 11.13 2.62
CA TYR B 394 -33.46 9.98 2.04
C TYR B 394 -32.47 10.48 1.07
N ALA B 395 -32.94 11.45 0.30
CA ALA B 395 -32.08 12.11 -0.64
C ALA B 395 -30.88 12.58 0.15
N PHE B 396 -31.16 13.24 1.26
CA PHE B 396 -30.06 13.80 2.00
C PHE B 396 -29.10 12.74 2.54
N VAL B 397 -29.59 12.00 3.51
CA VAL B 397 -28.86 10.94 4.20
C VAL B 397 -28.09 10.00 3.27
N THR B 398 -28.64 9.68 2.10
CA THR B 398 -27.88 8.88 1.14
C THR B 398 -26.76 9.67 0.56
N LEU B 399 -27.06 10.91 0.20
CA LEU B 399 -26.04 11.75 -0.35
C LEU B 399 -24.91 11.80 0.65
N ASP B 400 -25.30 11.97 1.91
CA ASP B 400 -24.38 12.28 2.97
C ASP B 400 -23.57 11.01 3.36
N LEU B 401 -24.22 9.84 3.30
CA LEU B 401 -23.63 8.54 3.64
C LEU B 401 -22.61 8.16 2.62
N MET B 402 -22.95 8.34 1.35
CA MET B 402 -22.00 8.08 0.26
C MET B 402 -20.83 9.03 0.36
N CYS B 403 -21.17 10.30 0.53
CA CYS B 403 -20.20 11.35 0.77
C CYS B 403 -19.23 10.98 1.85
N GLY B 404 -19.72 10.27 2.86
CA GLY B 404 -18.88 9.85 3.96
C GLY B 404 -18.04 8.65 3.61
N VAL B 405 -18.63 7.64 3.00
CA VAL B 405 -17.89 6.43 2.64
C VAL B 405 -16.78 6.74 1.64
N LEU B 406 -16.86 7.88 0.96
CA LEU B 406 -15.70 8.27 0.15
C LEU B 406 -14.79 9.26 0.90
N ILE B 407 -15.32 10.42 1.28
CA ILE B 407 -14.54 11.41 2.03
C ILE B 407 -13.72 10.82 3.18
N PHE B 408 -14.38 10.10 4.07
CA PHE B 408 -13.69 9.62 5.25
C PHE B 408 -12.84 8.41 5.03
N ALA B 409 -13.22 7.63 4.03
CA ALA B 409 -12.38 6.56 3.58
C ALA B 409 -11.02 7.14 3.29
N THR B 410 -10.97 8.07 2.34
CA THR B 410 -9.68 8.65 2.02
C THR B 410 -9.00 9.28 3.25
N ILE B 411 -9.72 10.13 3.98
CA ILE B 411 -9.13 10.85 5.11
C ILE B 411 -8.41 9.95 6.11
N VAL B 412 -9.11 8.94 6.58
CA VAL B 412 -8.57 8.04 7.60
C VAL B 412 -7.58 7.03 7.00
N GLY B 413 -7.74 6.76 5.71
CA GLY B 413 -6.71 6.06 4.97
C GLY B 413 -5.48 6.90 4.71
N ASN B 414 -5.54 8.17 5.11
CA ASN B 414 -4.34 9.00 5.11
C ASN B 414 -3.73 9.14 6.47
N VAL B 415 -4.57 9.22 7.51
CA VAL B 415 -4.04 9.26 8.87
C VAL B 415 -3.28 7.98 9.14
N GLY B 416 -3.86 6.88 8.69
CA GLY B 416 -3.17 5.61 8.75
C GLY B 416 -1.83 5.64 8.03
N SER B 417 -1.81 6.14 6.79
CA SER B 417 -0.58 6.21 6.00
C SER B 417 0.47 7.12 6.64
N MET B 418 0.01 8.09 7.39
CA MET B 418 0.88 9.07 8.01
C MET B 418 1.57 8.44 9.18
N ILE B 419 0.79 7.82 10.04
CA ILE B 419 1.34 7.09 11.19
C ILE B 419 2.13 5.84 10.70
N SER B 420 1.88 5.46 9.45
CA SER B 420 2.63 4.41 8.76
C SER B 420 4.06 4.84 8.43
N ASN B 421 4.19 5.76 7.47
CA ASN B 421 5.51 6.20 7.04
C ASN B 421 6.34 6.74 8.20
N MET B 422 5.66 7.21 9.24
CA MET B 422 6.32 7.53 10.49
C MET B 422 6.85 6.24 11.10
N SER B 423 8.17 6.19 11.28
CA SER B 423 8.93 4.96 11.61
C SER B 423 8.81 3.93 10.49
N ALA B 424 9.23 4.33 9.29
CA ALA B 424 9.30 3.43 8.16
C ALA B 424 10.74 2.98 8.06
N ALA B 425 11.59 3.68 8.82
CA ALA B 425 12.97 3.29 8.97
C ALA B 425 13.01 1.91 9.61
N ARG B 426 12.36 1.87 10.77
CA ARG B 426 12.25 0.67 11.57
C ARG B 426 11.59 -0.50 10.81
N THR B 427 10.55 -0.21 10.08
CA THR B 427 9.91 -1.20 9.23
C THR B 427 10.86 -1.77 8.18
N GLU B 428 11.59 -0.89 7.51
CA GLU B 428 12.54 -1.36 6.51
C GLU B 428 13.55 -2.29 7.16
N PHE B 429 14.00 -1.88 8.33
CA PHE B 429 15.00 -2.62 9.09
C PHE B 429 14.56 -4.04 9.43
N GLN B 430 13.41 -4.15 10.08
CA GLN B 430 12.87 -5.45 10.45
C GLN B 430 12.64 -6.31 9.21
N ASN B 431 12.29 -5.68 8.11
CA ASN B 431 12.19 -6.41 6.85
C ASN B 431 13.52 -7.07 6.48
N LYS B 432 14.57 -6.26 6.39
CA LYS B 432 15.90 -6.75 5.99
C LYS B 432 16.34 -7.90 6.88
N MET B 433 16.17 -7.66 8.18
CA MET B 433 16.62 -8.63 9.17
C MET B 433 15.87 -9.95 9.08
N ASP B 434 14.55 -9.87 9.02
CA ASP B 434 13.75 -11.07 8.94
C ASP B 434 14.12 -11.88 7.71
N GLY B 435 14.41 -11.17 6.63
CA GLY B 435 14.95 -11.84 5.46
C GLY B 435 16.17 -12.65 5.88
N ILE B 436 17.14 -11.98 6.50
CA ILE B 436 18.38 -12.65 6.89
C ILE B 436 18.19 -13.89 7.75
N LYS B 437 17.44 -13.73 8.83
CA LYS B 437 17.19 -14.83 9.76
C LYS B 437 16.51 -15.99 9.04
N GLN B 438 15.51 -15.69 8.22
CA GLN B 438 14.88 -16.71 7.40
C GLN B 438 15.91 -17.50 6.62
N TYR B 439 16.76 -16.78 5.90
CA TYR B 439 17.81 -17.39 5.08
C TYR B 439 18.67 -18.34 5.89
N MET B 440 19.07 -17.93 7.09
CA MET B 440 19.90 -18.79 7.94
C MET B 440 19.21 -20.01 8.53
N GLU B 441 17.90 -19.91 8.80
CA GLU B 441 17.15 -21.06 9.29
C GLU B 441 16.99 -22.13 8.24
N LEU B 442 16.63 -21.69 7.04
CA LEU B 442 16.40 -22.66 5.97
C LEU B 442 17.68 -23.38 5.58
N ARG B 443 18.78 -22.66 5.47
CA ARG B 443 20.03 -23.25 5.02
C ARG B 443 20.85 -23.89 6.12
N LYS B 444 20.32 -23.90 7.34
CA LYS B 444 20.92 -24.65 8.44
C LYS B 444 22.36 -24.29 8.79
N VAL B 445 22.68 -23.00 8.70
CA VAL B 445 23.96 -22.46 9.14
C VAL B 445 24.18 -22.78 10.64
N SER B 446 25.41 -22.66 11.14
CA SER B 446 25.71 -22.90 12.55
C SER B 446 24.96 -21.97 13.51
N LYS B 447 25.12 -22.21 14.80
CA LYS B 447 24.51 -21.35 15.82
C LYS B 447 25.40 -20.18 16.16
N GLN B 448 26.70 -20.44 16.21
CA GLN B 448 27.67 -19.42 16.53
C GLN B 448 27.64 -18.27 15.50
N LEU B 449 27.62 -18.63 14.23
CA LEU B 449 27.58 -17.63 13.17
C LEU B 449 26.30 -16.80 13.19
N GLU B 450 25.18 -17.48 13.38
CA GLU B 450 23.88 -16.81 13.43
C GLU B 450 23.78 -15.82 14.59
N ILE B 451 24.20 -16.28 15.76
CA ILE B 451 24.26 -15.39 16.90
C ILE B 451 25.10 -14.17 16.58
N ARG B 452 26.31 -14.41 16.06
CA ARG B 452 27.23 -13.33 15.76
C ARG B 452 26.57 -12.29 14.85
N VAL B 453 25.89 -12.76 13.81
CA VAL B 453 25.16 -11.86 12.90
C VAL B 453 24.13 -11.02 13.62
N ILE B 454 23.27 -11.68 14.39
CA ILE B 454 22.20 -10.93 15.02
C ILE B 454 22.75 -9.93 16.04
N LYS B 455 23.89 -10.24 16.64
CA LYS B 455 24.57 -9.26 17.48
C LYS B 455 25.04 -8.05 16.66
N TRP B 456 25.59 -8.33 15.47
CA TRP B 456 25.95 -7.25 14.56
C TRP B 456 24.78 -6.33 14.27
N PHE B 457 23.63 -6.91 13.95
CA PHE B 457 22.49 -6.07 13.68
C PHE B 457 22.08 -5.29 14.91
N ASP B 458 22.06 -5.95 16.06
CA ASP B 458 21.67 -5.29 17.30
C ASP B 458 22.49 -4.03 17.54
N TYR B 459 23.81 -4.17 17.57
CA TYR B 459 24.68 -3.01 17.78
C TYR B 459 24.55 -2.00 16.66
N LEU B 460 24.24 -2.48 15.46
CA LEU B 460 24.06 -1.58 14.32
C LEU B 460 22.85 -0.68 14.55
N TRP B 461 21.86 -1.17 15.28
CA TRP B 461 20.62 -0.42 15.44
C TRP B 461 20.51 0.28 16.77
N THR B 462 21.31 -0.13 17.74
CA THR B 462 21.31 0.55 19.02
C THR B 462 22.17 1.82 18.98
N ASN B 463 22.94 1.99 17.91
CA ASN B 463 23.72 3.19 17.77
C ASN B 463 23.09 4.18 16.81
N LYS B 464 22.21 3.67 15.96
CA LYS B 464 21.45 4.50 15.04
C LYS B 464 22.37 5.28 14.10
N GLN B 465 23.62 4.84 13.98
CA GLN B 465 24.57 5.34 12.99
C GLN B 465 24.38 4.56 11.70
N SER B 466 23.35 3.71 11.73
CA SER B 466 22.97 2.80 10.64
C SER B 466 22.42 3.51 9.41
N LEU B 467 22.11 4.79 9.56
CA LEU B 467 21.62 5.61 8.45
C LEU B 467 22.61 5.61 7.30
N SER B 468 22.23 5.01 6.18
CA SER B 468 23.10 4.92 5.00
C SER B 468 23.40 6.29 4.39
N ASP B 469 22.68 7.30 4.86
CA ASP B 469 22.85 8.68 4.45
C ASP B 469 22.57 8.84 2.97
N GLN B 470 22.02 7.80 2.33
CA GLN B 470 21.72 7.87 0.91
C GLN B 470 20.62 8.91 0.65
N GLN B 471 19.96 9.33 1.74
CA GLN B 471 19.06 10.45 1.66
C GLN B 471 19.81 11.69 1.26
N VAL B 472 20.80 12.03 2.09
CA VAL B 472 21.63 13.20 1.86
C VAL B 472 22.28 13.13 0.50
N LEU B 473 22.74 11.93 0.16
CA LEU B 473 23.43 11.68 -1.10
C LEU B 473 22.51 12.08 -2.24
N LYS B 474 21.44 11.32 -2.38
CA LYS B 474 20.61 11.43 -3.55
C LYS B 474 19.92 12.80 -3.63
N VAL B 475 19.17 13.16 -2.58
CA VAL B 475 18.20 14.26 -2.71
C VAL B 475 18.93 15.61 -2.86
N LEU B 476 20.03 15.78 -2.15
CA LEU B 476 20.65 17.09 -1.99
C LEU B 476 21.53 17.46 -3.17
N PRO B 477 21.90 18.74 -3.30
CA PRO B 477 22.95 19.13 -4.25
C PRO B 477 24.28 18.60 -3.75
N ASP B 478 25.21 18.42 -4.67
CA ASP B 478 26.49 17.86 -4.26
C ASP B 478 27.18 18.73 -3.22
N LYS B 479 27.10 20.05 -3.36
CA LYS B 479 27.81 20.93 -2.44
C LYS B 479 27.31 20.78 -1.01
N LEU B 480 26.00 20.66 -0.84
CA LEU B 480 25.42 20.53 0.50
C LEU B 480 25.88 19.23 1.18
N GLN B 481 25.97 18.12 0.44
CA GLN B 481 26.58 16.92 1.00
C GLN B 481 27.95 17.23 1.58
N ALA B 482 28.78 17.97 0.93
CA ALA B 482 30.13 18.31 1.35
C ALA B 482 30.14 19.03 2.69
N GLU B 483 29.34 20.09 2.84
CA GLU B 483 29.34 20.89 4.06
C GLU B 483 28.72 20.14 5.25
N ILE B 484 27.62 19.45 5.02
CA ILE B 484 27.02 18.60 6.05
C ILE B 484 28.03 17.61 6.62
N ALA B 485 28.60 16.78 5.75
CA ALA B 485 29.51 15.74 6.19
C ALA B 485 30.75 16.36 6.80
N MET B 486 31.06 17.55 6.31
CA MET B 486 32.15 18.32 6.87
C MET B 486 31.90 18.55 8.34
N GLN B 487 30.84 19.25 8.66
CA GLN B 487 30.50 19.53 10.05
C GLN B 487 30.44 18.26 10.88
N VAL B 488 29.70 17.27 10.40
CA VAL B 488 29.47 16.06 11.19
C VAL B 488 30.77 15.36 11.58
N HIS B 489 31.58 15.02 10.58
CA HIS B 489 32.76 14.23 10.86
C HIS B 489 33.94 15.14 11.20
N PHE B 490 33.65 16.42 11.42
CA PHE B 490 34.68 17.46 11.50
C PHE B 490 35.72 17.16 12.55
N GLU B 491 35.27 16.92 13.77
CA GLU B 491 36.19 16.66 14.86
C GLU B 491 36.95 15.35 14.63
N THR B 492 36.29 14.35 14.08
CA THR B 492 36.90 13.03 13.90
C THR B 492 38.03 13.09 12.88
N LEU B 493 37.81 13.82 11.80
CA LEU B 493 38.84 13.98 10.78
C LEU B 493 39.89 14.99 11.18
N ARG B 494 39.51 15.92 12.05
CA ARG B 494 40.41 16.96 12.53
C ARG B 494 41.71 16.37 13.12
N LYS B 495 41.63 15.11 13.55
CA LYS B 495 42.78 14.40 14.08
C LYS B 495 43.26 13.29 13.13
N VAL B 496 43.48 13.65 11.86
CA VAL B 496 44.04 12.73 10.88
C VAL B 496 45.30 13.34 10.27
N ARG B 497 46.38 12.57 10.19
CA ARG B 497 47.61 13.07 9.60
C ARG B 497 47.41 13.52 8.17
N ILE B 498 46.92 12.61 7.34
CA ILE B 498 46.82 12.81 5.89
C ILE B 498 46.05 14.08 5.49
N PHE B 499 44.86 14.29 6.06
CA PHE B 499 44.06 15.46 5.70
C PHE B 499 44.63 16.79 6.17
N GLN B 500 45.20 16.78 7.38
CA GLN B 500 45.77 17.99 7.97
C GLN B 500 47.05 18.44 7.28
N ASP B 501 47.87 17.47 6.89
CA ASP B 501 49.17 17.77 6.29
C ASP B 501 49.08 18.48 4.93
N CYS B 502 48.21 18.00 4.04
CA CYS B 502 48.07 18.59 2.72
C CYS B 502 47.35 19.92 2.80
N GLU B 503 47.97 20.95 2.24
CA GLU B 503 47.42 22.29 2.24
C GLU B 503 46.11 22.33 1.48
N ALA B 504 46.05 21.57 0.39
CA ALA B 504 44.86 21.53 -0.44
C ALA B 504 43.66 21.01 0.34
N GLY B 505 42.48 21.56 0.03
CA GLY B 505 41.25 21.01 0.55
C GLY B 505 40.89 19.81 -0.30
N LEU B 506 41.79 18.82 -0.34
CA LEU B 506 41.53 17.57 -1.06
C LEU B 506 40.45 16.81 -0.33
N LEU B 507 40.43 16.98 0.99
CA LEU B 507 39.43 16.38 1.85
C LEU B 507 38.06 16.65 1.28
N ALA B 508 37.87 17.89 0.84
CA ALA B 508 36.65 18.29 0.18
C ALA B 508 36.23 17.31 -0.94
N GLU B 509 37.20 16.61 -1.52
CA GLU B 509 36.87 15.62 -2.53
C GLU B 509 36.41 14.30 -1.90
N LEU B 510 37.22 13.82 -0.96
CA LEU B 510 37.07 12.47 -0.42
C LEU B 510 35.88 12.29 0.48
N VAL B 511 35.47 13.39 1.12
CA VAL B 511 34.34 13.34 2.03
C VAL B 511 33.10 12.84 1.34
N LEU B 512 32.98 13.16 0.06
CA LEU B 512 31.81 12.75 -0.69
C LEU B 512 31.73 11.22 -0.78
N LYS B 513 32.89 10.57 -0.88
CA LYS B 513 32.95 9.13 -1.07
C LYS B 513 33.75 8.42 0.00
N LEU B 514 33.17 8.36 1.20
CA LEU B 514 33.65 7.50 2.28
C LEU B 514 32.45 6.73 2.82
N GLN B 515 32.60 5.44 2.98
CA GLN B 515 31.48 4.66 3.47
C GLN B 515 31.78 4.03 4.82
N LEU B 516 30.89 4.24 5.78
CA LEU B 516 31.11 3.71 7.12
C LEU B 516 30.74 2.24 7.25
N GLN B 517 31.73 1.44 7.60
CA GLN B 517 31.54 0.01 7.79
C GLN B 517 31.77 -0.39 9.25
N VAL B 518 30.81 -1.14 9.81
CA VAL B 518 30.90 -1.61 11.19
C VAL B 518 31.44 -3.04 11.27
N PHE B 519 32.41 -3.27 12.15
CA PHE B 519 33.00 -4.59 12.26
C PHE B 519 32.76 -5.13 13.65
N SER B 520 32.48 -6.44 13.73
CA SER B 520 32.27 -7.13 15.01
C SER B 520 33.58 -7.33 15.83
N PRO B 521 33.46 -7.48 17.17
CA PRO B 521 34.65 -7.50 18.02
C PRO B 521 35.44 -8.79 17.93
N GLY B 522 36.77 -8.65 17.89
CA GLY B 522 37.69 -9.78 17.88
C GLY B 522 37.92 -10.34 16.48
N ASP B 523 37.33 -9.69 15.48
CA ASP B 523 37.37 -10.18 14.11
C ASP B 523 38.36 -9.44 13.23
N PHE B 524 39.05 -10.20 12.39
CA PHE B 524 40.09 -9.63 11.57
C PHE B 524 39.57 -8.73 10.46
N ILE B 525 39.91 -7.45 10.57
CA ILE B 525 39.71 -6.48 9.50
C ILE B 525 40.58 -6.88 8.34
N CYS B 526 41.80 -7.30 8.69
CA CYS B 526 42.80 -7.70 7.72
C CYS B 526 43.48 -9.00 8.13
N LYS B 527 43.95 -9.75 7.14
CA LYS B 527 44.79 -10.93 7.37
C LYS B 527 46.03 -10.82 6.52
N LYS B 528 47.13 -11.32 7.04
CA LYS B 528 48.39 -11.32 6.29
C LYS B 528 48.22 -12.11 4.98
N GLY B 529 48.81 -11.59 3.90
CA GLY B 529 48.76 -12.27 2.63
C GLY B 529 47.42 -12.15 1.91
N ASP B 530 46.84 -10.95 1.96
CA ASP B 530 45.59 -10.71 1.25
C ASP B 530 45.66 -9.44 0.40
N ILE B 531 44.81 -9.40 -0.63
CA ILE B 531 44.72 -8.28 -1.55
C ILE B 531 44.20 -7.04 -0.87
N GLY B 532 44.96 -5.96 -0.97
CA GLY B 532 44.52 -4.69 -0.43
C GLY B 532 43.73 -3.94 -1.48
N ARG B 533 42.47 -3.63 -1.18
CA ARG B 533 41.62 -2.88 -2.08
C ARG B 533 41.12 -1.58 -1.42
N GLU B 534 40.98 -1.64 -0.11
CA GLU B 534 40.45 -0.51 0.63
C GLU B 534 41.49 0.02 1.61
N MET B 535 41.20 1.21 2.11
CA MET B 535 42.06 1.90 3.05
C MET B 535 41.17 2.50 4.12
N TYR B 536 41.40 2.13 5.37
CA TYR B 536 40.45 2.46 6.42
C TYR B 536 40.87 3.59 7.37
N ILE B 537 39.90 4.42 7.76
CA ILE B 537 40.13 5.43 8.78
C ILE B 537 39.12 5.24 9.90
N VAL B 538 39.64 5.14 11.11
CA VAL B 538 38.84 4.72 12.25
C VAL B 538 37.98 5.81 12.84
N LYS B 539 36.66 5.63 12.86
CA LYS B 539 35.81 6.64 13.44
C LYS B 539 35.65 6.46 14.93
N ARG B 540 35.51 5.21 15.36
CA ARG B 540 35.43 4.95 16.79
C ARG B 540 35.83 3.50 17.05
N GLY B 541 36.05 3.18 18.32
CA GLY B 541 36.57 1.89 18.73
C GLY B 541 38.09 1.95 18.69
N ARG B 542 38.74 0.91 19.22
CA ARG B 542 40.19 0.82 19.11
C ARG B 542 40.52 -0.57 18.67
N LEU B 543 41.54 -0.68 17.84
CA LEU B 543 41.92 -1.94 17.24
C LEU B 543 43.43 -2.13 17.30
N GLN B 544 43.87 -3.38 17.48
CA GLN B 544 45.29 -3.67 17.65
C GLN B 544 45.90 -4.47 16.49
N VAL B 545 47.13 -4.09 16.13
CA VAL B 545 47.94 -4.82 15.17
C VAL B 545 48.64 -6.01 15.82
N VAL B 546 48.31 -7.22 15.38
CA VAL B 546 48.86 -8.43 15.97
C VAL B 546 49.19 -9.54 14.98
N ASP B 547 50.20 -10.33 15.30
CA ASP B 547 50.60 -11.46 14.46
C ASP B 547 50.87 -12.72 15.31
N ASP B 548 50.33 -13.86 14.88
CA ASP B 548 50.54 -15.13 15.58
C ASP B 548 49.58 -15.32 16.76
N ASP B 549 48.41 -14.69 16.72
CA ASP B 549 47.38 -14.80 17.78
C ASP B 549 47.90 -14.33 19.14
N GLY B 550 48.51 -13.15 19.15
CA GLY B 550 49.15 -12.63 20.34
C GLY B 550 50.63 -12.89 20.37
N LYS B 551 51.27 -12.29 21.39
CA LYS B 551 52.70 -12.29 21.66
C LYS B 551 53.48 -11.40 20.69
N LYS B 552 52.83 -10.79 19.69
CA LYS B 552 53.46 -9.83 18.80
C LYS B 552 53.47 -8.46 19.49
N VAL B 553 53.75 -7.41 18.71
CA VAL B 553 53.64 -6.03 19.18
C VAL B 553 52.20 -5.63 18.96
N PHE B 554 51.43 -5.63 20.04
CA PHE B 554 50.04 -5.21 19.97
C PHE B 554 50.05 -3.70 19.84
N VAL B 555 49.87 -3.21 18.62
CA VAL B 555 49.89 -1.78 18.38
C VAL B 555 48.44 -1.37 18.26
N THR B 556 48.04 -0.40 19.06
CA THR B 556 46.66 0.02 19.02
C THR B 556 46.40 1.41 18.48
N LEU B 557 45.61 1.44 17.42
CA LEU B 557 45.17 2.67 16.79
C LEU B 557 43.81 3.05 17.40
N GLN B 558 43.68 4.32 17.78
CA GLN B 558 42.38 4.81 18.23
C GLN B 558 41.71 5.55 17.09
N GLU B 559 40.58 6.21 17.39
CA GLU B 559 39.87 6.93 16.35
C GLU B 559 40.77 7.98 15.72
N GLY B 560 40.49 8.31 14.48
CA GLY B 560 41.27 9.30 13.77
C GLY B 560 42.47 8.70 13.07
N SER B 561 42.87 7.51 13.51
CA SER B 561 44.04 6.88 12.94
C SER B 561 43.76 6.37 11.53
N VAL B 562 44.86 6.15 10.79
CA VAL B 562 44.83 5.73 9.40
C VAL B 562 45.64 4.46 9.16
N PHE B 563 45.03 3.48 8.50
CA PHE B 563 45.74 2.27 8.14
C PHE B 563 45.18 1.62 6.87
N GLY B 564 45.77 0.52 6.47
CA GLY B 564 45.37 -0.16 5.25
C GLY B 564 45.92 0.55 4.03
N GLU B 565 46.76 1.55 4.25
CA GLU B 565 47.25 2.39 3.16
C GLU B 565 48.47 1.83 2.43
N LEU B 566 49.18 0.88 3.04
CA LEU B 566 50.42 0.40 2.42
C LEU B 566 50.16 -0.39 1.14
N SER B 567 49.09 -1.16 1.14
CA SER B 567 48.78 -1.99 -0.02
C SER B 567 48.26 -1.18 -1.20
N ILE B 568 47.41 -0.21 -0.92
CA ILE B 568 46.83 0.62 -1.97
C ILE B 568 47.91 1.34 -2.78
N LEU B 569 48.81 2.01 -2.07
CA LEU B 569 49.96 2.65 -2.71
C LEU B 569 50.87 1.55 -3.23
N ASN B 570 51.06 1.53 -4.54
CA ASN B 570 51.81 0.46 -5.21
C ASN B 570 53.32 0.60 -5.03
N ILE B 571 53.69 0.25 -3.81
CA ILE B 571 55.10 0.27 -3.48
C ILE B 571 55.50 -1.09 -2.91
N ALA B 572 56.63 -1.67 -3.42
CA ALA B 572 57.10 -3.00 -2.99
C ALA B 572 58.63 -2.99 -2.77
N GLY B 573 59.06 -2.37 -1.67
CA GLY B 573 60.47 -2.39 -1.28
C GLY B 573 60.94 -3.75 -0.79
N SER B 574 60.07 -4.47 -0.07
CA SER B 574 60.28 -5.87 0.30
C SER B 574 59.70 -6.85 -0.73
N LYS B 575 59.06 -6.32 -1.79
CA LYS B 575 58.51 -7.06 -2.97
C LYS B 575 57.21 -7.78 -2.67
N ASN B 576 56.53 -7.44 -1.57
CA ASN B 576 55.32 -8.14 -1.15
C ASN B 576 54.15 -7.90 -2.10
N GLY B 577 54.00 -6.67 -2.59
CA GLY B 577 52.90 -6.33 -3.49
C GLY B 577 51.64 -5.93 -2.76
N ASN B 578 50.55 -5.86 -3.53
CA ASN B 578 49.22 -5.52 -3.00
C ASN B 578 48.74 -6.55 -1.97
N ARG B 579 49.69 -6.68 -1.00
CA ARG B 579 49.43 -7.64 0.06
C ARG B 579 49.41 -6.96 1.42
N ARG B 580 48.49 -7.38 2.28
CA ARG B 580 48.43 -6.87 3.65
C ARG B 580 49.67 -7.32 4.44
N THR B 581 50.48 -6.36 4.86
CA THR B 581 51.74 -6.64 5.56
C THR B 581 51.50 -7.33 6.89
N ALA B 582 50.57 -6.78 7.66
CA ALA B 582 50.21 -7.35 8.94
C ALA B 582 48.74 -7.76 8.91
N ASN B 583 48.22 -8.25 10.04
CA ASN B 583 46.78 -8.48 10.14
C ASN B 583 46.20 -7.68 11.30
N VAL B 584 45.28 -6.79 10.99
CA VAL B 584 44.71 -5.88 11.97
C VAL B 584 43.44 -6.44 12.59
N ARG B 585 43.39 -6.45 13.92
CA ARG B 585 42.25 -7.05 14.60
C ARG B 585 41.51 -6.02 15.44
N SER B 586 40.19 -6.18 15.58
CA SER B 586 39.39 -5.28 16.40
C SER B 586 39.23 -5.82 17.81
N VAL B 587 39.10 -4.93 18.79
CA VAL B 587 38.93 -5.32 20.20
C VAL B 587 37.45 -5.29 20.62
N GLY B 588 36.67 -4.42 19.98
CA GLY B 588 35.26 -4.31 20.26
C GLY B 588 34.52 -4.03 18.97
N TYR B 589 33.40 -3.33 19.05
CA TYR B 589 32.67 -2.89 17.86
C TYR B 589 33.27 -1.62 17.29
N THR B 590 33.97 -1.74 16.16
CA THR B 590 34.73 -0.62 15.60
C THR B 590 34.16 -0.11 14.27
N ASP B 591 34.05 1.21 14.13
CA ASP B 591 33.51 1.80 12.89
C ASP B 591 34.60 2.41 12.06
N LEU B 592 34.65 2.02 10.79
CA LEU B 592 35.74 2.48 9.95
C LEU B 592 35.22 3.27 8.78
N PHE B 593 36.01 4.25 8.36
CA PHE B 593 35.76 4.88 7.06
C PHE B 593 36.38 3.99 5.99
N VAL B 594 35.65 3.76 4.91
CA VAL B 594 36.19 2.93 3.85
C VAL B 594 36.27 3.74 2.58
N LEU B 595 37.49 3.76 2.06
CA LEU B 595 37.86 4.47 0.85
C LEU B 595 38.43 3.47 -0.18
N SER B 596 37.68 3.17 -1.23
CA SER B 596 38.12 2.22 -2.25
C SER B 596 39.34 2.72 -3.02
N LYS B 597 40.19 1.79 -3.44
CA LYS B 597 41.45 2.11 -4.14
C LYS B 597 41.27 3.05 -5.31
N THR B 598 40.27 2.72 -6.13
CA THR B 598 39.93 3.51 -7.30
C THR B 598 39.69 4.97 -6.96
N ASP B 599 39.00 5.22 -5.85
CA ASP B 599 38.67 6.59 -5.45
C ASP B 599 39.90 7.33 -4.96
N LEU B 600 40.66 6.68 -4.08
CA LEU B 600 41.85 7.30 -3.57
C LEU B 600 42.75 7.72 -4.71
N TRP B 601 42.93 6.81 -5.65
CA TRP B 601 43.85 7.08 -6.74
C TRP B 601 43.33 8.12 -7.72
N ASN B 602 42.09 7.95 -8.16
CA ASN B 602 41.48 8.89 -9.09
C ASN B 602 41.52 10.32 -8.53
N ALA B 603 41.42 10.42 -7.21
CA ALA B 603 41.51 11.71 -6.56
C ALA B 603 42.96 12.14 -6.35
N LEU B 604 43.89 11.18 -6.35
CA LEU B 604 45.28 11.47 -5.97
C LEU B 604 46.11 12.10 -7.09
N ARG B 605 45.67 11.93 -8.34
CA ARG B 605 46.36 12.51 -9.48
C ARG B 605 46.29 14.03 -9.43
N GLU B 606 45.21 14.50 -8.82
CA GLU B 606 44.90 15.92 -8.76
C GLU B 606 45.80 16.65 -7.78
N TYR B 607 46.21 15.95 -6.74
CA TYR B 607 47.07 16.52 -5.73
C TYR B 607 48.30 15.63 -5.54
N PRO B 608 49.40 15.96 -6.21
CA PRO B 608 50.63 15.15 -6.14
C PRO B 608 51.38 15.33 -4.82
N ASP B 609 51.09 16.41 -4.11
CA ASP B 609 51.67 16.64 -2.79
C ASP B 609 51.27 15.55 -1.79
N ALA B 610 49.98 15.23 -1.79
CA ALA B 610 49.44 14.16 -0.94
C ALA B 610 50.12 12.83 -1.23
N ARG B 611 50.37 12.61 -2.51
CA ARG B 611 51.18 11.48 -2.95
C ARG B 611 52.54 11.52 -2.28
N LYS B 612 53.21 12.67 -2.35
CA LYS B 612 54.54 12.82 -1.76
C LYS B 612 54.55 12.48 -0.28
N LEU B 613 53.57 12.99 0.45
CA LEU B 613 53.52 12.78 1.91
C LEU B 613 53.15 11.35 2.30
N LEU B 614 52.09 10.82 1.69
CA LEU B 614 51.64 9.46 1.97
C LEU B 614 52.72 8.43 1.64
N LEU B 615 53.38 8.61 0.49
CA LEU B 615 54.50 7.74 0.10
C LEU B 615 55.69 7.94 1.05
N ALA B 616 55.92 9.19 1.46
CA ALA B 616 57.00 9.50 2.40
C ALA B 616 56.80 8.75 3.72
N LYS B 617 55.55 8.57 4.12
CA LYS B 617 55.26 7.76 5.30
C LYS B 617 55.41 6.27 4.99
N GLY B 618 54.96 5.87 3.80
CA GLY B 618 54.99 4.49 3.37
C GLY B 618 56.39 3.87 3.32
N ARG B 619 57.35 4.64 2.81
CA ARG B 619 58.74 4.18 2.79
C ARG B 619 59.22 3.91 4.22
N GLU B 620 58.79 4.77 5.15
CA GLU B 620 59.25 4.69 6.53
C GLU B 620 58.57 3.55 7.29
N ILE B 621 57.36 3.17 6.88
CA ILE B 621 56.69 2.01 7.48
C ILE B 621 57.26 0.70 6.90
N LEU B 622 57.56 0.69 5.60
CA LEU B 622 58.13 -0.49 4.95
C LEU B 622 59.64 -0.65 5.26
N LYS B 623 60.24 0.41 5.79
CA LYS B 623 61.65 0.41 6.21
C LYS B 623 61.94 -0.63 7.30
N LYS B 624 61.01 -0.75 8.24
CA LYS B 624 61.11 -1.72 9.34
C LYS B 624 61.25 -3.16 8.81
N ASP B 625 60.59 -3.44 7.69
CA ASP B 625 60.61 -4.74 7.05
C ASP B 625 61.67 -4.86 5.96
N ARG C 111 29.98 -9.25 50.99
CA ARG C 111 28.91 -8.39 50.52
C ARG C 111 29.44 -7.07 49.95
N LYS C 112 30.67 -6.72 50.31
CA LYS C 112 31.29 -5.48 49.82
C LYS C 112 31.53 -5.55 48.31
N TYR C 113 31.62 -6.77 47.77
CA TYR C 113 31.80 -6.99 46.34
C TYR C 113 30.57 -6.55 45.53
N LEU C 114 29.42 -6.51 46.18
CA LEU C 114 28.15 -6.17 45.54
C LEU C 114 27.92 -4.65 45.59
N ALA C 115 28.85 -3.95 46.21
CA ALA C 115 28.84 -2.48 46.23
C ALA C 115 29.56 -1.92 45.00
N ASN C 116 30.68 -2.52 44.63
CA ASN C 116 31.48 -2.08 43.50
C ASN C 116 31.19 -2.87 42.22
N TYR C 117 30.16 -3.71 42.29
CA TYR C 117 29.71 -4.53 41.17
C TYR C 117 29.15 -3.71 40.01
N THR C 118 29.65 -3.96 38.80
CA THR C 118 29.17 -3.26 37.60
C THR C 118 28.48 -4.20 36.61
N GLN C 119 27.43 -3.69 35.97
CA GLN C 119 26.61 -4.48 35.06
C GLN C 119 26.95 -4.26 33.60
N ASP C 120 27.06 -5.36 32.87
CA ASP C 120 27.26 -5.34 31.42
C ASP C 120 25.88 -5.33 30.73
N PRO C 121 25.64 -4.37 29.80
CA PRO C 121 24.35 -4.28 29.10
C PRO C 121 24.17 -5.41 28.08
N SER C 122 25.30 -5.91 27.57
CA SER C 122 25.33 -6.94 26.54
C SER C 122 25.54 -8.36 27.07
N THR C 123 24.69 -8.81 27.99
CA THR C 123 24.65 -10.21 28.43
C THR C 123 23.24 -10.74 28.30
N ASP C 124 23.12 -12.06 28.13
CA ASP C 124 21.82 -12.68 27.96
C ASP C 124 20.99 -12.52 29.25
N ASN C 125 21.69 -12.64 30.38
CA ASN C 125 21.05 -12.54 31.69
C ASN C 125 20.35 -11.20 31.82
N PHE C 126 21.01 -10.14 31.36
CA PHE C 126 20.43 -8.80 31.45
C PHE C 126 19.14 -8.72 30.69
N TYR C 127 19.10 -9.35 29.51
CA TYR C 127 17.87 -9.39 28.73
C TYR C 127 16.78 -10.12 29.53
N TYR C 128 17.15 -11.19 30.24
CA TYR C 128 16.18 -11.81 31.15
C TYR C 128 15.66 -10.79 32.17
N TRP C 129 16.57 -9.99 32.72
CA TRP C 129 16.20 -9.00 33.71
C TRP C 129 15.22 -7.97 33.14
N THR C 130 15.56 -7.40 31.98
CA THR C 130 14.70 -6.40 31.33
C THR C 130 13.32 -7.00 31.11
N CYS C 131 13.28 -8.28 30.75
CA CYS C 131 12.03 -9.00 30.66
C CYS C 131 11.27 -8.96 32.00
N VAL C 132 12.00 -9.09 33.11
CA VAL C 132 11.36 -8.99 34.44
C VAL C 132 10.78 -7.60 34.74
N VAL C 133 11.58 -6.57 34.50
CA VAL C 133 11.12 -5.19 34.61
C VAL C 133 9.82 -5.03 33.80
N THR C 134 9.79 -5.68 32.63
CA THR C 134 8.64 -5.66 31.75
C THR C 134 7.41 -6.24 32.43
N VAL C 135 7.57 -7.37 33.09
CA VAL C 135 6.42 -7.92 33.81
C VAL C 135 5.90 -6.97 34.89
N ALA C 136 6.81 -6.34 35.62
CA ALA C 136 6.38 -5.34 36.60
C ALA C 136 5.60 -4.17 35.94
N TYR C 137 6.10 -3.71 34.80
CA TYR C 137 5.49 -2.61 34.07
C TYR C 137 4.06 -2.91 33.70
N ILE C 138 3.89 -4.02 33.00
CA ILE C 138 2.57 -4.46 32.59
C ILE C 138 1.69 -4.58 33.81
N TYR C 139 2.29 -5.04 34.92
CA TYR C 139 1.54 -5.15 36.15
C TYR C 139 0.88 -3.81 36.45
N ASN C 140 1.70 -2.78 36.56
CA ASN C 140 1.18 -1.47 36.91
C ASN C 140 0.14 -0.97 35.92
N LEU C 141 0.50 -0.93 34.62
CA LEU C 141 -0.42 -0.31 33.67
C LEU C 141 -1.67 -1.13 33.43
N LEU C 142 -1.73 -2.35 33.96
CA LEU C 142 -2.96 -3.10 33.87
C LEU C 142 -3.82 -2.97 35.11
N PHE C 143 -3.22 -3.15 36.28
CA PHE C 143 -3.99 -3.27 37.51
C PHE C 143 -4.16 -1.99 38.30
N VAL C 144 -3.26 -1.04 38.11
CA VAL C 144 -3.34 0.18 38.88
C VAL C 144 -4.62 0.93 38.57
N ILE C 145 -4.80 1.25 37.30
CA ILE C 145 -5.93 2.04 36.86
C ILE C 145 -7.25 1.36 37.23
N ALA C 146 -7.30 0.05 37.03
CA ALA C 146 -8.48 -0.73 37.37
C ALA C 146 -8.79 -0.72 38.88
N ARG C 147 -7.73 -0.76 39.70
CA ARG C 147 -7.85 -0.59 41.17
C ARG C 147 -8.41 0.77 41.52
N GLN C 148 -8.04 1.76 40.72
CA GLN C 148 -8.51 3.11 40.93
C GLN C 148 -10.01 3.19 40.65
N VAL C 149 -10.43 2.58 39.55
CA VAL C 149 -11.82 2.71 39.13
C VAL C 149 -12.79 1.80 39.87
N PHE C 150 -12.50 0.50 39.80
CA PHE C 150 -13.29 -0.50 40.50
C PHE C 150 -12.74 -0.68 41.94
N ASN C 151 -13.11 0.22 42.85
CA ASN C 151 -12.70 0.20 44.27
C ASN C 151 -13.40 -0.91 45.04
N ASP C 152 -14.25 -1.62 44.31
CA ASP C 152 -14.87 -2.84 44.74
C ASP C 152 -13.76 -3.90 44.84
N LEU C 153 -12.73 -3.77 43.98
CA LEU C 153 -11.66 -4.76 43.89
C LEU C 153 -10.94 -4.95 45.23
N ILE C 154 -10.03 -4.05 45.58
CA ILE C 154 -9.43 -4.08 46.92
C ILE C 154 -10.50 -3.62 47.89
N GLY C 155 -11.14 -4.59 48.53
CA GLY C 155 -12.21 -4.25 49.43
C GLY C 155 -13.43 -5.11 49.27
N PRO C 156 -14.62 -4.49 49.22
CA PRO C 156 -14.83 -3.03 49.17
C PRO C 156 -14.59 -2.27 50.48
N SER C 157 -14.65 -0.96 50.37
CA SER C 157 -14.50 -0.07 51.50
C SER C 157 -15.86 0.39 52.03
N SER C 158 -16.91 -0.33 51.66
CA SER C 158 -18.27 -0.04 52.14
C SER C 158 -19.22 -1.21 51.93
N GLN C 159 -20.43 -1.12 52.50
CA GLN C 159 -21.45 -2.15 52.32
C GLN C 159 -22.72 -1.65 51.57
N SER C 160 -23.40 -2.59 50.91
CA SER C 160 -24.45 -2.29 49.92
C SER C 160 -25.74 -1.57 50.31
N LEU C 161 -26.33 -1.86 51.47
CA LEU C 161 -27.55 -1.14 51.89
C LEU C 161 -28.72 -1.09 50.87
N CYS C 162 -29.00 -2.24 50.26
CA CYS C 162 -30.14 -2.36 49.35
C CYS C 162 -31.43 -2.33 50.17
N ARG C 163 -32.53 -1.81 49.62
CA ARG C 163 -33.74 -1.81 50.42
C ARG C 163 -34.87 -2.62 49.78
N PHE C 164 -35.47 -3.49 50.59
CA PHE C 164 -36.64 -4.25 50.18
C PHE C 164 -37.79 -3.97 51.14
N TYR C 165 -38.97 -3.68 50.61
CA TYR C 165 -40.15 -3.50 51.46
C TYR C 165 -40.56 -4.84 52.07
N ASN C 166 -41.21 -4.79 53.24
CA ASN C 166 -41.76 -5.96 53.93
C ASN C 166 -40.68 -6.73 54.69
N THR C 172 -39.86 -1.62 54.90
CA THR C 172 -39.09 -0.96 53.85
C THR C 172 -37.70 -0.58 54.34
N THR C 173 -37.24 -1.28 55.38
CA THR C 173 -35.95 -1.03 56.02
C THR C 173 -34.74 -1.30 55.13
N GLN C 174 -33.73 -0.44 55.24
CA GLN C 174 -32.47 -0.67 54.56
C GLN C 174 -31.84 -1.93 55.17
N VAL C 175 -31.33 -2.79 54.31
CA VAL C 175 -30.81 -4.10 54.73
C VAL C 175 -29.37 -4.15 54.24
N GLU C 176 -28.70 -5.29 54.38
CA GLU C 176 -27.38 -5.45 53.78
C GLU C 176 -27.52 -6.01 52.38
N CYS C 177 -26.44 -6.60 51.88
CA CYS C 177 -26.43 -7.15 50.55
C CYS C 177 -26.78 -8.64 50.55
N THR C 178 -27.82 -9.02 49.79
CA THR C 178 -28.10 -10.43 49.55
C THR C 178 -28.02 -10.70 48.04
N TYR C 179 -27.28 -11.72 47.67
CA TYR C 179 -26.92 -12.01 46.28
C TYR C 179 -28.12 -12.22 45.37
N ASN C 180 -29.29 -12.43 45.97
CA ASN C 180 -30.53 -12.50 45.20
C ASN C 180 -31.21 -11.13 45.06
N MET C 181 -30.95 -10.22 45.99
CA MET C 181 -31.58 -8.90 45.95
C MET C 181 -30.76 -7.89 45.11
N LEU C 182 -29.55 -8.27 44.73
CA LEU C 182 -28.75 -7.51 43.76
C LEU C 182 -29.06 -7.86 42.30
N THR C 183 -30.14 -8.60 42.11
CA THR C 183 -30.71 -8.88 40.79
C THR C 183 -32.06 -8.19 40.62
N ASN C 184 -32.39 -7.78 39.40
CA ASN C 184 -33.75 -7.34 39.12
C ASN C 184 -34.18 -6.19 40.02
N MET C 185 -33.28 -5.25 40.26
CA MET C 185 -33.56 -4.18 41.22
C MET C 185 -34.44 -3.08 40.65
N LYS C 186 -35.13 -2.40 41.56
CA LYS C 186 -35.97 -1.29 41.19
C LYS C 186 -35.12 -0.01 41.10
N GLU C 187 -34.28 0.19 42.11
CA GLU C 187 -33.38 1.34 42.15
C GLU C 187 -31.98 0.88 42.54
N MET C 188 -30.98 1.71 42.27
CA MET C 188 -29.59 1.38 42.57
C MET C 188 -29.33 1.32 44.09
N PRO C 189 -28.44 0.41 44.52
CA PRO C 189 -28.12 0.24 45.95
C PRO C 189 -27.30 1.39 46.55
N THR C 190 -27.76 1.97 47.66
CA THR C 190 -27.02 3.04 48.34
C THR C 190 -25.73 2.54 49.00
N TYR C 191 -24.60 3.20 48.76
CA TYR C 191 -23.35 2.73 49.37
C TYR C 191 -23.15 3.41 50.71
N SER C 192 -23.26 2.62 51.78
CA SER C 192 -23.05 3.12 53.13
C SER C 192 -21.74 2.60 53.71
N GLN C 193 -20.92 3.54 54.18
CA GLN C 193 -19.54 3.29 54.55
C GLN C 193 -19.40 2.59 55.89
N TYR C 194 -18.39 1.74 56.02
CA TYR C 194 -18.04 1.10 57.31
C TYR C 194 -17.50 2.12 58.32
N PRO C 195 -17.55 1.61 59.65
CA PRO C 195 -16.94 2.49 60.67
C PRO C 195 -15.44 2.62 60.46
N ASP C 196 -14.77 1.47 60.31
CA ASP C 196 -13.43 1.38 59.76
C ASP C 196 -13.61 0.65 58.45
N LEU C 197 -13.23 1.27 57.35
CA LEU C 197 -13.52 0.70 56.06
C LEU C 197 -12.35 -0.19 55.68
N GLY C 198 -12.60 -1.48 55.57
CA GLY C 198 -11.45 -2.25 55.17
C GLY C 198 -11.08 -3.51 55.94
N TRP C 199 -9.84 -3.46 56.43
CA TRP C 199 -9.00 -4.64 56.70
C TRP C 199 -9.61 -5.62 57.69
N SER C 200 -10.48 -5.15 58.59
CA SER C 200 -11.10 -6.05 59.56
C SER C 200 -11.91 -7.14 58.85
N LYS C 201 -12.72 -6.76 57.86
CA LYS C 201 -13.53 -7.72 57.11
C LYS C 201 -12.73 -8.48 56.06
N TYR C 202 -11.85 -7.78 55.32
CA TYR C 202 -11.05 -8.37 54.25
C TYR C 202 -9.58 -8.19 54.60
N TRP C 203 -8.83 -9.32 54.73
CA TRP C 203 -7.45 -9.29 55.20
C TRP C 203 -6.52 -9.92 54.16
N HIS C 204 -6.82 -11.16 53.79
CA HIS C 204 -6.01 -11.92 52.84
C HIS C 204 -5.75 -11.12 51.57
N PHE C 205 -6.84 -10.55 51.04
CA PHE C 205 -6.82 -9.82 49.78
C PHE C 205 -5.83 -8.65 49.81
N ARG C 206 -6.08 -7.71 50.72
CA ARG C 206 -5.28 -6.50 50.78
C ARG C 206 -3.81 -6.84 51.00
N MET C 207 -3.56 -7.82 51.86
CA MET C 207 -2.21 -8.31 52.09
C MET C 207 -1.57 -8.80 50.80
N LEU C 208 -2.33 -9.55 50.00
CA LEU C 208 -1.86 -9.98 48.70
C LEU C 208 -1.42 -8.80 47.88
N TRP C 209 -2.33 -7.84 47.69
CA TRP C 209 -2.01 -6.70 46.84
C TRP C 209 -0.77 -5.94 47.33
N VAL C 210 -0.57 -5.86 48.64
CA VAL C 210 0.60 -5.17 49.18
C VAL C 210 1.88 -5.97 48.93
N PHE C 211 1.80 -7.29 49.05
CA PHE C 211 2.94 -8.15 48.74
C PHE C 211 3.37 -7.96 47.30
N PHE C 212 2.39 -7.95 46.39
CA PHE C 212 2.69 -7.82 44.97
C PHE C 212 3.21 -6.44 44.61
N ASP C 213 2.54 -5.39 45.06
CA ASP C 213 3.04 -4.04 44.81
C ASP C 213 4.46 -3.88 45.35
N LEU C 214 4.68 -4.39 46.55
CA LEU C 214 5.99 -4.30 47.18
C LEU C 214 7.01 -5.03 46.33
N LEU C 215 6.60 -6.16 45.76
CA LEU C 215 7.46 -6.97 44.92
C LEU C 215 7.87 -6.18 43.67
N MET C 216 6.87 -5.65 42.97
CA MET C 216 7.10 -4.90 41.74
C MET C 216 8.04 -3.73 42.01
N ASP C 217 7.81 -3.07 43.13
CA ASP C 217 8.64 -1.96 43.55
C ASP C 217 10.06 -2.41 43.84
N CYS C 218 10.21 -3.62 44.38
CA CYS C 218 11.55 -4.18 44.57
C CYS C 218 12.22 -4.32 43.21
N VAL C 219 11.46 -4.75 42.21
CA VAL C 219 12.01 -4.88 40.86
C VAL C 219 12.49 -3.53 40.36
N TYR C 220 11.67 -2.50 40.60
CA TYR C 220 12.04 -1.15 40.20
C TYR C 220 13.32 -0.67 40.88
N LEU C 221 13.44 -0.98 42.17
CA LEU C 221 14.61 -0.59 42.96
C LEU C 221 15.87 -1.28 42.45
N ILE C 222 15.81 -2.59 42.32
CA ILE C 222 16.95 -3.37 41.83
C ILE C 222 17.36 -2.88 40.45
N ASP C 223 16.34 -2.56 39.65
CA ASP C 223 16.57 -1.98 38.34
C ASP C 223 17.30 -0.65 38.46
N THR C 224 17.02 0.10 39.52
CA THR C 224 17.65 1.41 39.65
C THR C 224 19.10 1.24 40.10
N PHE C 225 19.36 0.25 40.96
CA PHE C 225 20.72 -0.05 41.38
C PHE C 225 21.54 -0.48 40.16
N LEU C 226 20.92 -1.25 39.27
CA LEU C 226 21.60 -1.67 38.05
C LEU C 226 21.84 -0.46 37.14
N ASN C 227 20.87 0.46 37.09
CA ASN C 227 21.04 1.70 36.35
C ASN C 227 22.23 2.48 36.87
N TYR C 228 22.45 2.43 38.18
CA TYR C 228 23.58 3.06 38.84
C TYR C 228 24.91 2.52 38.32
N ARG C 229 24.93 1.22 38.06
CA ARG C 229 26.15 0.53 37.69
C ARG C 229 26.17 0.07 36.22
N MET C 230 25.39 0.75 35.38
CA MET C 230 25.27 0.38 33.96
C MET C 230 26.53 0.68 33.17
N GLY C 231 27.22 -0.38 32.75
CA GLY C 231 28.45 -0.23 32.00
C GLY C 231 28.25 0.37 30.61
N TYR C 232 28.28 1.70 30.55
CA TYR C 232 28.11 2.43 29.30
C TYR C 232 29.23 2.07 28.33
N MET C 233 29.01 2.29 27.03
CA MET C 233 29.97 1.80 26.04
C MET C 233 30.79 2.92 25.39
N ASP C 234 32.08 2.98 25.73
CA ASP C 234 33.03 3.95 25.18
C ASP C 234 33.90 3.35 24.09
N GLN C 235 33.60 3.73 22.84
CA GLN C 235 34.33 3.26 21.68
C GLN C 235 34.35 1.73 21.56
N GLY C 236 33.16 1.14 21.40
CA GLY C 236 33.01 -0.28 21.11
C GLY C 236 33.25 -1.28 22.24
N LEU C 237 33.84 -0.82 23.34
CA LEU C 237 34.18 -1.68 24.48
C LEU C 237 33.30 -1.30 25.67
N VAL C 238 32.98 -2.28 26.52
CA VAL C 238 32.15 -2.01 27.69
C VAL C 238 32.99 -1.57 28.89
N VAL C 239 32.77 -0.34 29.36
CA VAL C 239 33.52 0.22 30.48
C VAL C 239 32.93 -0.20 31.82
N ARG C 240 33.60 -1.14 32.48
CA ARG C 240 33.17 -1.64 33.78
C ARG C 240 34.12 -1.15 34.87
N GLU C 241 33.72 -0.10 35.58
CA GLU C 241 34.61 0.61 36.49
C GLU C 241 33.91 1.13 37.75
N ALA C 242 34.69 1.48 38.76
CA ALA C 242 34.16 1.94 40.04
C ALA C 242 33.45 3.30 39.94
N GLU C 243 34.23 4.37 39.84
CA GLU C 243 33.70 5.73 39.91
C GLU C 243 33.31 6.27 38.53
N LYS C 244 33.90 5.70 37.48
CA LYS C 244 33.64 6.13 36.11
C LYS C 244 32.16 5.96 35.74
N VAL C 245 31.61 4.79 36.05
CA VAL C 245 30.22 4.48 35.74
C VAL C 245 29.25 5.41 36.45
N THR C 246 29.44 5.58 37.75
CA THR C 246 28.60 6.46 38.56
C THR C 246 28.70 7.90 38.06
N LYS C 247 29.91 8.27 37.64
CA LYS C 247 30.16 9.55 37.00
C LYS C 247 29.23 9.68 35.79
N ALA C 248 29.22 8.66 34.93
CA ALA C 248 28.35 8.65 33.76
C ALA C 248 26.86 8.74 34.13
N TYR C 249 26.50 8.18 35.28
CA TYR C 249 25.13 8.25 35.77
C TYR C 249 24.75 9.69 36.04
N TRP C 250 25.49 10.34 36.94
CA TRP C 250 25.07 11.67 37.39
C TRP C 250 25.36 12.79 36.39
N GLN C 251 26.30 12.54 35.48
CA GLN C 251 26.53 13.48 34.38
C GLN C 251 25.33 13.51 33.45
N SER C 252 24.70 12.35 33.29
CA SER C 252 23.44 12.27 32.56
C SER C 252 22.32 12.60 33.53
N LYS C 253 21.85 13.84 33.50
CA LYS C 253 20.87 14.33 34.46
C LYS C 253 19.51 13.61 34.31
N GLN C 254 19.25 13.09 33.11
CA GLN C 254 18.00 12.40 32.82
C GLN C 254 17.84 11.13 33.66
N TYR C 255 18.94 10.37 33.81
CA TYR C 255 18.98 9.17 34.66
C TYR C 255 18.40 9.40 36.06
N ARG C 256 18.96 10.35 36.78
CA ARG C 256 18.51 10.66 38.13
C ARG C 256 17.12 11.32 38.10
N ILE C 257 16.83 12.12 37.05
CA ILE C 257 15.54 12.81 37.00
C ILE C 257 14.38 11.78 36.90
N ASP C 258 14.28 11.04 35.79
CA ASP C 258 13.17 10.10 35.61
C ASP C 258 13.29 8.99 36.63
N GLY C 259 14.51 8.52 36.88
CA GLY C 259 14.76 7.41 37.79
C GLY C 259 14.24 7.67 39.18
N ILE C 260 14.51 8.87 39.70
CA ILE C 260 13.98 9.28 41.01
C ILE C 260 12.45 9.46 40.96
N SER C 261 11.95 9.97 39.84
CA SER C 261 10.54 10.35 39.75
C SER C 261 9.53 9.22 40.04
N LEU C 262 9.83 8.00 39.60
CA LEU C 262 8.86 6.90 39.74
C LEU C 262 8.94 6.11 41.05
N ILE C 263 9.97 6.34 41.87
CA ILE C 263 10.06 5.64 43.14
C ILE C 263 9.78 6.48 44.39
N PRO C 264 8.79 7.42 44.35
CA PRO C 264 8.58 8.11 45.61
C PRO C 264 8.05 7.17 46.67
N LEU C 265 7.29 6.16 46.22
CA LEU C 265 6.58 5.20 47.07
C LEU C 265 5.41 5.96 47.69
N ASP C 266 4.99 7.01 46.99
CA ASP C 266 3.90 7.88 47.44
C ASP C 266 2.57 7.11 47.55
N TYR C 267 2.51 5.96 46.88
CA TYR C 267 1.32 5.13 46.87
C TYR C 267 0.93 4.65 48.27
N ILE C 268 1.93 4.30 49.08
CA ILE C 268 1.69 3.83 50.44
C ILE C 268 0.86 4.83 51.23
N LEU C 269 1.12 6.12 51.00
CA LEU C 269 0.40 7.18 51.69
C LEU C 269 -0.94 7.46 51.02
N GLY C 270 -1.09 6.99 49.79
CA GLY C 270 -2.31 7.19 49.04
C GLY C 270 -3.20 5.96 49.04
N TRP C 271 -2.63 4.83 49.44
CA TRP C 271 -3.37 3.57 49.49
C TRP C 271 -4.68 3.79 50.26
N PRO C 272 -5.65 2.88 50.14
CA PRO C 272 -6.88 3.01 50.96
C PRO C 272 -6.67 3.15 52.45
N ILE C 273 -5.55 2.67 53.00
CA ILE C 273 -5.16 2.97 54.39
C ILE C 273 -4.61 4.43 54.38
N PRO C 274 -4.98 5.26 55.37
CA PRO C 274 -5.67 4.98 56.63
C PRO C 274 -7.16 4.70 56.59
N TYR C 275 -7.60 4.18 57.73
CA TYR C 275 -9.02 3.93 57.96
C TYR C 275 -9.81 5.24 58.03
N ILE C 276 -9.19 6.31 58.58
CA ILE C 276 -9.88 7.58 58.81
C ILE C 276 -9.57 8.56 57.69
N ASN C 277 -10.62 9.14 57.10
CA ASN C 277 -10.60 10.35 56.29
C ASN C 277 -10.00 10.16 54.90
N TRP C 278 -9.59 8.95 54.52
CA TRP C 278 -8.95 8.73 53.23
C TRP C 278 -9.62 7.57 52.51
N ARG C 279 -10.03 7.83 51.26
CA ARG C 279 -10.59 6.79 50.40
C ARG C 279 -9.49 5.98 49.72
N GLY C 280 -8.35 6.59 49.43
CA GLY C 280 -7.25 5.94 48.78
C GLY C 280 -7.17 6.37 47.33
N LEU C 281 -5.99 6.86 46.89
CA LEU C 281 -5.79 7.23 45.49
C LEU C 281 -4.78 6.31 44.82
N PRO C 282 -5.11 5.12 44.48
CA PRO C 282 -4.11 4.20 43.97
C PRO C 282 -3.52 4.68 42.66
N ILE C 283 -4.29 5.66 42.12
CA ILE C 283 -3.89 6.16 40.81
C ILE C 283 -2.51 6.83 40.85
N LEU C 284 -2.06 7.19 42.06
CA LEU C 284 -0.75 7.79 42.22
C LEU C 284 0.34 6.88 41.64
N ARG C 285 0.11 5.57 41.70
CA ARG C 285 1.11 4.62 41.21
C ARG C 285 1.46 4.85 39.74
N LEU C 286 0.65 5.68 39.08
CA LEU C 286 0.86 5.96 37.67
C LEU C 286 2.26 6.49 37.40
N ASN C 287 2.87 7.08 38.42
CA ASN C 287 4.22 7.64 38.21
C ASN C 287 5.24 6.56 37.81
N ARG C 288 4.88 5.30 38.02
CA ARG C 288 5.78 4.19 37.72
C ARG C 288 5.83 3.94 36.24
N LEU C 289 4.89 4.54 35.53
CA LEU C 289 4.72 4.26 34.12
C LEU C 289 5.79 4.93 33.29
N ILE C 290 6.53 5.83 33.92
CA ILE C 290 7.53 6.59 33.18
C ILE C 290 8.83 5.80 32.95
N ARG C 291 8.89 4.53 33.33
CA ARG C 291 10.10 3.73 33.06
C ARG C 291 10.02 3.00 31.73
N TYR C 292 9.04 3.39 30.92
CA TYR C 292 8.69 2.65 29.73
C TYR C 292 9.86 2.39 28.82
N LYS C 293 10.87 3.25 28.86
CA LYS C 293 11.99 3.11 27.95
C LYS C 293 12.61 1.71 28.08
N ARG C 294 12.70 1.22 29.32
CA ARG C 294 13.31 -0.09 29.54
C ARG C 294 12.54 -1.16 28.79
N VAL C 295 11.21 -1.11 28.92
CA VAL C 295 10.33 -2.06 28.25
C VAL C 295 10.52 -2.04 26.73
N ARG C 296 10.66 -0.85 26.15
CA ARG C 296 10.89 -0.77 24.73
C ARG C 296 12.17 -1.51 24.40
N ASN C 297 13.23 -1.21 25.14
CA ASN C 297 14.53 -1.82 24.91
C ASN C 297 14.50 -3.33 25.06
N CYS C 298 13.46 -3.82 25.75
CA CYS C 298 13.22 -5.25 25.82
C CYS C 298 12.61 -5.77 24.52
N LEU C 299 11.46 -5.21 24.14
CA LEU C 299 10.72 -5.70 22.98
C LEU C 299 11.56 -5.61 21.72
N GLU C 300 12.22 -4.48 21.53
CA GLU C 300 13.11 -4.29 20.41
C GLU C 300 14.13 -5.43 20.32
N ARG C 301 14.61 -5.87 21.48
CA ARG C 301 15.66 -6.89 21.53
C ARG C 301 15.07 -8.29 21.48
N THR C 302 13.76 -8.40 21.67
CA THR C 302 13.11 -9.71 21.62
C THR C 302 12.73 -10.08 20.19
N GLU C 303 12.31 -9.10 19.39
CA GLU C 303 12.05 -9.36 18.00
C GLU C 303 13.30 -9.89 17.35
N THR C 304 14.42 -9.22 17.61
CA THR C 304 15.68 -9.57 16.96
C THR C 304 16.24 -10.92 17.45
N ARG C 305 15.65 -11.47 18.51
CA ARG C 305 16.02 -12.80 18.98
C ARG C 305 15.13 -13.89 18.40
N SER C 306 13.83 -13.64 18.39
CA SER C 306 12.85 -14.68 18.07
C SER C 306 13.11 -15.35 16.75
N SER C 307 13.05 -16.67 16.76
CA SER C 307 13.19 -17.45 15.55
C SER C 307 12.08 -17.04 14.58
N MET C 308 10.85 -17.07 15.06
CA MET C 308 9.70 -16.61 14.27
C MET C 308 9.21 -15.26 14.74
N PRO C 309 9.71 -14.19 14.12
CA PRO C 309 9.49 -12.82 14.59
C PRO C 309 8.05 -12.45 14.48
N ASN C 310 7.47 -12.64 13.31
CA ASN C 310 6.15 -12.09 13.02
C ASN C 310 5.10 -12.68 13.93
N ALA C 311 5.43 -13.84 14.50
CA ALA C 311 4.62 -14.44 15.55
C ALA C 311 4.51 -13.52 16.76
N PHE C 312 5.67 -13.29 17.38
CA PHE C 312 5.84 -12.39 18.50
C PHE C 312 5.27 -11.02 18.18
N ARG C 313 5.58 -10.54 16.99
CA ARG C 313 5.21 -9.21 16.56
C ARG C 313 3.71 -9.07 16.44
N VAL C 314 3.01 -10.17 16.17
CA VAL C 314 1.55 -10.10 16.17
C VAL C 314 0.96 -10.23 17.57
N VAL C 315 1.53 -11.12 18.37
CA VAL C 315 1.11 -11.25 19.76
C VAL C 315 1.17 -9.92 20.53
N VAL C 316 2.30 -9.23 20.40
CA VAL C 316 2.46 -7.92 20.98
C VAL C 316 1.29 -7.00 20.65
N VAL C 317 0.99 -6.87 19.37
CA VAL C 317 -0.05 -5.97 18.94
C VAL C 317 -1.40 -6.38 19.51
N VAL C 318 -1.66 -7.68 19.62
CA VAL C 318 -2.89 -8.10 20.29
C VAL C 318 -2.94 -7.63 21.75
N TRP C 319 -1.79 -7.65 22.44
CA TRP C 319 -1.74 -7.08 23.77
C TRP C 319 -2.04 -5.57 23.77
N TYR C 320 -1.45 -4.81 22.83
CA TYR C 320 -1.79 -3.39 22.74
C TYR C 320 -3.28 -3.25 22.71
N ILE C 321 -3.93 -3.94 21.78
CA ILE C 321 -5.36 -3.77 21.63
C ILE C 321 -6.09 -4.04 22.92
N VAL C 322 -5.67 -5.08 23.61
CA VAL C 322 -6.36 -5.44 24.85
C VAL C 322 -6.18 -4.44 25.99
N ILE C 323 -4.98 -3.89 26.11
CA ILE C 323 -4.76 -2.90 27.15
C ILE C 323 -5.53 -1.62 26.80
N ILE C 324 -5.50 -1.25 25.53
CA ILE C 324 -6.19 -0.06 25.08
C ILE C 324 -7.63 -0.16 25.42
N ILE C 325 -8.21 -1.26 24.98
CA ILE C 325 -9.62 -1.52 25.19
C ILE C 325 -9.89 -1.53 26.67
N HIS C 326 -8.93 -2.04 27.41
CA HIS C 326 -9.05 -2.11 28.84
C HIS C 326 -9.21 -0.71 29.46
N TRP C 327 -8.17 0.10 29.34
CA TRP C 327 -8.18 1.44 29.88
C TRP C 327 -9.46 2.10 29.48
N ASN C 328 -9.81 1.97 28.20
CA ASN C 328 -10.98 2.67 27.74
C ASN C 328 -12.21 2.19 28.47
N ALA C 329 -12.23 0.91 28.80
CA ALA C 329 -13.38 0.37 29.50
C ALA C 329 -13.44 1.06 30.84
N CYS C 330 -12.30 1.11 31.49
CA CYS C 330 -12.20 1.74 32.79
C CYS C 330 -12.69 3.18 32.73
N LEU C 331 -12.39 3.82 31.62
CA LEU C 331 -12.83 5.17 31.42
C LEU C 331 -14.33 5.20 31.37
N TYR C 332 -14.92 4.27 30.64
CA TYR C 332 -16.37 4.26 30.58
C TYR C 332 -16.86 4.16 32.00
N PHE C 333 -16.28 3.25 32.77
CA PHE C 333 -16.86 2.96 34.06
C PHE C 333 -16.69 4.08 35.08
N TRP C 334 -15.55 4.76 35.00
CA TRP C 334 -15.22 5.88 35.85
C TRP C 334 -16.17 7.01 35.58
N ILE C 335 -16.32 7.35 34.30
CA ILE C 335 -17.16 8.44 33.88
C ILE C 335 -18.57 8.12 34.27
N SER C 336 -18.84 6.82 34.29
CA SER C 336 -20.15 6.35 34.65
C SER C 336 -20.37 6.36 36.14
N GLU C 337 -19.28 6.42 36.89
CA GLU C 337 -19.39 6.54 38.32
C GLU C 337 -19.60 8.01 38.66
N TRP C 338 -18.84 8.85 37.96
CA TRP C 338 -18.85 10.28 38.17
C TRP C 338 -20.23 10.87 37.91
N ILE C 339 -20.81 10.54 36.78
CA ILE C 339 -22.23 10.78 36.61
C ILE C 339 -22.89 9.78 37.53
N GLY C 340 -24.09 10.08 38.02
CA GLY C 340 -24.81 9.17 38.92
C GLY C 340 -25.07 7.78 38.38
N LEU C 341 -24.60 6.74 39.08
CA LEU C 341 -24.64 5.39 38.52
C LEU C 341 -26.02 4.74 38.67
N GLY C 342 -26.76 4.68 37.57
CA GLY C 342 -28.15 4.27 37.62
C GLY C 342 -29.02 5.53 37.66
N THR C 343 -28.65 6.53 36.86
CA THR C 343 -29.50 7.71 36.76
C THR C 343 -29.98 7.96 35.33
N ASP C 344 -29.45 7.21 34.35
CA ASP C 344 -29.91 7.35 32.96
C ASP C 344 -29.55 6.11 32.14
N ALA C 345 -29.89 6.17 30.86
CA ALA C 345 -29.80 5.00 29.98
C ALA C 345 -28.46 4.83 29.28
N TRP C 346 -27.45 5.54 29.77
CA TRP C 346 -26.16 5.42 29.14
C TRP C 346 -25.09 5.06 30.11
N VAL C 347 -25.34 5.39 31.36
CA VAL C 347 -24.42 5.05 32.42
C VAL C 347 -24.69 3.64 32.95
N TYR C 348 -23.64 2.84 33.18
CA TYR C 348 -23.80 1.45 33.62
C TYR C 348 -24.79 1.38 34.75
N GLY C 349 -25.69 0.40 34.72
CA GLY C 349 -26.62 0.26 35.81
C GLY C 349 -28.02 0.00 35.32
N HIS C 350 -28.95 -0.20 36.25
CA HIS C 350 -30.27 -0.80 35.95
C HIS C 350 -31.07 -0.06 34.88
N LEU C 351 -30.79 1.22 34.72
CA LEU C 351 -31.40 2.10 33.71
C LEU C 351 -31.20 1.85 32.29
N ASN C 352 -30.01 1.36 31.99
CA ASN C 352 -29.89 0.80 30.65
C ASN C 352 -30.00 -0.71 30.81
N LYS C 353 -31.03 -1.26 30.20
CA LYS C 353 -31.29 -2.65 30.35
C LYS C 353 -30.23 -3.47 29.61
N GLN C 354 -29.30 -2.83 28.92
CA GLN C 354 -28.28 -3.61 28.25
C GLN C 354 -27.37 -4.31 29.26
N SER C 355 -26.96 -3.61 30.31
CA SER C 355 -25.98 -4.16 31.26
C SER C 355 -26.63 -5.05 32.31
N LEU C 356 -27.76 -4.59 32.86
CA LEU C 356 -28.51 -5.41 33.82
C LEU C 356 -29.83 -5.86 33.20
N PRO C 357 -29.78 -6.94 32.40
CA PRO C 357 -31.06 -7.56 32.03
C PRO C 357 -31.64 -8.11 33.31
N ASP C 358 -32.95 -8.23 33.42
CA ASP C 358 -33.60 -8.51 34.70
C ASP C 358 -33.05 -9.70 35.56
N ASP C 359 -32.78 -10.84 34.96
CA ASP C 359 -32.31 -12.00 35.72
C ASP C 359 -30.81 -12.01 36.08
N ILE C 360 -30.00 -11.14 35.48
CA ILE C 360 -28.59 -11.07 35.88
C ILE C 360 -28.38 -10.31 37.21
N THR C 361 -27.54 -10.89 38.07
CA THR C 361 -27.17 -10.31 39.36
C THR C 361 -26.03 -9.33 39.20
N ASP C 362 -26.04 -8.23 39.98
CA ASP C 362 -24.98 -7.22 39.92
C ASP C 362 -23.69 -7.66 40.63
N THR C 363 -22.54 -7.43 39.98
CA THR C 363 -21.23 -7.85 40.52
C THR C 363 -20.09 -7.04 40.02
N LEU C 364 -18.91 -7.29 40.58
CA LEU C 364 -17.72 -6.70 40.04
C LEU C 364 -17.55 -7.28 38.67
N LEU C 365 -17.69 -8.59 38.58
CA LEU C 365 -17.40 -9.26 37.34
C LEU C 365 -18.21 -8.68 36.20
N ARG C 366 -19.49 -8.44 36.47
CA ARG C 366 -20.40 -7.91 35.47
C ARG C 366 -19.88 -6.57 34.98
N ARG C 367 -19.56 -5.66 35.90
CA ARG C 367 -19.12 -4.31 35.55
C ARG C 367 -17.92 -4.39 34.64
N TYR C 368 -16.93 -5.20 35.01
CA TYR C 368 -15.78 -5.23 34.15
C TYR C 368 -16.13 -5.84 32.85
N VAL C 369 -17.01 -6.84 32.86
CA VAL C 369 -17.37 -7.50 31.63
C VAL C 369 -18.05 -6.53 30.66
N TYR C 370 -19.10 -5.86 31.11
CA TYR C 370 -19.89 -4.98 30.29
C TYR C 370 -19.13 -3.79 29.82
N SER C 371 -18.30 -3.28 30.69
CA SER C 371 -17.47 -2.17 30.33
C SER C 371 -16.47 -2.61 29.33
N PHE C 372 -16.00 -3.82 29.43
CA PHE C 372 -15.07 -4.24 28.41
C PHE C 372 -15.75 -4.41 27.08
N TYR C 373 -16.96 -4.90 27.10
CA TYR C 373 -17.72 -5.09 25.87
C TYR C 373 -17.98 -3.74 25.22
N TRP C 374 -18.46 -2.79 26.03
CA TRP C 374 -18.76 -1.45 25.57
C TRP C 374 -17.57 -0.82 24.90
N SER C 375 -16.44 -0.89 25.56
CA SER C 375 -15.27 -0.36 24.94
C SER C 375 -14.91 -1.07 23.68
N THR C 376 -15.22 -2.36 23.60
CA THR C 376 -14.86 -3.09 22.40
C THR C 376 -15.60 -2.50 21.23
N LEU C 377 -16.91 -2.36 21.39
CA LEU C 377 -17.72 -1.81 20.32
C LEU C 377 -17.29 -0.39 19.97
N ILE C 378 -17.34 0.54 20.91
CA ILE C 378 -16.98 1.94 20.61
C ILE C 378 -15.60 2.07 19.96
N LEU C 379 -14.66 1.26 20.37
CA LEU C 379 -13.36 1.37 19.75
C LEU C 379 -13.26 0.63 18.43
N THR C 380 -14.22 -0.21 18.10
CA THR C 380 -14.20 -0.78 16.74
C THR C 380 -15.46 -0.43 15.93
N THR C 381 -16.15 0.62 16.39
CA THR C 381 -17.21 1.27 15.66
C THR C 381 -18.20 0.29 15.09
N ILE C 382 -18.62 -0.64 15.91
CA ILE C 382 -19.81 -1.36 15.60
C ILE C 382 -20.86 -0.48 16.17
N GLY C 383 -20.65 -0.09 17.40
CA GLY C 383 -21.51 0.88 18.02
C GLY C 383 -22.93 0.39 18.18
N GLU C 384 -23.10 -0.76 18.82
CA GLU C 384 -24.43 -1.28 19.08
C GLU C 384 -24.79 -1.06 20.57
N VAL C 385 -24.66 0.20 20.97
CA VAL C 385 -24.71 0.62 22.35
C VAL C 385 -25.69 1.72 22.63
N PRO C 386 -26.49 1.59 23.70
CA PRO C 386 -27.50 2.59 24.09
C PRO C 386 -26.98 4.01 23.94
N SER C 387 -27.79 4.89 23.37
CA SER C 387 -27.30 6.20 22.94
C SER C 387 -27.26 7.25 24.06
N PRO C 388 -26.27 8.16 23.98
CA PRO C 388 -25.98 9.22 24.96
C PRO C 388 -27.19 10.08 25.35
N VAL C 389 -27.24 10.44 26.63
CA VAL C 389 -28.38 11.19 27.18
C VAL C 389 -28.04 12.54 27.83
N ARG C 390 -26.77 12.86 28.01
CA ARG C 390 -26.37 14.16 28.58
C ARG C 390 -25.28 14.76 27.73
N ASN C 391 -25.23 16.09 27.65
CA ASN C 391 -24.33 16.78 26.71
C ASN C 391 -22.90 16.35 26.96
N ILE C 392 -22.62 16.12 28.24
CA ILE C 392 -21.32 15.66 28.70
C ILE C 392 -20.97 14.29 28.10
N GLU C 393 -21.98 13.44 27.98
CA GLU C 393 -21.74 12.12 27.47
C GLU C 393 -21.44 12.17 25.98
N TYR C 394 -22.19 12.99 25.23
CA TYR C 394 -21.97 13.18 23.80
C TYR C 394 -20.57 13.60 23.59
N ALA C 395 -20.16 14.50 24.47
CA ALA C 395 -18.80 14.96 24.47
C ALA C 395 -17.94 13.72 24.52
N PHE C 396 -18.27 12.85 25.47
CA PHE C 396 -17.44 11.70 25.64
C PHE C 396 -17.42 10.79 24.42
N VAL C 397 -18.55 10.14 24.18
CA VAL C 397 -18.77 9.20 23.09
C VAL C 397 -18.26 9.69 21.73
N THR C 398 -18.38 10.98 21.43
CA THR C 398 -17.82 11.50 20.19
C THR C 398 -16.32 11.52 20.25
N LEU C 399 -15.82 11.98 21.39
CA LEU C 399 -14.39 12.01 21.55
C LEU C 399 -13.88 10.60 21.32
N ASP C 400 -14.58 9.66 21.93
CA ASP C 400 -14.13 8.30 22.02
C ASP C 400 -14.27 7.60 20.65
N LEU C 401 -15.34 7.93 19.90
CA LEU C 401 -15.64 7.34 18.59
C LEU C 401 -14.64 7.79 17.59
N MET C 402 -14.32 9.09 17.62
CA MET C 402 -13.28 9.64 16.74
C MET C 402 -11.93 9.04 17.07
N CYS C 403 -11.64 9.02 18.36
CA CYS C 403 -10.46 8.38 18.91
C CYS C 403 -10.32 6.96 18.40
N GLY C 404 -11.44 6.29 18.22
CA GLY C 404 -11.43 4.94 17.73
C GLY C 404 -11.22 4.87 16.24
N VAL C 405 -11.94 5.67 15.48
CA VAL C 405 -11.83 5.66 14.03
C VAL C 405 -10.42 6.06 13.59
N LEU C 406 -9.66 6.69 14.46
CA LEU C 406 -8.24 6.90 14.12
C LEU C 406 -7.34 5.83 14.74
N ILE C 407 -7.34 5.73 16.07
CA ILE C 407 -6.53 4.72 16.76
C ILE C 407 -6.63 3.31 16.15
N PHE C 408 -7.84 2.81 15.99
CA PHE C 408 -8.01 1.45 15.54
C PHE C 408 -7.85 1.26 14.06
N ALA C 409 -8.15 2.32 13.34
CA ALA C 409 -7.84 2.34 11.95
C ALA C 409 -6.39 2.00 11.78
N THR C 410 -5.53 2.81 12.35
CA THR C 410 -4.11 2.53 12.24
C THR C 410 -3.75 1.12 12.76
N ILE C 411 -4.17 0.80 13.98
CA ILE C 411 -3.80 -0.48 14.59
C ILE C 411 -4.07 -1.69 13.71
N VAL C 412 -5.30 -1.80 13.23
CA VAL C 412 -5.72 -2.94 12.45
C VAL C 412 -5.21 -2.86 10.99
N GLY C 413 -4.96 -1.64 10.54
CA GLY C 413 -4.21 -1.45 9.31
C GLY C 413 -2.72 -1.78 9.45
N ASN C 414 -2.31 -2.09 10.66
CA ASN C 414 -0.97 -2.62 10.88
C ASN C 414 -0.96 -4.11 11.04
N VAL C 415 -1.98 -4.66 11.70
CA VAL C 415 -2.09 -6.12 11.80
C VAL C 415 -2.23 -6.70 10.40
N GLY C 416 -3.04 -6.03 9.60
CA GLY C 416 -3.16 -6.40 8.21
C GLY C 416 -1.83 -6.36 7.49
N SER C 417 -1.06 -5.27 7.64
CA SER C 417 0.24 -5.13 6.98
C SER C 417 1.26 -6.16 7.46
N MET C 418 1.08 -6.63 8.68
CA MET C 418 2.00 -7.58 9.29
C MET C 418 1.76 -8.93 8.70
N ILE C 419 0.50 -9.35 8.69
CA ILE C 419 0.12 -10.61 8.07
C ILE C 419 0.32 -10.53 6.53
N SER C 420 0.42 -9.31 6.03
CA SER C 420 0.77 -9.02 4.63
C SER C 420 2.22 -9.37 4.31
N ASN C 421 3.14 -8.58 4.82
CA ASN C 421 4.57 -8.77 4.54
C ASN C 421 5.02 -10.19 4.90
N MET C 422 4.31 -10.81 5.83
CA MET C 422 4.49 -12.22 6.10
C MET C 422 4.04 -13.00 4.88
N SER C 423 4.97 -13.76 4.30
CA SER C 423 4.84 -14.40 2.98
C SER C 423 4.67 -13.33 1.88
N ALA C 424 5.66 -12.45 1.78
CA ALA C 424 5.71 -11.47 0.72
C ALA C 424 6.65 -12.03 -0.33
N ALA C 425 7.36 -13.08 0.08
CA ALA C 425 8.20 -13.84 -0.84
C ALA C 425 7.31 -14.43 -1.90
N ARG C 426 6.33 -15.18 -1.41
CA ARG C 426 5.34 -15.85 -2.24
C ARG C 426 4.56 -14.89 -3.12
N THR C 427 4.18 -13.74 -2.57
CA THR C 427 3.52 -12.71 -3.33
C THR C 427 4.39 -12.19 -4.48
N GLU C 428 5.66 -11.92 -4.19
CA GLU C 428 6.56 -11.44 -5.23
C GLU C 428 6.62 -12.47 -6.35
N PHE C 429 6.72 -13.73 -5.94
CA PHE C 429 6.84 -14.84 -6.85
C PHE C 429 5.66 -14.95 -7.81
N GLN C 430 4.46 -15.01 -7.26
CA GLN C 430 3.25 -15.10 -8.08
C GLN C 430 3.14 -13.90 -9.00
N ASN C 431 3.60 -12.74 -8.53
CA ASN C 431 3.67 -11.58 -9.41
C ASN C 431 4.51 -11.85 -10.65
N LYS C 432 5.77 -12.25 -10.42
CA LYS C 432 6.72 -12.50 -11.52
C LYS C 432 6.15 -13.49 -12.51
N MET C 433 5.64 -14.58 -11.96
CA MET C 433 5.14 -15.66 -12.78
C MET C 433 3.94 -15.24 -13.61
N ASP C 434 2.97 -14.60 -12.98
CA ASP C 434 1.78 -14.18 -13.69
C ASP C 434 2.15 -13.25 -14.83
N GLY C 435 3.15 -12.40 -14.58
CA GLY C 435 3.69 -11.59 -15.65
C GLY C 435 4.08 -12.51 -16.79
N ILE C 436 4.93 -13.51 -16.51
CA ILE C 436 5.43 -14.41 -17.56
C ILE C 436 4.32 -15.09 -18.37
N LYS C 437 3.40 -15.73 -17.66
CA LYS C 437 2.31 -16.45 -18.31
C LYS C 437 1.49 -15.50 -19.18
N GLN C 438 1.19 -14.32 -18.65
CA GLN C 438 0.51 -13.29 -19.44
C GLN C 438 1.23 -13.06 -20.76
N TYR C 439 2.53 -12.80 -20.65
CA TYR C 439 3.35 -12.55 -21.83
C TYR C 439 3.24 -13.66 -22.86
N MET C 440 3.28 -14.90 -22.41
CA MET C 440 3.18 -16.04 -23.32
C MET C 440 1.81 -16.26 -23.97
N GLU C 441 0.74 -15.91 -23.25
CA GLU C 441 -0.62 -16.02 -23.80
C GLU C 441 -0.83 -15.02 -24.90
N LEU C 442 -0.43 -13.78 -24.63
CA LEU C 442 -0.65 -12.72 -25.60
C LEU C 442 0.12 -12.96 -26.89
N ARG C 443 1.38 -13.35 -26.76
CA ARG C 443 2.24 -13.51 -27.93
C ARG C 443 2.13 -14.87 -28.61
N LYS C 444 1.23 -15.71 -28.11
CA LYS C 444 0.89 -16.96 -28.77
C LYS C 444 2.07 -17.92 -29.01
N VAL C 445 2.98 -17.97 -28.05
CA VAL C 445 4.06 -18.94 -28.04
C VAL C 445 3.50 -20.38 -28.08
N SER C 446 4.32 -21.37 -28.41
CA SER C 446 3.90 -22.77 -28.44
C SER C 446 3.39 -23.30 -27.09
N LYS C 447 2.91 -24.53 -27.08
CA LYS C 447 2.46 -25.17 -25.85
C LYS C 447 3.59 -25.87 -25.13
N GLN C 448 4.46 -26.51 -25.92
CA GLN C 448 5.60 -27.22 -25.39
C GLN C 448 6.53 -26.30 -24.60
N LEU C 449 6.83 -25.15 -25.19
CA LEU C 449 7.69 -24.17 -24.53
C LEU C 449 7.08 -23.61 -23.25
N GLU C 450 5.80 -23.27 -23.30
CA GLU C 450 5.11 -22.72 -22.15
C GLU C 450 5.07 -23.71 -20.99
N ILE C 451 4.72 -24.96 -21.30
CA ILE C 451 4.75 -26.01 -20.30
C ILE C 451 6.14 -26.09 -19.68
N ARG C 452 7.16 -26.17 -20.53
CA ARG C 452 8.52 -26.31 -20.06
C ARG C 452 8.88 -25.21 -19.07
N VAL C 453 8.51 -23.97 -19.41
CA VAL C 453 8.74 -22.83 -18.49
C VAL C 453 8.07 -23.02 -17.16
N ILE C 454 6.78 -23.32 -17.19
CA ILE C 454 6.06 -23.40 -15.94
C ILE C 454 6.60 -24.56 -15.08
N LYS C 455 7.10 -25.61 -15.71
CA LYS C 455 7.78 -26.66 -14.97
C LYS C 455 9.07 -26.13 -14.32
N TRP C 456 9.81 -25.30 -15.04
CA TRP C 456 10.98 -24.63 -14.48
C TRP C 456 10.62 -23.85 -13.23
N PHE C 457 9.56 -23.07 -13.29
CA PHE C 457 9.20 -22.32 -12.12
C PHE C 457 8.78 -23.23 -10.98
N ASP C 458 7.98 -24.24 -11.30
CA ASP C 458 7.53 -25.17 -10.28
C ASP C 458 8.69 -25.78 -9.48
N TYR C 459 9.64 -26.38 -10.18
CA TYR C 459 10.79 -26.96 -9.50
C TYR C 459 11.63 -25.90 -8.83
N LEU C 460 11.63 -24.69 -9.37
CA LEU C 460 12.36 -23.60 -8.77
C LEU C 460 11.78 -23.26 -7.39
N TRP C 461 10.48 -23.47 -7.23
CA TRP C 461 9.83 -23.07 -5.99
C TRP C 461 9.56 -24.21 -5.04
N THR C 462 9.60 -25.42 -5.53
CA THR C 462 9.44 -26.57 -4.64
C THR C 462 10.74 -26.93 -3.93
N ASN C 463 11.84 -26.31 -4.34
CA ASN C 463 13.11 -26.52 -3.67
C ASN C 463 13.47 -25.38 -2.75
N LYS C 464 12.86 -24.23 -3.01
CA LYS C 464 13.04 -23.07 -2.16
C LYS C 464 14.51 -22.64 -2.08
N GLN C 465 15.30 -23.11 -3.05
CA GLN C 465 16.68 -22.65 -3.26
C GLN C 465 16.64 -21.41 -4.15
N SER C 466 15.41 -20.96 -4.41
CA SER C 466 15.10 -19.82 -5.28
C SER C 466 15.51 -18.47 -4.69
N LEU C 467 15.85 -18.47 -3.40
CA LEU C 467 16.29 -17.27 -2.71
C LEU C 467 17.53 -16.68 -3.39
N SER C 468 17.36 -15.50 -3.99
CA SER C 468 18.44 -14.83 -4.72
C SER C 468 19.60 -14.42 -3.80
N ASP C 469 19.34 -14.52 -2.49
CA ASP C 469 20.34 -14.22 -1.46
C ASP C 469 20.76 -12.77 -1.53
N GLN C 470 20.06 -11.96 -2.32
CA GLN C 470 20.41 -10.55 -2.45
C GLN C 470 20.17 -9.84 -1.11
N GLN C 471 19.45 -10.51 -0.23
CA GLN C 471 19.31 -10.04 1.14
C GLN C 471 20.67 -10.01 1.80
N VAL C 472 21.28 -11.18 1.84
CA VAL C 472 22.58 -11.35 2.45
C VAL C 472 23.58 -10.43 1.80
N LEU C 473 23.48 -10.33 0.47
CA LEU C 473 24.40 -9.51 -0.32
C LEU C 473 24.32 -8.08 0.17
N LYS C 474 23.17 -7.48 -0.05
CA LYS C 474 23.03 -6.05 0.16
C LYS C 474 23.21 -5.68 1.63
N VAL C 475 22.39 -6.28 2.53
CA VAL C 475 22.24 -5.71 3.88
C VAL C 475 23.52 -5.92 4.70
N LEU C 476 24.18 -7.04 4.53
CA LEU C 476 25.23 -7.47 5.43
C LEU C 476 26.58 -6.81 5.10
N PRO C 477 27.54 -6.86 6.04
CA PRO C 477 28.92 -6.49 5.71
C PRO C 477 29.49 -7.52 4.77
N ASP C 478 30.50 -7.12 4.00
CA ASP C 478 31.04 -8.06 3.03
C ASP C 478 31.61 -9.31 3.72
N LYS C 479 32.25 -9.13 4.88
CA LYS C 479 32.89 -10.28 5.53
C LYS C 479 31.87 -11.34 5.94
N LEU C 480 30.71 -10.90 6.45
CA LEU C 480 29.68 -11.84 6.87
C LEU C 480 29.13 -12.65 5.69
N GLN C 481 28.94 -12.02 4.53
CA GLN C 481 28.60 -12.80 3.33
C GLN C 481 29.60 -13.94 3.14
N ALA C 482 30.88 -13.74 3.26
CA ALA C 482 31.92 -14.72 3.06
C ALA C 482 31.76 -15.93 3.99
N GLU C 483 31.59 -15.68 5.29
CA GLU C 483 31.50 -16.78 6.26
C GLU C 483 30.19 -17.56 6.15
N ILE C 484 29.08 -16.86 5.97
CA ILE C 484 27.80 -17.50 5.72
C ILE C 484 27.87 -18.47 4.54
N ALA C 485 28.25 -17.95 3.38
CA ALA C 485 28.28 -18.76 2.17
C ALA C 485 29.31 -19.85 2.31
N MET C 486 30.34 -19.56 3.11
CA MET C 486 31.34 -20.54 3.42
C MET C 486 30.69 -21.75 4.03
N GLN C 487 30.07 -21.55 5.19
CA GLN C 487 29.40 -22.65 5.88
C GLN C 487 28.42 -23.36 4.99
N VAL C 488 27.53 -22.61 4.34
CA VAL C 488 26.45 -23.23 3.56
C VAL C 488 26.98 -24.14 2.46
N HIS C 489 27.83 -23.62 1.60
CA HIS C 489 28.27 -24.40 0.45
C HIS C 489 29.50 -25.22 0.81
N PHE C 490 29.80 -25.29 2.11
CA PHE C 490 31.08 -25.82 2.58
C PHE C 490 31.35 -27.22 2.10
N GLU C 491 30.40 -28.12 2.35
CA GLU C 491 30.57 -29.50 1.97
C GLU C 491 30.63 -29.65 0.43
N THR C 492 29.83 -28.85 -0.26
CA THR C 492 29.73 -28.96 -1.71
C THR C 492 31.03 -28.57 -2.39
N LEU C 493 31.64 -27.50 -1.90
CA LEU C 493 32.91 -27.05 -2.44
C LEU C 493 34.08 -27.88 -1.94
N ARG C 494 33.89 -28.49 -0.77
CA ARG C 494 34.91 -29.33 -0.15
C ARG C 494 35.39 -30.43 -1.10
N LYS C 495 34.55 -30.78 -2.06
CA LYS C 495 34.90 -31.77 -3.07
C LYS C 495 35.10 -31.14 -4.45
N VAL C 496 35.94 -30.12 -4.51
CA VAL C 496 36.33 -29.49 -5.77
C VAL C 496 37.84 -29.51 -5.91
N ARG C 497 38.34 -29.92 -7.08
CA ARG C 497 39.78 -29.94 -7.32
C ARG C 497 40.39 -28.56 -7.15
N ILE C 498 39.88 -27.62 -7.93
CA ILE C 498 40.45 -26.28 -8.03
C ILE C 498 40.62 -25.56 -6.68
N PHE C 499 39.58 -25.53 -5.84
CA PHE C 499 39.67 -24.83 -4.56
C PHE C 499 40.58 -25.51 -3.54
N GLN C 500 40.57 -26.84 -3.54
CA GLN C 500 41.37 -27.62 -2.60
C GLN C 500 42.86 -27.57 -2.93
N ASP C 501 43.19 -27.60 -4.21
CA ASP C 501 44.59 -27.65 -4.66
C ASP C 501 45.38 -26.39 -4.29
N CYS C 502 44.81 -25.21 -4.52
CA CYS C 502 45.50 -23.95 -4.22
C CYS C 502 45.55 -23.72 -2.73
N GLU C 503 46.77 -23.49 -2.24
CA GLU C 503 47.00 -23.26 -0.82
C GLU C 503 46.28 -21.98 -0.39
N ALA C 504 46.30 -21.00 -1.28
CA ALA C 504 45.67 -19.73 -1.00
C ALA C 504 44.18 -19.87 -0.74
N GLY C 505 43.66 -19.06 0.18
CA GLY C 505 42.24 -18.97 0.36
C GLY C 505 41.69 -18.06 -0.71
N LEU C 506 41.92 -18.42 -1.97
CA LEU C 506 41.38 -17.67 -3.10
C LEU C 506 39.87 -17.84 -3.13
N LEU C 507 39.43 -19.01 -2.68
CA LEU C 507 38.02 -19.32 -2.57
C LEU C 507 37.31 -18.20 -1.86
N ALA C 508 37.93 -17.72 -0.81
CA ALA C 508 37.43 -16.57 -0.06
C ALA C 508 37.06 -15.39 -0.98
N GLU C 509 37.69 -15.30 -2.14
CA GLU C 509 37.34 -14.26 -3.08
C GLU C 509 36.11 -14.62 -3.91
N LEU C 510 36.13 -15.82 -4.48
CA LEU C 510 35.16 -16.25 -5.46
C LEU C 510 33.79 -16.53 -4.89
N VAL C 511 33.76 -16.90 -3.61
CA VAL C 511 32.50 -17.21 -2.96
C VAL C 511 31.55 -16.04 -3.01
N LEU C 512 32.11 -14.84 -2.96
CA LEU C 512 31.29 -13.65 -2.97
C LEU C 512 30.52 -13.53 -4.28
N LYS C 513 31.15 -13.97 -5.38
CA LYS C 513 30.57 -13.84 -6.70
C LYS C 513 30.43 -15.17 -7.44
N LEU C 514 29.49 -15.98 -6.97
CA LEU C 514 29.01 -17.15 -7.69
C LEU C 514 27.49 -17.10 -7.71
N GLN C 515 26.90 -17.30 -8.87
CA GLN C 515 25.45 -17.23 -8.94
C GLN C 515 24.85 -18.57 -9.34
N LEU C 516 23.89 -19.04 -8.55
CA LEU C 516 23.28 -20.33 -8.83
C LEU C 516 22.23 -20.28 -9.93
N GLN C 517 22.47 -21.04 -10.98
CA GLN C 517 21.54 -21.13 -12.09
C GLN C 517 20.95 -22.53 -12.21
N VAL C 518 19.62 -22.61 -12.32
CA VAL C 518 18.92 -23.88 -12.47
C VAL C 518 18.60 -24.18 -13.92
N PHE C 519 18.89 -25.41 -14.35
CA PHE C 519 18.66 -25.77 -15.74
C PHE C 519 17.67 -26.91 -15.80
N SER C 520 16.79 -26.87 -16.79
CA SER C 520 15.78 -27.90 -17.02
C SER C 520 16.38 -29.21 -17.59
N PRO C 521 15.70 -30.36 -17.38
CA PRO C 521 16.28 -31.66 -17.73
C PRO C 521 16.31 -31.94 -19.22
N GLY C 522 17.43 -32.49 -19.69
CA GLY C 522 17.60 -32.88 -21.07
C GLY C 522 18.06 -31.74 -21.96
N ASP C 523 18.30 -30.59 -21.36
CA ASP C 523 18.62 -29.37 -22.10
C ASP C 523 20.09 -29.04 -22.09
N PHE C 524 20.59 -28.60 -23.24
CA PHE C 524 22.00 -28.34 -23.38
C PHE C 524 22.46 -27.12 -22.61
N ILE C 525 23.32 -27.36 -21.63
CA ILE C 525 24.05 -26.32 -20.93
C ILE C 525 24.99 -25.68 -21.92
N CYS C 526 25.58 -26.54 -22.74
CA CYS C 526 26.54 -26.11 -23.75
C CYS C 526 26.27 -26.80 -25.10
N LYS C 527 26.67 -26.13 -26.17
CA LYS C 527 26.65 -26.70 -27.51
C LYS C 527 28.01 -26.49 -28.15
N LYS C 528 28.43 -27.45 -28.95
CA LYS C 528 29.69 -27.33 -29.67
C LYS C 528 29.70 -26.09 -30.56
N GLY C 529 30.82 -25.39 -30.61
CA GLY C 529 30.95 -24.22 -31.48
C GLY C 529 30.25 -22.99 -30.93
N ASP C 530 30.36 -22.78 -29.63
CA ASP C 530 29.78 -21.59 -29.02
C ASP C 530 30.79 -20.85 -28.13
N ILE C 531 30.55 -19.56 -27.95
CA ILE C 531 31.39 -18.70 -27.13
C ILE C 531 31.32 -19.07 -25.67
N GLY C 532 32.47 -19.34 -25.08
CA GLY C 532 32.54 -19.61 -23.67
C GLY C 532 32.71 -18.32 -22.91
N ARG C 533 31.77 -18.02 -22.02
CA ARG C 533 31.83 -16.82 -21.19
C ARG C 533 31.82 -17.18 -19.71
N GLU C 534 31.18 -18.30 -19.40
CA GLU C 534 31.03 -18.72 -18.02
C GLU C 534 31.72 -20.05 -17.79
N MET C 535 31.88 -20.38 -16.51
CA MET C 535 32.51 -21.61 -16.08
C MET C 535 31.70 -22.16 -14.93
N TYR C 536 31.21 -23.38 -15.07
CA TYR C 536 30.21 -23.89 -14.14
C TYR C 536 30.73 -24.92 -13.12
N ILE C 537 30.22 -24.84 -11.90
CA ILE C 537 30.51 -25.85 -10.89
C ILE C 537 29.19 -26.40 -10.37
N VAL C 538 29.08 -27.72 -10.43
CA VAL C 538 27.80 -28.37 -10.20
C VAL C 538 27.43 -28.52 -8.73
N LYS C 539 26.31 -27.94 -8.32
CA LYS C 539 25.92 -28.07 -6.94
C LYS C 539 25.10 -29.33 -6.69
N ARG C 540 24.22 -29.65 -7.62
CA ARG C 540 23.47 -30.89 -7.51
C ARG C 540 22.97 -31.30 -8.88
N GLY C 541 22.48 -32.54 -8.97
CA GLY C 541 22.10 -33.14 -10.25
C GLY C 541 23.32 -33.80 -10.86
N ARG C 542 23.12 -34.55 -11.93
CA ARG C 542 24.24 -35.11 -12.67
C ARG C 542 23.98 -34.86 -14.13
N LEU C 543 25.06 -34.59 -14.84
CA LEU C 543 24.99 -34.22 -16.23
C LEU C 543 26.04 -34.95 -17.06
N GLN C 544 25.71 -35.30 -18.30
CA GLN C 544 26.61 -36.09 -19.14
C GLN C 544 27.14 -35.33 -20.35
N VAL C 545 28.43 -35.55 -20.64
CA VAL C 545 29.08 -35.07 -21.85
C VAL C 545 28.78 -35.98 -23.04
N VAL C 546 28.12 -35.43 -24.04
CA VAL C 546 27.71 -36.20 -25.21
C VAL C 546 27.80 -35.46 -26.53
N ASP C 547 28.06 -36.22 -27.60
CA ASP C 547 28.15 -35.65 -28.94
C ASP C 547 27.42 -36.52 -29.97
N ASP C 548 26.61 -35.90 -30.83
CA ASP C 548 25.88 -36.64 -31.88
C ASP C 548 24.58 -37.26 -31.38
N ASP C 549 23.97 -36.69 -30.32
CA ASP C 549 22.70 -37.19 -29.75
C ASP C 549 22.82 -38.64 -29.26
N GLY C 550 23.87 -38.90 -28.49
CA GLY C 550 24.15 -40.25 -28.04
C GLY C 550 25.19 -40.95 -28.91
N LYS C 551 25.57 -42.13 -28.44
CA LYS C 551 26.58 -43.03 -28.99
C LYS C 551 28.01 -42.52 -28.77
N LYS C 552 28.18 -41.32 -28.19
CA LYS C 552 29.50 -40.81 -27.82
C LYS C 552 29.91 -41.42 -26.48
N VAL C 553 30.94 -40.85 -25.86
CA VAL C 553 31.35 -41.23 -24.52
C VAL C 553 30.51 -40.38 -23.58
N PHE C 554 29.49 -40.99 -22.99
CA PHE C 554 28.64 -40.30 -22.04
C PHE C 554 29.44 -40.19 -20.77
N VAL C 555 30.02 -39.02 -20.52
CA VAL C 555 30.83 -38.80 -19.34
C VAL C 555 29.95 -38.04 -18.38
N THR C 556 29.80 -38.59 -17.18
CA THR C 556 28.95 -37.93 -16.21
C THR C 556 29.65 -37.33 -15.01
N LEU C 557 29.46 -36.03 -14.86
CA LEU C 557 29.95 -35.27 -13.74
C LEU C 557 28.85 -35.22 -12.69
N GLN C 558 29.20 -35.49 -11.44
CA GLN C 558 28.26 -35.30 -10.35
C GLN C 558 28.54 -33.99 -9.65
N GLU C 559 27.87 -33.75 -8.54
CA GLU C 559 28.06 -32.51 -7.81
C GLU C 559 29.53 -32.35 -7.43
N GLY C 560 29.96 -31.11 -7.31
CA GLY C 560 31.34 -30.82 -6.94
C GLY C 560 32.25 -30.73 -8.14
N SER C 561 31.81 -31.30 -9.25
CA SER C 561 32.63 -31.31 -10.45
C SER C 561 32.72 -29.93 -11.09
N VAL C 562 33.75 -29.76 -11.91
CA VAL C 562 34.07 -28.51 -12.59
C VAL C 562 34.17 -28.67 -14.09
N PHE C 563 33.48 -27.80 -14.82
CA PHE C 563 33.58 -27.80 -16.27
C PHE C 563 33.32 -26.42 -16.86
N GLY C 564 33.39 -26.32 -18.17
CA GLY C 564 33.22 -25.04 -18.85
C GLY C 564 34.48 -24.20 -18.74
N GLU C 565 35.53 -24.78 -18.19
CA GLU C 565 36.74 -24.02 -17.91
C GLU C 565 37.71 -23.92 -19.09
N LEU C 566 37.56 -24.78 -20.10
CA LEU C 566 38.51 -24.79 -21.20
C LEU C 566 38.43 -23.53 -22.04
N SER C 567 37.22 -23.04 -22.25
CA SER C 567 37.02 -21.87 -23.10
C SER C 567 37.48 -20.59 -22.43
N ILE C 568 37.18 -20.46 -21.14
CA ILE C 568 37.55 -19.26 -20.39
C ILE C 568 39.07 -19.01 -20.42
N LEU C 569 39.83 -20.05 -20.07
CA LEU C 569 41.28 -19.98 -20.17
C LEU C 569 41.65 -19.94 -21.63
N ASN C 570 42.29 -18.86 -22.04
CA ASN C 570 42.60 -18.60 -23.44
C ASN C 570 43.79 -19.43 -23.93
N ILE C 571 43.44 -20.69 -24.12
CA ILE C 571 44.43 -21.62 -24.65
C ILE C 571 43.85 -22.30 -25.89
N ALA C 572 44.65 -22.35 -26.99
CA ALA C 572 44.20 -22.93 -28.27
C ALA C 572 45.29 -23.83 -28.87
N GLY C 573 45.50 -25.01 -28.27
CA GLY C 573 46.42 -25.99 -28.81
C GLY C 573 45.94 -26.63 -30.10
N SER C 574 44.63 -26.88 -30.20
CA SER C 574 43.96 -27.31 -31.42
C SER C 574 43.44 -26.12 -32.24
N LYS C 575 43.61 -24.89 -31.75
CA LYS C 575 43.30 -23.60 -32.41
C LYS C 575 41.80 -23.28 -32.41
N ASN C 576 41.00 -23.96 -31.58
CA ASN C 576 39.55 -23.80 -31.58
C ASN C 576 39.13 -22.42 -31.06
N GLY C 577 39.82 -21.92 -30.02
CA GLY C 577 39.47 -20.63 -29.44
C GLY C 577 38.40 -20.72 -28.38
N ASN C 578 37.88 -19.54 -28.01
CA ASN C 578 36.80 -19.41 -27.02
C ASN C 578 35.53 -20.12 -27.47
N ARG C 579 35.83 -21.41 -27.82
CA ARG C 579 34.74 -22.25 -28.30
C ARG C 579 34.53 -23.45 -27.40
N ARG C 580 33.27 -23.80 -27.16
CA ARG C 580 32.94 -25.01 -26.39
C ARG C 580 33.38 -26.26 -27.16
N THR C 581 34.31 -27.01 -26.57
CA THR C 581 34.88 -28.19 -27.22
C THR C 581 33.84 -29.28 -27.44
N ALA C 582 33.08 -29.57 -26.39
CA ALA C 582 32.02 -30.55 -26.46
C ALA C 582 30.69 -29.87 -26.15
N ASN C 583 29.61 -30.62 -26.11
CA ASN C 583 28.34 -30.08 -25.65
C ASN C 583 27.82 -30.85 -24.45
N VAL C 584 27.65 -30.14 -23.33
CA VAL C 584 27.28 -30.76 -22.06
C VAL C 584 25.77 -30.74 -21.86
N ARG C 585 25.21 -31.91 -21.54
CA ARG C 585 23.77 -32.01 -21.42
C ARG C 585 23.35 -32.43 -20.01
N SER C 586 22.21 -31.96 -19.54
CA SER C 586 21.70 -32.34 -18.23
C SER C 586 20.76 -33.52 -18.32
N VAL C 587 20.71 -34.35 -17.26
CA VAL C 587 19.83 -35.52 -17.23
C VAL C 587 18.53 -35.23 -16.46
N GLY C 588 18.60 -34.31 -15.51
CA GLY C 588 17.45 -33.93 -14.71
C GLY C 588 17.52 -32.44 -14.43
N TYR C 589 16.94 -32.01 -13.32
CA TYR C 589 17.05 -30.62 -12.89
C TYR C 589 18.36 -30.38 -12.16
N THR C 590 19.30 -29.69 -12.82
CA THR C 590 20.65 -29.53 -12.28
C THR C 590 20.97 -28.09 -11.89
N ASP C 591 21.58 -27.90 -10.72
CA ASP C 591 21.94 -26.55 -10.24
C ASP C 591 23.42 -26.30 -10.39
N LEU C 592 23.77 -25.20 -11.02
CA LEU C 592 25.17 -24.94 -11.29
C LEU C 592 25.61 -23.65 -10.63
N PHE C 593 26.87 -23.61 -10.22
CA PHE C 593 27.49 -22.35 -9.85
C PHE C 593 27.95 -21.67 -11.13
N VAL C 594 27.69 -20.38 -11.25
CA VAL C 594 28.12 -19.66 -12.43
C VAL C 594 29.07 -18.55 -12.06
N LEU C 595 30.22 -18.63 -12.68
CA LEU C 595 31.33 -17.72 -12.49
C LEU C 595 31.69 -17.06 -13.84
N SER C 596 31.36 -15.78 -14.00
CA SER C 596 31.65 -15.07 -15.24
C SER C 596 33.15 -14.94 -15.51
N LYS C 597 33.53 -14.95 -16.79
CA LYS C 597 34.93 -14.92 -17.22
C LYS C 597 35.71 -13.78 -16.57
N THR C 598 35.10 -12.60 -16.61
CA THR C 598 35.68 -11.41 -16.04
C THR C 598 36.08 -11.59 -14.57
N ASP C 599 35.22 -12.27 -13.81
CA ASP C 599 35.49 -12.48 -12.38
C ASP C 599 36.61 -13.47 -12.16
N LEU C 600 36.54 -14.59 -12.86
CA LEU C 600 37.58 -15.58 -12.73
C LEU C 600 38.92 -14.95 -13.01
N TRP C 601 38.99 -14.21 -14.11
CA TRP C 601 40.27 -13.64 -14.51
C TRP C 601 40.74 -12.52 -13.60
N ASN C 602 39.86 -11.58 -13.29
CA ASN C 602 40.22 -10.48 -12.40
C ASN C 602 40.73 -11.00 -11.07
N ALA C 603 40.19 -12.13 -10.65
CA ALA C 603 40.63 -12.76 -9.41
C ALA C 603 41.89 -13.59 -9.63
N LEU C 604 42.14 -14.02 -10.86
CA LEU C 604 43.22 -14.97 -11.14
C LEU C 604 44.61 -14.35 -11.19
N ARG C 605 44.67 -13.04 -11.44
CA ARG C 605 45.94 -12.33 -11.49
C ARG C 605 46.61 -12.34 -10.13
N GLU C 606 45.77 -12.39 -9.11
CA GLU C 606 46.20 -12.30 -7.72
C GLU C 606 46.88 -13.57 -7.25
N TYR C 607 46.45 -14.69 -7.82
CA TYR C 607 47.02 -15.98 -7.47
C TYR C 607 47.44 -16.70 -8.74
N PRO C 608 48.73 -16.59 -9.09
CA PRO C 608 49.26 -17.20 -10.32
C PRO C 608 49.42 -18.72 -10.21
N ASP C 609 49.46 -19.23 -8.98
CA ASP C 609 49.51 -20.67 -8.76
C ASP C 609 48.27 -21.38 -9.30
N ALA C 610 47.10 -20.81 -9.01
CA ALA C 610 45.83 -21.33 -9.51
C ALA C 610 45.82 -21.37 -11.03
N ARG C 611 46.41 -20.34 -11.63
CA ARG C 611 46.65 -20.31 -13.07
C ARG C 611 47.47 -21.53 -13.46
N LYS C 612 48.58 -21.76 -12.77
CA LYS C 612 49.46 -22.89 -13.09
C LYS C 612 48.73 -24.23 -13.06
N LEU C 613 47.92 -24.44 -12.03
CA LEU C 613 47.22 -25.71 -11.86
C LEU C 613 46.06 -25.91 -12.86
N LEU C 614 45.22 -24.88 -12.99
CA LEU C 614 44.09 -24.92 -13.93
C LEU C 614 44.57 -25.11 -15.37
N LEU C 615 45.61 -24.37 -15.76
CA LEU C 615 46.20 -24.53 -17.09
C LEU C 615 46.86 -25.91 -17.23
N ALA C 616 47.48 -26.38 -16.15
CA ALA C 616 48.11 -27.71 -16.14
C ALA C 616 47.10 -28.80 -16.41
N LYS C 617 45.87 -28.61 -15.93
CA LYS C 617 44.79 -29.54 -16.25
C LYS C 617 44.31 -29.33 -17.68
N GLY C 618 44.22 -28.06 -18.09
CA GLY C 618 43.73 -27.70 -19.41
C GLY C 618 44.54 -28.27 -20.57
N ARG C 619 45.86 -28.24 -20.45
CA ARG C 619 46.73 -28.84 -21.46
C ARG C 619 46.41 -30.33 -21.59
N GLU C 620 46.14 -30.97 -20.46
CA GLU C 620 45.91 -32.40 -20.43
C GLU C 620 44.52 -32.78 -20.95
N ILE C 621 43.56 -31.86 -20.84
CA ILE C 621 42.23 -32.10 -21.43
C ILE C 621 42.25 -31.85 -22.94
N LEU C 622 42.98 -30.81 -23.37
CA LEU C 622 43.10 -30.49 -24.81
C LEU C 622 44.07 -31.44 -25.52
N LYS C 623 44.86 -32.18 -24.74
CA LYS C 623 45.80 -33.18 -25.25
C LYS C 623 45.09 -34.29 -26.05
N LYS C 624 43.94 -34.71 -25.56
CA LYS C 624 43.11 -35.74 -26.20
C LYS C 624 42.72 -35.34 -27.64
N ASP C 625 42.52 -34.04 -27.83
CA ASP C 625 42.14 -33.47 -29.12
C ASP C 625 43.34 -32.97 -29.93
N ARG D 111 -1.11 -59.03 -9.94
CA ARG D 111 -1.33 -58.12 -8.82
C ARG D 111 -0.04 -57.85 -8.04
N LYS D 112 0.94 -58.73 -8.19
CA LYS D 112 2.23 -58.58 -7.51
C LYS D 112 2.98 -57.33 -8.00
N TYR D 113 2.65 -56.89 -9.21
CA TYR D 113 3.24 -55.69 -9.81
C TYR D 113 2.83 -54.40 -9.07
N LEU D 114 1.69 -54.47 -8.38
CA LEU D 114 1.13 -53.32 -7.67
C LEU D 114 1.67 -53.27 -6.24
N ALA D 115 2.49 -54.25 -5.88
CA ALA D 115 3.19 -54.26 -4.60
C ALA D 115 4.52 -53.49 -4.68
N ASN D 116 5.23 -53.66 -5.79
CA ASN D 116 6.52 -53.00 -6.00
C ASN D 116 6.39 -51.73 -6.84
N TYR D 117 5.15 -51.33 -7.11
CA TYR D 117 4.83 -50.13 -7.88
C TYR D 117 5.24 -48.85 -7.18
N THR D 118 5.98 -47.98 -7.88
CA THR D 118 6.43 -46.69 -7.32
C THR D 118 5.81 -45.50 -8.05
N GLN D 119 5.50 -44.45 -7.28
CA GLN D 119 4.82 -43.27 -7.82
C GLN D 119 5.77 -42.13 -8.10
N ASP D 120 5.61 -41.52 -9.27
CA ASP D 120 6.34 -40.32 -9.66
C ASP D 120 5.54 -39.08 -9.21
N PRO D 121 6.18 -38.15 -8.47
CA PRO D 121 5.49 -36.93 -7.99
C PRO D 121 5.20 -35.95 -9.11
N SER D 122 6.04 -35.99 -10.16
CA SER D 122 5.95 -35.07 -11.28
C SER D 122 5.21 -35.63 -12.51
N THR D 123 3.98 -36.09 -12.31
CA THR D 123 3.09 -36.47 -13.43
C THR D 123 1.78 -35.73 -13.30
N ASP D 124 1.11 -35.52 -14.43
CA ASP D 124 -0.14 -34.78 -14.44
C ASP D 124 -1.22 -35.58 -13.66
N ASN D 125 -1.17 -36.90 -13.82
CA ASN D 125 -2.13 -37.78 -13.16
C ASN D 125 -2.08 -37.58 -11.67
N PHE D 126 -0.86 -37.47 -11.13
CA PHE D 126 -0.68 -37.30 -9.69
C PHE D 126 -1.35 -36.01 -9.22
N TYR D 127 -1.23 -34.95 -10.01
CA TYR D 127 -1.90 -33.70 -9.68
C TYR D 127 -3.42 -33.93 -9.64
N TYR D 128 -3.93 -34.72 -10.59
CA TYR D 128 -5.35 -35.10 -10.50
C TYR D 128 -5.65 -35.79 -9.17
N TRP D 129 -4.77 -36.69 -8.76
CA TRP D 129 -4.97 -37.42 -7.51
C TRP D 129 -5.00 -36.47 -6.31
N THR D 130 -4.01 -35.58 -6.21
CA THR D 130 -3.94 -34.62 -5.12
C THR D 130 -5.22 -33.79 -5.08
N CYS D 131 -5.73 -33.45 -6.25
CA CYS D 131 -7.03 -32.80 -6.36
C CYS D 131 -8.12 -33.66 -5.69
N VAL D 132 -8.05 -34.98 -5.88
CA VAL D 132 -9.02 -35.88 -5.23
C VAL D 132 -8.90 -35.88 -3.69
N VAL D 133 -7.67 -36.02 -3.20
CA VAL D 133 -7.39 -35.91 -1.77
C VAL D 133 -8.01 -34.61 -1.25
N THR D 134 -7.90 -33.56 -2.06
CA THR D 134 -8.46 -32.26 -1.74
C THR D 134 -9.96 -32.31 -1.53
N VAL D 135 -10.65 -32.98 -2.45
CA VAL D 135 -12.09 -33.10 -2.25
C VAL D 135 -12.46 -33.82 -0.97
N ALA D 136 -11.72 -34.89 -0.66
CA ALA D 136 -11.96 -35.58 0.62
C ALA D 136 -11.73 -34.63 1.84
N TYR D 137 -10.67 -33.83 1.75
CA TYR D 137 -10.33 -32.91 2.83
C TYR D 137 -11.44 -31.94 3.10
N ILE D 138 -11.85 -31.23 2.05
CA ILE D 138 -12.93 -30.29 2.17
C ILE D 138 -14.17 -30.99 2.72
N TYR D 139 -14.36 -32.24 2.30
CA TYR D 139 -15.47 -33.00 2.81
C TYR D 139 -15.45 -32.98 4.32
N ASN D 140 -14.35 -33.44 4.88
CA ASN D 140 -14.23 -33.52 6.33
C ASN D 140 -14.41 -32.17 7.00
N LEU D 141 -13.61 -31.17 6.60
CA LEU D 141 -13.65 -29.89 7.32
C LEU D 141 -14.94 -29.11 7.09
N LEU D 142 -15.78 -29.57 6.19
CA LEU D 142 -17.08 -28.94 6.05
C LEU D 142 -18.17 -29.66 6.82
N PHE D 143 -18.24 -30.98 6.67
CA PHE D 143 -19.38 -31.73 7.17
C PHE D 143 -19.19 -32.36 8.54
N VAL D 144 -17.95 -32.60 8.92
CA VAL D 144 -17.72 -33.26 10.19
C VAL D 144 -18.23 -32.40 11.34
N ILE D 145 -17.71 -31.18 11.41
CA ILE D 145 -18.03 -30.28 12.51
C ILE D 145 -19.53 -30.02 12.57
N ALA D 146 -20.14 -29.83 11.41
CA ALA D 146 -21.58 -29.61 11.32
C ALA D 146 -22.40 -30.82 11.80
N ARG D 147 -21.91 -32.03 11.49
CA ARG D 147 -22.50 -33.28 12.00
C ARG D 147 -22.42 -33.34 13.51
N GLN D 148 -21.32 -32.80 14.03
CA GLN D 148 -21.12 -32.76 15.47
C GLN D 148 -22.14 -31.84 16.13
N VAL D 149 -22.33 -30.67 15.55
CA VAL D 149 -23.18 -29.66 16.17
C VAL D 149 -24.68 -29.88 15.94
N PHE D 150 -25.06 -29.96 14.67
CA PHE D 150 -26.43 -30.23 14.29
C PHE D 150 -26.66 -31.76 14.21
N ASN D 151 -26.86 -32.39 15.38
CA ASN D 151 -27.10 -33.85 15.50
C ASN D 151 -28.49 -34.22 15.01
N ASP D 152 -29.21 -33.19 14.60
CA ASP D 152 -30.47 -33.31 13.89
C ASP D 152 -30.16 -33.89 12.50
N LEU D 153 -28.97 -33.59 11.99
CA LEU D 153 -28.59 -34.00 10.63
C LEU D 153 -28.65 -35.52 10.43
N ILE D 154 -27.63 -36.24 10.90
CA ILE D 154 -27.71 -37.70 10.89
C ILE D 154 -28.70 -38.09 11.96
N GLY D 155 -29.92 -38.38 11.55
CA GLY D 155 -30.93 -38.71 12.52
C GLY D 155 -32.24 -38.01 12.26
N PRO D 156 -32.83 -37.44 13.33
CA PRO D 156 -32.27 -37.30 14.68
C PRO D 156 -32.22 -38.58 15.51
N SER D 157 -31.58 -38.46 16.67
CA SER D 157 -31.47 -39.55 17.61
C SER D 157 -32.50 -39.41 18.74
N SER D 158 -33.54 -38.60 18.50
CA SER D 158 -34.61 -38.41 19.46
C SER D 158 -35.86 -37.79 18.80
N GLN D 159 -36.98 -37.74 19.55
CA GLN D 159 -38.21 -37.11 19.05
C GLN D 159 -38.66 -35.88 19.87
N SER D 160 -39.38 -34.98 19.21
CA SER D 160 -39.67 -33.63 19.71
C SER D 160 -40.49 -33.39 20.99
N LEU D 161 -41.54 -34.17 21.26
CA LEU D 161 -42.31 -34.00 22.50
C LEU D 161 -42.80 -32.57 22.83
N CYS D 162 -43.34 -31.89 21.83
CA CYS D 162 -43.92 -30.57 22.02
C CYS D 162 -45.22 -30.72 22.78
N ARG D 163 -45.61 -29.74 23.58
CA ARG D 163 -46.87 -29.91 24.29
C ARG D 163 -47.91 -28.84 23.93
N PHE D 164 -49.12 -29.30 23.62
CA PHE D 164 -50.24 -28.40 23.38
C PHE D 164 -51.38 -28.75 24.35
N TYR D 165 -51.95 -27.74 24.99
CA TYR D 165 -53.11 -27.97 25.85
C TYR D 165 -54.32 -28.33 24.99
N ASN D 166 -55.26 -29.09 25.58
CA ASN D 166 -56.52 -29.46 24.96
C ASN D 166 -56.35 -30.62 23.96
N THR D 172 -53.33 -31.18 28.15
CA THR D 172 -51.99 -30.58 28.13
C THR D 172 -50.90 -31.64 27.96
N THR D 173 -51.30 -32.78 27.39
CA THR D 173 -50.41 -33.94 27.19
C THR D 173 -49.26 -33.68 26.22
N GLN D 174 -48.09 -34.24 26.54
CA GLN D 174 -46.95 -34.20 25.63
C GLN D 174 -47.32 -35.03 24.41
N VAL D 175 -47.02 -34.49 23.23
CA VAL D 175 -47.42 -35.11 21.96
C VAL D 175 -46.13 -35.31 21.18
N GLU D 176 -46.22 -35.74 19.92
CA GLU D 176 -45.05 -35.80 19.08
C GLU D 176 -44.87 -34.47 18.35
N CYS D 177 -44.12 -34.52 17.26
CA CYS D 177 -43.85 -33.33 16.48
C CYS D 177 -44.85 -33.16 15.33
N THR D 178 -45.54 -32.03 15.29
CA THR D 178 -46.37 -31.67 14.14
C THR D 178 -45.86 -30.36 13.54
N TYR D 179 -45.64 -30.37 12.23
CA TYR D 179 -44.96 -29.28 11.52
C TYR D 179 -45.65 -27.92 11.65
N ASN D 180 -46.88 -27.94 12.12
CA ASN D 180 -47.58 -26.69 12.43
C ASN D 180 -47.39 -26.26 13.87
N MET D 181 -47.10 -27.21 14.77
CA MET D 181 -46.93 -26.87 16.19
C MET D 181 -45.47 -26.50 16.53
N LEU D 182 -44.56 -26.71 15.58
CA LEU D 182 -43.18 -26.21 15.70
C LEU D 182 -43.02 -24.76 15.20
N THR D 183 -44.15 -24.11 14.99
CA THR D 183 -44.22 -22.67 14.68
C THR D 183 -44.86 -21.91 15.85
N ASN D 184 -44.44 -20.68 16.08
CA ASN D 184 -45.17 -19.81 17.00
C ASN D 184 -45.29 -20.42 18.40
N MET D 185 -44.21 -21.03 18.87
CA MET D 185 -44.28 -21.77 20.13
C MET D 185 -44.21 -20.86 21.35
N LYS D 186 -44.77 -21.36 22.46
CA LYS D 186 -44.75 -20.66 23.72
C LYS D 186 -43.43 -20.96 24.43
N GLU D 187 -43.07 -22.24 24.46
CA GLU D 187 -41.82 -22.69 25.08
C GLU D 187 -41.11 -23.67 24.15
N MET D 188 -39.82 -23.87 24.38
CA MET D 188 -39.01 -24.76 23.54
C MET D 188 -39.44 -26.23 23.72
N PRO D 189 -39.37 -27.03 22.63
CA PRO D 189 -39.75 -28.45 22.65
C PRO D 189 -38.78 -29.35 23.42
N THR D 190 -39.28 -30.14 24.36
CA THR D 190 -38.45 -31.08 25.13
C THR D 190 -37.95 -32.24 24.28
N TYR D 191 -36.64 -32.53 24.30
CA TYR D 191 -36.13 -33.63 23.48
C TYR D 191 -36.18 -34.93 24.28
N SER D 192 -37.06 -35.83 23.87
CA SER D 192 -37.19 -37.13 24.52
C SER D 192 -36.65 -38.23 23.61
N GLN D 193 -35.74 -39.01 24.18
CA GLN D 193 -34.93 -39.98 23.44
C GLN D 193 -35.69 -41.24 23.09
N TYR D 194 -35.38 -41.82 21.93
CA TYR D 194 -35.91 -43.12 21.50
C TYR D 194 -35.40 -44.28 22.38
N PRO D 195 -36.20 -45.44 22.23
CA PRO D 195 -35.69 -46.62 22.94
C PRO D 195 -34.39 -47.10 22.35
N ASP D 196 -34.36 -47.26 21.04
CA ASP D 196 -33.15 -47.38 20.24
C ASP D 196 -33.13 -46.12 19.39
N LEU D 197 -32.10 -45.31 19.54
CA LEU D 197 -32.09 -44.03 18.88
C LEU D 197 -31.47 -44.21 17.50
N GLY D 198 -32.24 -43.99 16.46
CA GLY D 198 -31.56 -44.15 15.20
C GLY D 198 -32.20 -45.00 14.11
N TRP D 199 -31.41 -46.01 13.72
CA TRP D 199 -31.45 -46.63 12.39
C TRP D 199 -32.80 -47.24 12.02
N SER D 200 -33.58 -47.67 13.01
CA SER D 200 -34.89 -48.25 12.72
C SER D 200 -35.78 -47.25 11.97
N LYS D 201 -35.83 -46.00 12.43
CA LYS D 201 -36.65 -44.97 11.80
C LYS D 201 -36.00 -44.40 10.55
N TYR D 202 -34.69 -44.13 10.59
CA TYR D 202 -33.93 -43.54 9.48
C TYR D 202 -32.83 -44.52 9.08
N TRP D 203 -32.85 -44.96 7.81
CA TRP D 203 -31.94 -45.99 7.32
C TRP D 203 -31.12 -45.49 6.14
N HIS D 204 -31.82 -45.01 5.11
CA HIS D 204 -31.18 -44.53 3.89
C HIS D 204 -30.09 -43.50 4.20
N PHE D 205 -30.44 -42.54 5.06
CA PHE D 205 -29.57 -41.43 5.40
C PHE D 205 -28.24 -41.90 5.99
N ARG D 206 -28.32 -42.60 7.11
CA ARG D 206 -27.14 -43.03 7.83
C ARG D 206 -26.25 -43.89 6.94
N MET D 207 -26.88 -44.76 6.17
CA MET D 207 -26.15 -45.58 5.20
C MET D 207 -25.39 -44.71 4.21
N LEU D 208 -26.04 -43.65 3.72
CA LEU D 208 -25.38 -42.69 2.85
C LEU D 208 -24.13 -42.16 3.51
N TRP D 209 -24.29 -41.59 4.70
CA TRP D 209 -23.14 -40.97 5.37
C TRP D 209 -22.00 -41.96 5.59
N VAL D 210 -22.34 -43.23 5.86
CA VAL D 210 -21.29 -44.23 6.07
C VAL D 210 -20.58 -44.59 4.76
N PHE D 211 -21.34 -44.66 3.67
CA PHE D 211 -20.76 -44.90 2.35
C PHE D 211 -19.76 -43.79 2.02
N PHE D 212 -20.17 -42.54 2.25
CA PHE D 212 -19.31 -41.41 1.92
C PHE D 212 -18.09 -41.31 2.81
N ASP D 213 -18.28 -41.42 4.12
CA ASP D 213 -17.13 -41.41 5.02
C ASP D 213 -16.16 -42.53 4.66
N LEU D 214 -16.70 -43.70 4.39
CA LEU D 214 -15.89 -44.85 4.03
C LEU D 214 -15.11 -44.55 2.75
N LEU D 215 -15.77 -43.86 1.83
CA LEU D 215 -15.17 -43.49 0.56
C LEU D 215 -13.97 -42.56 0.79
N MET D 216 -14.21 -41.49 1.53
CA MET D 216 -13.19 -40.49 1.82
C MET D 216 -11.98 -41.15 2.47
N ASP D 217 -12.29 -42.05 3.40
CA ASP D 217 -11.26 -42.80 4.10
C ASP D 217 -10.48 -43.71 3.14
N CYS D 218 -11.17 -44.25 2.15
CA CYS D 218 -10.49 -45.03 1.11
C CYS D 218 -9.50 -44.14 0.41
N VAL D 219 -9.91 -42.89 0.14
CA VAL D 219 -9.01 -41.95 -0.51
C VAL D 219 -7.79 -41.71 0.36
N TYR D 220 -8.00 -41.56 1.66
CA TYR D 220 -6.90 -41.37 2.59
C TYR D 220 -5.93 -42.55 2.60
N LEU D 221 -6.49 -43.75 2.57
CA LEU D 221 -5.70 -44.97 2.57
C LEU D 221 -4.85 -45.08 1.31
N ILE D 222 -5.50 -44.93 0.15
CA ILE D 222 -4.81 -45.01 -1.13
C ILE D 222 -3.70 -43.97 -1.19
N ASP D 223 -4.02 -42.79 -0.66
CA ASP D 223 -3.04 -41.72 -0.56
C ASP D 223 -1.87 -42.15 0.32
N THR D 224 -2.13 -42.96 1.34
CA THR D 224 -1.06 -43.36 2.23
C THR D 224 -0.19 -44.41 1.56
N PHE D 225 -0.81 -45.30 0.77
CA PHE D 225 -0.04 -46.28 0.01
C PHE D 225 0.85 -45.56 -1.00
N LEU D 226 0.34 -44.49 -1.59
CA LEU D 226 1.15 -43.70 -2.51
C LEU D 226 2.28 -42.99 -1.78
N ASN D 227 2.00 -42.52 -0.57
CA ASN D 227 3.02 -41.93 0.29
C ASN D 227 4.13 -42.94 0.56
N TYR D 228 3.76 -44.21 0.70
CA TYR D 228 4.70 -45.30 0.90
C TYR D 228 5.66 -45.42 -0.27
N ARG D 229 5.14 -45.20 -1.46
CA ARG D 229 5.89 -45.42 -2.69
C ARG D 229 6.26 -44.11 -3.42
N MET D 230 6.32 -43.01 -2.66
CA MET D 230 6.60 -41.69 -3.24
C MET D 230 8.03 -41.55 -3.72
N GLY D 231 8.22 -41.48 -5.03
CA GLY D 231 9.54 -41.37 -5.61
C GLY D 231 10.22 -40.05 -5.30
N TYR D 232 10.93 -40.00 -4.17
CA TYR D 232 11.64 -38.81 -3.73
C TYR D 232 12.72 -38.44 -4.74
N MET D 233 13.16 -37.18 -4.74
CA MET D 233 14.05 -36.72 -5.81
C MET D 233 15.49 -36.50 -5.34
N ASP D 234 16.38 -37.39 -5.77
CA ASP D 234 17.82 -37.33 -5.47
C ASP D 234 18.64 -36.74 -6.61
N GLN D 235 19.08 -35.50 -6.43
CA GLN D 235 19.89 -34.80 -7.42
C GLN D 235 19.19 -34.70 -8.79
N GLY D 236 18.04 -34.01 -8.81
CA GLY D 236 17.33 -33.69 -10.04
C GLY D 236 16.58 -34.80 -10.76
N LEU D 237 16.84 -36.05 -10.38
CA LEU D 237 16.23 -37.22 -11.02
C LEU D 237 15.26 -37.90 -10.05
N VAL D 238 14.21 -38.50 -10.57
CA VAL D 238 13.24 -39.18 -9.71
C VAL D 238 13.64 -40.64 -9.44
N VAL D 239 13.89 -40.95 -8.16
CA VAL D 239 14.31 -42.29 -7.75
C VAL D 239 13.12 -43.23 -7.57
N ARG D 240 12.92 -44.12 -8.55
CA ARG D 240 11.84 -45.08 -8.50
C ARG D 240 12.40 -46.49 -8.26
N GLU D 241 12.32 -46.94 -7.01
CA GLU D 241 13.01 -48.15 -6.58
C GLU D 241 12.22 -48.96 -5.54
N ALA D 242 12.61 -50.22 -5.36
CA ALA D 242 11.93 -51.13 -4.45
C ALA D 242 12.08 -50.71 -2.98
N GLU D 243 13.25 -50.97 -2.40
CA GLU D 243 13.47 -50.79 -0.97
C GLU D 243 13.97 -49.38 -0.63
N LYS D 244 14.56 -48.70 -1.62
CA LYS D 244 15.11 -47.36 -1.42
C LYS D 244 14.01 -46.36 -1.01
N VAL D 245 12.89 -46.41 -1.71
CA VAL D 245 11.77 -45.51 -1.45
C VAL D 245 11.20 -45.70 -0.05
N THR D 246 10.93 -46.95 0.30
CA THR D 246 10.37 -47.30 1.61
C THR D 246 11.36 -46.91 2.72
N LYS D 247 12.64 -47.07 2.41
CA LYS D 247 13.71 -46.59 3.28
C LYS D 247 13.53 -45.09 3.54
N ALA D 248 13.34 -44.33 2.46
CA ALA D 248 13.12 -42.88 2.56
C ALA D 248 11.86 -42.55 3.37
N TYR D 249 10.85 -43.41 3.30
CA TYR D 249 9.62 -43.23 4.06
C TYR D 249 9.93 -43.32 5.55
N TRP D 250 10.48 -44.43 5.99
CA TRP D 250 10.62 -44.65 7.43
C TRP D 250 11.80 -43.90 8.06
N GLN D 251 12.76 -43.50 7.23
CA GLN D 251 13.84 -42.63 7.71
C GLN D 251 13.28 -41.25 8.05
N SER D 252 12.28 -40.83 7.29
CA SER D 252 11.54 -39.62 7.59
C SER D 252 10.45 -39.99 8.59
N LYS D 253 10.70 -39.74 9.87
CA LYS D 253 9.80 -40.15 10.95
C LYS D 253 8.46 -39.42 10.87
N GLN D 254 8.48 -38.23 10.27
CA GLN D 254 7.27 -37.40 10.16
C GLN D 254 6.20 -38.08 9.30
N TYR D 255 6.62 -38.72 8.21
CA TYR D 255 5.74 -39.49 7.33
C TYR D 255 4.85 -40.49 8.08
N ARG D 256 5.48 -41.38 8.84
CA ARG D 256 4.74 -42.37 9.60
C ARG D 256 4.00 -41.72 10.78
N ILE D 257 4.56 -40.66 11.36
CA ILE D 257 3.91 -40.01 12.52
C ILE D 257 2.55 -39.41 12.10
N ASP D 258 2.55 -38.37 11.25
CA ASP D 258 1.30 -37.72 10.88
C ASP D 258 0.44 -38.69 10.09
N GLY D 259 1.08 -39.47 9.21
CA GLY D 259 0.36 -40.39 8.32
C GLY D 259 -0.45 -41.40 9.09
N ILE D 260 0.13 -41.99 10.14
CA ILE D 260 -0.60 -42.92 11.01
C ILE D 260 -1.67 -42.19 11.82
N SER D 261 -1.37 -40.96 12.23
CA SER D 261 -2.25 -40.25 13.15
C SER D 261 -3.71 -40.06 12.69
N LEU D 262 -3.91 -39.80 11.40
CA LEU D 262 -5.25 -39.50 10.90
C LEU D 262 -6.09 -40.70 10.46
N ILE D 263 -5.49 -41.88 10.39
CA ILE D 263 -6.27 -43.07 10.01
C ILE D 263 -6.57 -44.06 11.15
N PRO D 264 -6.86 -43.58 12.39
CA PRO D 264 -7.18 -44.61 13.38
C PRO D 264 -8.47 -45.31 13.01
N LEU D 265 -9.37 -44.57 12.36
CA LEU D 265 -10.72 -45.02 12.02
C LEU D 265 -11.50 -45.04 13.33
N ASP D 266 -11.05 -44.23 14.29
CA ASP D 266 -11.65 -44.14 15.62
C ASP D 266 -13.09 -43.64 15.55
N TYR D 267 -13.44 -43.02 14.43
CA TYR D 267 -14.79 -42.47 14.23
C TYR D 267 -15.86 -43.56 14.28
N ILE D 268 -15.57 -44.73 13.71
CA ILE D 268 -16.52 -45.84 13.71
C ILE D 268 -16.97 -46.18 15.12
N LEU D 269 -16.05 -46.05 16.08
CA LEU D 269 -16.36 -46.35 17.47
C LEU D 269 -17.01 -45.16 18.16
N GLY D 270 -16.86 -43.98 17.56
CA GLY D 270 -17.43 -42.75 18.11
C GLY D 270 -18.72 -42.36 17.41
N TRP D 271 -18.99 -43.00 16.28
CA TRP D 271 -20.20 -42.70 15.51
C TRP D 271 -21.42 -42.81 16.44
N PRO D 272 -22.58 -42.27 16.04
CA PRO D 272 -23.80 -42.45 16.87
C PRO D 272 -24.14 -43.88 17.24
N ILE D 273 -23.71 -44.87 16.44
CA ILE D 273 -23.80 -46.30 16.83
C ILE D 273 -22.66 -46.53 17.86
N PRO D 274 -22.94 -47.25 18.97
CA PRO D 274 -24.10 -48.07 19.32
C PRO D 274 -25.38 -47.37 19.71
N TYR D 275 -26.43 -48.19 19.70
CA TYR D 275 -27.75 -47.76 20.15
C TYR D 275 -27.74 -47.48 21.66
N ILE D 276 -26.96 -48.23 22.44
CA ILE D 276 -26.96 -48.14 23.89
C ILE D 276 -25.79 -47.27 24.36
N ASN D 277 -26.10 -46.28 25.20
CA ASN D 277 -25.17 -45.56 26.06
C ASN D 277 -24.25 -44.59 25.33
N TRP D 278 -24.36 -44.44 24.01
CA TRP D 278 -23.47 -43.56 23.26
C TRP D 278 -24.28 -42.62 22.38
N ARG D 279 -23.99 -41.32 22.52
CA ARG D 279 -24.60 -40.30 21.68
C ARG D 279 -23.90 -40.18 20.33
N GLY D 280 -22.59 -40.43 20.31
CA GLY D 280 -21.79 -40.33 19.11
C GLY D 280 -20.96 -39.07 19.13
N LEU D 281 -19.63 -39.19 18.94
CA LEU D 281 -18.75 -38.03 18.86
C LEU D 281 -18.17 -37.90 17.48
N PRO D 282 -19.05 -37.58 16.50
CA PRO D 282 -18.43 -37.51 15.17
C PRO D 282 -17.22 -36.62 15.17
N ILE D 283 -17.04 -35.72 16.08
CA ILE D 283 -15.97 -34.73 16.05
C ILE D 283 -14.59 -35.38 16.06
N LEU D 284 -14.53 -36.66 16.43
CA LEU D 284 -13.27 -37.39 16.42
C LEU D 284 -12.64 -37.36 15.03
N ARG D 285 -13.49 -37.33 14.00
CA ARG D 285 -12.99 -37.34 12.63
C ARG D 285 -12.02 -36.18 12.36
N LEU D 286 -11.98 -35.21 13.28
CA LEU D 286 -11.13 -34.05 13.12
C LEU D 286 -9.68 -34.45 12.92
N ASN D 287 -9.30 -35.63 13.38
CA ASN D 287 -7.90 -36.04 13.23
C ASN D 287 -7.48 -36.14 11.76
N ARG D 288 -8.45 -36.18 10.86
CA ARG D 288 -8.18 -36.31 9.43
C ARG D 288 -7.69 -35.00 8.86
N LEU D 289 -7.84 -33.95 9.64
CA LEU D 289 -7.56 -32.62 9.18
C LEU D 289 -6.07 -32.36 9.11
N ILE D 290 -5.30 -33.25 9.70
CA ILE D 290 -3.87 -33.03 9.77
C ILE D 290 -3.14 -33.40 8.46
N ARG D 291 -3.86 -33.77 7.41
CA ARG D 291 -3.21 -34.08 6.12
C ARG D 291 -3.12 -32.86 5.22
N TYR D 292 -3.37 -31.70 5.82
CA TYR D 292 -3.54 -30.47 5.06
C TYR D 292 -2.39 -30.19 4.10
N LYS D 293 -1.21 -30.68 4.43
CA LYS D 293 -0.04 -30.38 3.62
C LYS D 293 -0.30 -30.77 2.16
N ARG D 294 -0.97 -31.91 1.96
CA ARG D 294 -1.22 -32.39 0.61
C ARG D 294 -2.05 -31.36 -0.16
N VAL D 295 -3.09 -30.88 0.50
CA VAL D 295 -3.99 -29.89 -0.10
C VAL D 295 -3.24 -28.61 -0.49
N ARG D 296 -2.32 -28.17 0.36
CA ARG D 296 -1.54 -26.99 0.02
C ARG D 296 -0.78 -27.27 -1.26
N ASN D 297 -0.10 -28.41 -1.29
CA ASN D 297 0.72 -28.78 -2.45
C ASN D 297 -0.11 -28.88 -3.72
N CYS D 298 -1.42 -29.04 -3.55
CA CYS D 298 -2.35 -28.99 -4.68
C CYS D 298 -2.58 -27.55 -5.15
N LEU D 299 -3.06 -26.70 -4.24
CA LEU D 299 -3.41 -25.33 -4.59
C LEU D 299 -2.23 -24.59 -5.16
N GLU D 300 -1.09 -24.72 -4.50
CA GLU D 300 0.14 -24.11 -4.99
C GLU D 300 0.41 -24.47 -6.43
N ARG D 301 0.11 -25.73 -6.78
CA ARG D 301 0.40 -26.25 -8.11
C ARG D 301 -0.73 -25.95 -9.08
N THR D 302 -1.88 -25.54 -8.56
CA THR D 302 -3.00 -25.21 -9.42
C THR D 302 -2.92 -23.77 -9.92
N GLU D 303 -2.44 -22.87 -9.07
CA GLU D 303 -2.23 -21.51 -9.48
C GLU D 303 -1.25 -21.50 -10.63
N THR D 304 -0.16 -22.22 -10.47
CA THR D 304 0.91 -22.22 -11.47
C THR D 304 0.49 -22.91 -12.78
N ARG D 305 -0.64 -23.59 -12.77
CA ARG D 305 -1.19 -24.17 -13.99
C ARG D 305 -2.20 -23.26 -14.68
N SER D 306 -3.08 -22.65 -13.89
CA SER D 306 -4.24 -21.95 -14.44
C SER D 306 -3.84 -20.89 -15.43
N SER D 307 -4.55 -20.87 -16.55
CA SER D 307 -4.35 -19.84 -17.57
C SER D 307 -4.62 -18.48 -16.93
N MET D 308 -5.79 -18.34 -16.29
CA MET D 308 -6.14 -17.13 -15.57
C MET D 308 -6.05 -17.33 -14.06
N PRO D 309 -4.88 -17.01 -13.49
CA PRO D 309 -4.56 -17.33 -12.10
C PRO D 309 -5.47 -16.59 -11.16
N ASN D 310 -5.57 -15.28 -11.35
CA ASN D 310 -6.21 -14.42 -10.37
C ASN D 310 -7.69 -14.76 -10.23
N ALA D 311 -8.22 -15.43 -11.25
CA ALA D 311 -9.56 -15.98 -11.18
C ALA D 311 -9.67 -17.01 -10.06
N PHE D 312 -8.90 -18.08 -10.23
CA PHE D 312 -8.77 -19.16 -9.27
C PHE D 312 -8.41 -18.62 -7.90
N ARG D 313 -7.47 -17.69 -7.90
CA ARG D 313 -6.92 -17.13 -6.66
C ARG D 313 -7.99 -16.36 -5.91
N VAL D 314 -8.97 -15.81 -6.62
CA VAL D 314 -10.07 -15.15 -5.92
C VAL D 314 -11.14 -16.15 -5.46
N VAL D 315 -11.45 -17.11 -6.32
CA VAL D 315 -12.38 -18.16 -5.93
C VAL D 315 -11.99 -18.88 -4.63
N VAL D 316 -10.72 -19.26 -4.55
CA VAL D 316 -10.18 -19.86 -3.36
C VAL D 316 -10.50 -19.05 -2.11
N VAL D 317 -10.18 -17.78 -2.16
CA VAL D 317 -10.37 -16.91 -1.01
C VAL D 317 -11.85 -16.82 -0.64
N VAL D 318 -12.73 -16.80 -1.65
CA VAL D 318 -14.15 -16.84 -1.33
C VAL D 318 -14.53 -18.12 -0.57
N TRP D 319 -13.92 -19.25 -0.94
CA TRP D 319 -14.12 -20.46 -0.16
C TRP D 319 -13.61 -20.33 1.27
N TYR D 320 -12.42 -19.75 1.47
CA TYR D 320 -11.94 -19.52 2.84
C TYR D 320 -13.03 -18.83 3.61
N ILE D 321 -13.51 -17.70 3.09
CA ILE D 321 -14.48 -16.92 3.83
C ILE D 321 -15.68 -17.75 4.19
N VAL D 322 -16.13 -18.56 3.26
CA VAL D 322 -17.33 -19.35 3.53
C VAL D 322 -17.13 -20.46 4.56
N ILE D 323 -15.98 -21.11 4.55
CA ILE D 323 -15.73 -22.14 5.55
C ILE D 323 -15.57 -21.49 6.92
N ILE D 324 -14.88 -20.36 6.94
CA ILE D 324 -14.66 -19.64 8.18
C ILE D 324 -15.97 -19.30 8.81
N ILE D 325 -16.79 -18.65 8.00
CA ILE D 325 -18.09 -18.21 8.44
C ILE D 325 -18.89 -19.40 8.88
N HIS D 326 -18.68 -20.49 8.17
CA HIS D 326 -19.37 -21.72 8.48
C HIS D 326 -19.06 -22.20 9.91
N TRP D 327 -17.80 -22.56 10.13
CA TRP D 327 -17.36 -23.04 11.42
C TRP D 327 -17.88 -22.10 12.46
N ASN D 328 -17.72 -20.82 12.23
CA ASN D 328 -18.10 -19.88 13.25
C ASN D 328 -19.57 -19.97 13.53
N ALA D 329 -20.35 -20.26 12.50
CA ALA D 329 -21.77 -20.36 12.70
C ALA D 329 -22.01 -21.53 13.61
N CYS D 330 -21.35 -22.63 13.31
CA CYS D 330 -21.48 -23.84 14.11
C CYS D 330 -21.13 -23.56 15.54
N LEU D 331 -20.14 -22.70 15.73
CA LEU D 331 -19.74 -22.33 17.05
C LEU D 331 -20.87 -21.60 17.72
N TYR D 332 -21.50 -20.67 17.01
CA TYR D 332 -22.61 -19.97 17.62
C TYR D 332 -23.60 -21.01 18.07
N PHE D 333 -23.90 -21.96 17.19
CA PHE D 333 -25.00 -22.85 17.48
C PHE D 333 -24.71 -23.85 18.61
N TRP D 334 -23.46 -24.28 18.68
CA TRP D 334 -22.97 -25.20 19.70
C TRP D 334 -23.06 -24.54 21.05
N ILE D 335 -22.52 -23.32 21.12
CA ILE D 335 -22.48 -22.56 22.35
C ILE D 335 -23.89 -22.28 22.76
N SER D 336 -24.74 -22.18 21.76
CA SER D 336 -26.14 -21.91 21.99
C SER D 336 -26.89 -23.15 22.44
N GLU D 337 -26.30 -24.31 22.17
CA GLU D 337 -26.88 -25.54 22.63
C GLU D 337 -26.46 -25.75 24.07
N TRP D 338 -25.19 -25.47 24.32
CA TRP D 338 -24.56 -25.66 25.62
C TRP D 338 -25.25 -24.82 26.68
N ILE D 339 -25.44 -23.54 26.40
CA ILE D 339 -26.37 -22.77 27.20
C ILE D 339 -27.73 -23.30 26.82
N GLY D 340 -28.70 -23.21 27.72
CA GLY D 340 -30.05 -23.70 27.45
C GLY D 340 -30.73 -23.08 26.23
N LEU D 341 -31.15 -23.91 25.27
CA LEU D 341 -31.61 -23.38 23.99
C LEU D 341 -33.05 -22.88 24.04
N GLY D 342 -33.22 -21.56 24.07
CA GLY D 342 -34.51 -20.97 24.32
C GLY D 342 -34.61 -20.61 25.80
N THR D 343 -33.52 -20.08 26.35
CA THR D 343 -33.57 -19.62 27.73
C THR D 343 -33.26 -18.12 27.83
N ASP D 344 -32.84 -17.49 26.74
CA ASP D 344 -32.58 -16.04 26.73
C ASP D 344 -32.58 -15.47 25.32
N ALA D 345 -32.33 -14.17 25.23
CA ALA D 345 -32.49 -13.41 23.99
C ALA D 345 -31.25 -13.39 23.12
N TRP D 346 -30.30 -14.27 23.40
CA TRP D 346 -29.11 -14.30 22.60
C TRP D 346 -28.84 -15.66 22.05
N VAL D 347 -29.37 -16.65 22.72
CA VAL D 347 -29.24 -18.01 22.25
C VAL D 347 -30.34 -18.36 21.24
N TYR D 348 -30.01 -19.04 20.14
CA TYR D 348 -30.99 -19.36 19.09
C TYR D 348 -32.23 -19.93 19.71
N GLY D 349 -33.39 -19.49 19.25
CA GLY D 349 -34.62 -20.05 19.77
C GLY D 349 -35.64 -18.99 20.06
N HIS D 350 -36.83 -19.41 20.48
CA HIS D 350 -38.03 -18.56 20.48
C HIS D 350 -37.87 -17.24 21.23
N LEU D 351 -36.90 -17.23 22.17
CA LEU D 351 -36.54 -16.07 23.02
C LEU D 351 -36.00 -14.87 22.38
N ASN D 352 -35.21 -15.13 21.37
CA ASN D 352 -34.88 -13.99 20.54
C ASN D 352 -35.77 -14.08 19.30
N LYS D 353 -36.60 -13.06 19.14
CA LYS D 353 -37.54 -13.08 18.06
C LYS D 353 -36.83 -12.89 16.73
N GLN D 354 -35.51 -12.70 16.73
CA GLN D 354 -34.85 -12.55 15.45
C GLN D 354 -34.87 -13.86 14.66
N SER D 355 -34.61 -14.98 15.33
CA SER D 355 -34.50 -16.27 14.64
C SER D 355 -35.85 -16.94 14.38
N LEU D 356 -36.72 -16.91 15.38
CA LEU D 356 -38.07 -17.44 15.22
C LEU D 356 -39.09 -16.30 15.26
N PRO D 357 -39.27 -15.60 14.12
CA PRO D 357 -40.42 -14.71 14.07
C PRO D 357 -41.64 -15.60 14.13
N ASP D 358 -42.77 -15.10 14.62
CA ASP D 358 -43.91 -15.97 14.95
C ASP D 358 -44.39 -16.97 13.86
N ASP D 359 -44.49 -16.55 12.60
CA ASP D 359 -45.00 -17.43 11.55
C ASP D 359 -43.98 -18.43 10.97
N ILE D 360 -42.68 -18.25 11.24
CA ILE D 360 -41.72 -19.25 10.76
C ILE D 360 -41.69 -20.53 11.64
N THR D 361 -41.68 -21.68 10.95
CA THR D 361 -41.62 -22.99 11.57
C THR D 361 -40.16 -23.36 11.90
N ASP D 362 -39.94 -24.04 13.03
CA ASP D 362 -38.60 -24.46 13.43
C ASP D 362 -38.09 -25.69 12.65
N THR D 363 -36.83 -25.62 12.20
CA THR D 363 -36.22 -26.70 11.40
C THR D 363 -34.74 -26.75 11.49
N LEU D 364 -34.17 -27.78 10.88
CA LEU D 364 -32.73 -27.84 10.77
C LEU D 364 -32.34 -26.69 9.88
N LEU D 365 -33.05 -26.56 8.78
CA LEU D 365 -32.66 -25.57 7.79
C LEU D 365 -32.58 -24.19 8.40
N ARG D 366 -33.56 -23.86 9.22
CA ARG D 366 -33.63 -22.57 9.86
C ARG D 366 -32.39 -22.34 10.69
N ARG D 367 -32.05 -23.31 11.55
CA ARG D 367 -30.90 -23.20 12.44
C ARG D 367 -29.65 -22.93 11.64
N TYR D 368 -29.42 -23.69 10.59
CA TYR D 368 -28.21 -23.44 9.87
C TYR D 368 -28.28 -22.12 9.22
N VAL D 369 -29.44 -21.75 8.73
CA VAL D 369 -29.57 -20.47 8.04
C VAL D 369 -29.26 -19.30 8.97
N TYR D 370 -29.92 -19.23 10.11
CA TYR D 370 -29.79 -18.14 11.05
C TYR D 370 -28.43 -18.06 11.65
N SER D 371 -27.87 -19.21 11.92
CA SER D 371 -26.55 -19.27 12.44
C SER D 371 -25.59 -18.82 11.39
N PHE D 372 -25.85 -19.12 10.14
CA PHE D 372 -24.94 -18.63 9.16
C PHE D 372 -25.02 -17.13 9.03
N TYR D 373 -26.22 -16.60 9.12
CA TYR D 373 -26.42 -15.17 9.03
C TYR D 373 -25.70 -14.47 10.17
N TRP D 374 -25.94 -14.97 11.37
CA TRP D 374 -25.33 -14.44 12.58
C TRP D 374 -23.83 -14.38 12.46
N SER D 375 -23.24 -15.47 12.05
CA SER D 375 -21.83 -15.43 11.87
C SER D 375 -21.41 -14.47 10.82
N THR D 376 -22.23 -14.27 9.81
CA THR D 376 -21.85 -13.36 8.75
C THR D 376 -21.68 -11.97 9.34
N LEU D 377 -22.70 -11.52 10.06
CA LEU D 377 -22.64 -10.20 10.66
C LEU D 377 -21.47 -10.08 11.63
N ILE D 378 -21.42 -10.91 12.68
CA ILE D 378 -20.34 -10.79 13.67
C ILE D 378 -18.95 -10.83 13.04
N LEU D 379 -18.76 -11.62 12.01
CA LEU D 379 -17.46 -11.64 11.40
C LEU D 379 -17.22 -10.51 10.44
N THR D 380 -18.26 -9.79 10.03
CA THR D 380 -17.99 -8.59 9.23
C THR D 380 -18.48 -7.30 9.92
N THR D 381 -18.69 -7.42 11.22
CA THR D 381 -18.90 -6.27 12.10
C THR D 381 -19.93 -5.31 11.56
N ILE D 382 -21.03 -5.87 11.10
CA ILE D 382 -22.19 -5.05 10.94
C ILE D 382 -22.80 -5.10 12.29
N GLY D 383 -22.92 -6.29 12.80
CA GLY D 383 -23.37 -6.48 14.16
C GLY D 383 -24.76 -5.97 14.40
N GLU D 384 -25.70 -6.44 13.60
CA GLU D 384 -27.11 -6.08 13.79
C GLU D 384 -27.85 -7.26 14.46
N VAL D 385 -27.30 -7.67 15.59
CA VAL D 385 -27.67 -8.88 16.29
C VAL D 385 -28.01 -8.69 17.74
N PRO D 386 -29.11 -9.29 18.21
CA PRO D 386 -29.56 -9.19 19.61
C PRO D 386 -28.41 -9.30 20.58
N SER D 387 -28.39 -8.42 21.58
CA SER D 387 -27.21 -8.25 22.42
C SER D 387 -27.10 -9.28 23.55
N PRO D 388 -25.85 -9.64 23.90
CA PRO D 388 -25.48 -10.65 24.91
C PRO D 388 -26.16 -10.46 26.27
N VAL D 389 -26.52 -11.58 26.89
CA VAL D 389 -27.25 -11.55 28.15
C VAL D 389 -26.59 -12.29 29.33
N ARG D 390 -25.51 -13.02 29.08
CA ARG D 390 -24.78 -13.70 30.18
C ARG D 390 -23.29 -13.44 30.04
N ASN D 391 -22.59 -13.39 31.17
CA ASN D 391 -21.18 -12.95 31.17
C ASN D 391 -20.37 -13.81 30.21
N ILE D 392 -20.75 -15.08 30.18
CA ILE D 392 -20.15 -16.06 29.30
C ILE D 392 -20.32 -15.68 27.83
N GLU D 393 -21.48 -15.13 27.50
CA GLU D 393 -21.74 -14.79 26.12
C GLU D 393 -20.90 -13.58 25.72
N TYR D 394 -20.79 -12.58 26.59
CA TYR D 394 -19.96 -11.39 26.36
C TYR D 394 -18.58 -11.82 26.07
N ALA D 395 -18.16 -12.79 26.87
CA ALA D 395 -16.88 -13.40 26.67
C ALA D 395 -16.83 -13.84 25.23
N PHE D 396 -17.89 -14.53 24.83
CA PHE D 396 -17.87 -15.07 23.49
C PHE D 396 -17.83 -13.99 22.42
N VAL D 397 -18.94 -13.27 22.28
CA VAL D 397 -19.13 -12.20 21.34
C VAL D 397 -17.96 -11.22 21.23
N THR D 398 -17.31 -10.90 22.34
CA THR D 398 -16.12 -10.05 22.28
C THR D 398 -14.99 -10.77 21.64
N LEU D 399 -14.82 -12.01 22.08
CA LEU D 399 -13.75 -12.81 21.50
C LEU D 399 -13.96 -12.83 20.01
N ASP D 400 -15.21 -13.04 19.63
CA ASP D 400 -15.56 -13.33 18.27
C ASP D 400 -15.49 -12.03 17.41
N LEU D 401 -15.86 -10.89 18.01
CA LEU D 401 -15.87 -9.58 17.34
C LEU D 401 -14.48 -9.14 17.07
N MET D 402 -13.61 -9.31 18.07
CA MET D 402 -12.19 -9.00 17.91
C MET D 402 -11.57 -9.89 16.86
N CYS D 403 -11.85 -11.18 17.01
CA CYS D 403 -11.44 -12.20 16.05
C CYS D 403 -11.81 -11.81 14.65
N GLY D 404 -12.96 -11.15 14.50
CA GLY D 404 -13.41 -10.72 13.20
C GLY D 404 -12.71 -9.48 12.73
N VAL D 405 -12.57 -8.48 13.59
CA VAL D 405 -11.91 -7.24 13.21
C VAL D 405 -10.46 -7.47 12.85
N LEU D 406 -9.88 -8.61 13.26
CA LEU D 406 -8.55 -8.93 12.74
C LEU D 406 -8.62 -9.89 11.55
N ILE D 407 -9.20 -11.08 11.75
CA ILE D 407 -9.33 -12.05 10.66
C ILE D 407 -9.87 -11.46 9.35
N PHE D 408 -11.00 -10.78 9.41
CA PHE D 408 -11.61 -10.29 8.19
C PHE D 408 -11.00 -9.05 7.64
N ALA D 409 -10.43 -8.27 8.53
CA ALA D 409 -9.64 -7.15 8.09
C ALA D 409 -8.61 -7.67 7.13
N THR D 410 -7.76 -8.55 7.60
CA THR D 410 -6.75 -9.08 6.70
C THR D 410 -7.34 -9.72 5.44
N ILE D 411 -8.32 -10.61 5.61
CA ILE D 411 -8.89 -11.33 4.46
C ILE D 411 -9.36 -10.44 3.33
N VAL D 412 -10.18 -9.47 3.67
CA VAL D 412 -10.77 -8.57 2.68
C VAL D 412 -9.76 -7.51 2.22
N GLY D 413 -8.79 -7.20 3.06
CA GLY D 413 -7.63 -6.44 2.64
C GLY D 413 -6.69 -7.23 1.74
N ASN D 414 -6.98 -8.50 1.54
CA ASN D 414 -6.29 -9.30 0.54
C ASN D 414 -7.08 -9.43 -0.73
N VAL D 415 -8.40 -9.57 -0.62
CA VAL D 415 -9.24 -9.61 -1.82
C VAL D 415 -9.08 -8.30 -2.57
N GLY D 416 -9.08 -7.21 -1.80
CA GLY D 416 -8.80 -5.92 -2.37
C GLY D 416 -7.47 -5.87 -3.09
N SER D 417 -6.40 -6.35 -2.44
CA SER D 417 -5.06 -6.36 -3.03
C SER D 417 -4.97 -7.24 -4.28
N MET D 418 -5.80 -8.25 -4.33
CA MET D 418 -5.78 -9.21 -5.43
C MET D 418 -6.39 -8.57 -6.63
N ILE D 419 -7.57 -8.00 -6.45
CA ILE D 419 -8.25 -7.27 -7.52
C ILE D 419 -7.45 -5.99 -7.87
N SER D 420 -6.57 -5.58 -6.96
CA SER D 420 -5.62 -4.49 -7.18
C SER D 420 -4.54 -4.86 -8.19
N ASN D 421 -3.63 -5.74 -7.78
CA ASN D 421 -2.51 -6.12 -8.65
C ASN D 421 -3.00 -6.66 -10.00
N MET D 422 -4.22 -7.17 -10.02
CA MET D 422 -4.87 -7.50 -11.28
C MET D 422 -5.12 -6.20 -12.02
N SER D 423 -4.54 -6.09 -13.22
CA SER D 423 -4.43 -4.84 -14.00
C SER D 423 -3.62 -3.79 -13.24
N ALA D 424 -2.38 -4.14 -12.92
CA ALA D 424 -1.44 -3.20 -12.32
C ALA D 424 -0.57 -2.69 -13.45
N ALA D 425 -0.69 -3.37 -14.60
CA ALA D 425 -0.06 -2.93 -15.83
C ALA D 425 -0.62 -1.58 -16.19
N ARG D 426 -1.94 -1.59 -16.32
CA ARG D 426 -2.72 -0.41 -16.65
C ARG D 426 -2.51 0.74 -15.67
N THR D 427 -2.48 0.43 -14.39
CA THR D 427 -2.20 1.42 -13.38
C THR D 427 -0.80 2.05 -13.54
N GLU D 428 0.20 1.22 -13.79
CA GLU D 428 1.54 1.74 -13.99
C GLU D 428 1.53 2.70 -15.17
N PHE D 429 0.83 2.28 -16.21
CA PHE D 429 0.74 3.03 -17.45
C PHE D 429 0.15 4.42 -17.25
N GLN D 430 -1.04 4.47 -16.66
CA GLN D 430 -1.70 5.75 -16.39
C GLN D 430 -0.83 6.63 -15.49
N ASN D 431 -0.09 6.01 -14.58
CA ASN D 431 0.87 6.76 -13.80
C ASN D 431 1.88 7.49 -14.68
N LYS D 432 2.58 6.73 -15.53
CA LYS D 432 3.62 7.27 -16.40
C LYS D 432 3.08 8.42 -17.23
N MET D 433 1.92 8.15 -17.83
CA MET D 433 1.32 9.11 -18.73
C MET D 433 0.91 10.39 -18.02
N ASP D 434 0.24 10.26 -16.89
CA ASP D 434 -0.21 11.43 -16.15
C ASP D 434 0.99 12.28 -15.76
N GLY D 435 2.07 11.62 -15.41
CA GLY D 435 3.31 12.33 -15.19
C GLY D 435 3.62 13.18 -16.42
N ILE D 436 3.67 12.53 -17.58
CA ILE D 436 4.02 13.24 -18.82
C ILE D 436 3.15 14.47 -19.11
N LYS D 437 1.81 14.21 -19.11
CA LYS D 437 0.86 15.28 -19.40
C LYS D 437 1.02 16.43 -18.41
N GLN D 438 1.19 16.13 -17.10
CA GLN D 438 1.48 17.14 -16.10
C GLN D 438 2.66 18.00 -16.50
N TYR D 439 3.77 17.33 -16.81
CA TYR D 439 5.00 18.00 -17.22
C TYR D 439 4.77 18.98 -18.37
N MET D 440 4.02 18.55 -19.37
CA MET D 440 3.75 19.42 -20.53
C MET D 440 2.82 20.59 -20.25
N GLU D 441 1.88 20.43 -19.33
CA GLU D 441 0.99 21.54 -18.96
C GLU D 441 1.74 22.62 -18.22
N LEU D 442 2.54 22.20 -17.25
CA LEU D 442 3.26 23.17 -16.45
C LEU D 442 4.26 23.97 -17.27
N ARG D 443 5.01 23.29 -18.13
CA ARG D 443 6.06 23.95 -18.90
C ARG D 443 5.57 24.60 -20.18
N LYS D 444 4.26 24.55 -20.43
CA LYS D 444 3.64 25.30 -21.51
C LYS D 444 4.19 24.99 -22.91
N VAL D 445 4.49 23.71 -23.15
CA VAL D 445 4.87 23.22 -24.47
C VAL D 445 3.73 23.50 -25.48
N SER D 446 4.02 23.44 -26.78
CA SER D 446 3.00 23.65 -27.82
C SER D 446 1.83 22.67 -27.76
N LYS D 447 0.84 22.88 -28.62
CA LYS D 447 -0.31 21.98 -28.70
C LYS D 447 -0.04 20.83 -29.66
N GLN D 448 0.63 21.14 -30.76
CA GLN D 448 0.94 20.15 -31.77
C GLN D 448 1.82 19.03 -31.20
N LEU D 449 2.84 19.43 -30.47
CA LEU D 449 3.74 18.45 -29.85
C LEU D 449 3.05 17.57 -28.81
N GLU D 450 2.24 18.20 -27.97
CA GLU D 450 1.51 17.49 -26.93
C GLU D 450 0.53 16.47 -27.53
N ILE D 451 -0.22 16.91 -28.52
CA ILE D 451 -1.10 16.00 -29.23
C ILE D 451 -0.31 14.83 -29.76
N ARG D 452 0.78 15.12 -30.47
CA ARG D 452 1.60 14.10 -31.09
C ARG D 452 2.03 13.05 -30.05
N VAL D 453 2.49 13.51 -28.89
CA VAL D 453 2.87 12.59 -27.80
C VAL D 453 1.72 11.70 -27.38
N ILE D 454 0.59 12.30 -27.08
CA ILE D 454 -0.51 11.50 -26.57
C ILE D 454 -0.99 10.50 -27.63
N LYS D 455 -0.87 10.84 -28.90
CA LYS D 455 -1.16 9.87 -29.94
C LYS D 455 -0.16 8.71 -29.91
N TRP D 456 1.12 9.03 -29.68
CA TRP D 456 2.13 8.00 -29.49
C TRP D 456 1.75 7.04 -28.37
N PHE D 457 1.34 7.57 -27.24
CA PHE D 457 0.97 6.69 -26.15
C PHE D 457 -0.24 5.86 -26.53
N ASP D 458 -1.23 6.51 -27.13
CA ASP D 458 -2.45 5.80 -27.51
C ASP D 458 -2.16 4.57 -28.37
N TYR D 459 -1.44 4.77 -29.47
CA TYR D 459 -1.08 3.65 -30.33
C TYR D 459 -0.19 2.65 -29.63
N LEU D 460 0.62 3.14 -28.69
CA LEU D 460 1.48 2.26 -27.92
C LEU D 460 0.66 1.30 -27.06
N TRP D 461 -0.52 1.74 -26.64
CA TRP D 461 -1.30 0.93 -25.72
C TRP D 461 -2.44 0.19 -26.39
N THR D 462 -2.81 0.62 -27.58
CA THR D 462 -3.84 -0.10 -28.32
C THR D 462 -3.27 -1.33 -29.04
N ASN D 463 -1.96 -1.45 -29.07
CA ASN D 463 -1.34 -2.62 -29.67
C ASN D 463 -0.87 -3.61 -28.62
N LYS D 464 -0.67 -3.11 -27.41
CA LYS D 464 -0.30 -3.95 -26.29
C LYS D 464 1.03 -4.67 -26.54
N GLN D 465 1.80 -4.16 -27.51
CA GLN D 465 3.17 -4.60 -27.75
C GLN D 465 4.10 -3.79 -26.85
N SER D 466 3.47 -2.99 -26.00
CA SER D 466 4.11 -2.08 -25.06
C SER D 466 4.86 -2.79 -23.93
N LEU D 467 4.63 -4.09 -23.79
CA LEU D 467 5.30 -4.91 -22.78
C LEU D 467 6.81 -4.83 -22.95
N SER D 468 7.50 -4.22 -22.00
CA SER D 468 8.95 -4.05 -22.04
C SER D 468 9.69 -5.40 -21.98
N ASP D 469 8.94 -6.46 -21.67
CA ASP D 469 9.45 -7.82 -21.61
C ASP D 469 10.53 -7.96 -20.56
N GLN D 470 10.69 -6.93 -19.71
CA GLN D 470 11.70 -6.98 -18.67
C GLN D 470 11.33 -8.06 -17.65
N GLN D 471 10.09 -8.53 -17.72
CA GLN D 471 9.69 -9.69 -16.95
C GLN D 471 10.50 -10.89 -17.38
N VAL D 472 10.38 -11.21 -18.66
CA VAL D 472 11.07 -12.34 -19.24
C VAL D 472 12.56 -12.20 -19.02
N LEU D 473 13.05 -10.97 -19.18
CA LEU D 473 14.47 -10.67 -19.04
C LEU D 473 14.92 -11.08 -17.65
N LYS D 474 14.41 -10.36 -16.66
CA LYS D 474 14.92 -10.49 -15.33
C LYS D 474 14.65 -11.87 -14.74
N VAL D 475 13.39 -12.29 -14.72
CA VAL D 475 13.00 -13.42 -13.88
C VAL D 475 13.57 -14.74 -14.42
N LEU D 476 13.60 -14.88 -15.74
CA LEU D 476 13.87 -16.17 -16.36
C LEU D 476 15.36 -16.47 -16.44
N PRO D 477 15.73 -17.73 -16.71
CA PRO D 477 17.12 -18.06 -17.05
C PRO D 477 17.42 -17.49 -18.42
N ASP D 478 18.70 -17.26 -18.67
CA ASP D 478 19.04 -16.65 -19.95
C ASP D 478 18.61 -17.53 -21.13
N LYS D 479 18.73 -18.85 -20.99
CA LYS D 479 18.42 -19.72 -22.12
C LYS D 479 16.94 -19.61 -22.50
N LEU D 480 16.05 -19.56 -21.51
CA LEU D 480 14.63 -19.46 -21.79
C LEU D 480 14.25 -18.16 -22.51
N GLN D 481 14.87 -17.03 -22.15
CA GLN D 481 14.70 -15.82 -22.94
C GLN D 481 15.00 -16.09 -24.41
N ALA D 482 16.03 -16.79 -24.76
CA ALA D 482 16.44 -17.09 -26.12
C ALA D 482 15.36 -17.84 -26.89
N GLU D 483 14.84 -18.93 -26.31
CA GLU D 483 13.85 -19.75 -27.02
C GLU D 483 12.49 -19.07 -27.15
N ILE D 484 12.05 -18.39 -26.10
CA ILE D 484 10.84 -17.59 -26.17
C ILE D 484 10.89 -16.57 -27.30
N ALA D 485 11.89 -15.71 -27.26
CA ALA D 485 11.99 -14.64 -28.25
C ALA D 485 12.20 -15.23 -29.63
N MET D 486 12.84 -16.40 -29.65
CA MET D 486 13.01 -17.13 -30.87
C MET D 486 11.67 -17.39 -31.51
N GLN D 487 10.84 -18.16 -30.81
CA GLN D 487 9.52 -18.47 -31.32
C GLN D 487 8.74 -17.23 -31.70
N VAL D 488 8.68 -16.26 -30.80
CA VAL D 488 7.85 -15.08 -31.04
C VAL D 488 8.23 -14.34 -32.30
N HIS D 489 9.49 -13.94 -32.43
CA HIS D 489 9.90 -13.11 -33.55
C HIS D 489 10.30 -13.98 -34.73
N PHE D 490 10.00 -15.28 -34.63
CA PHE D 490 10.55 -16.27 -35.54
C PHE D 490 10.27 -15.96 -37.00
N GLU D 491 9.00 -15.75 -37.30
CA GLU D 491 8.60 -15.48 -38.68
C GLU D 491 9.16 -14.13 -39.15
N THR D 492 9.20 -13.14 -38.27
CA THR D 492 9.63 -11.80 -38.64
C THR D 492 11.11 -11.79 -39.02
N LEU D 493 11.91 -12.50 -38.23
CA LEU D 493 13.33 -12.60 -38.52
C LEU D 493 13.63 -13.57 -39.64
N ARG D 494 12.73 -14.53 -39.83
CA ARG D 494 12.88 -15.55 -40.87
C ARG D 494 13.09 -14.92 -42.25
N LYS D 495 12.64 -13.68 -42.41
CA LYS D 495 12.82 -12.93 -43.65
C LYS D 495 13.83 -11.79 -43.49
N VAL D 496 15.01 -12.11 -42.97
CA VAL D 496 16.10 -11.15 -42.87
C VAL D 496 17.34 -11.70 -43.58
N ARG D 497 17.98 -10.89 -44.41
CA ARG D 497 19.18 -11.33 -45.12
C ARG D 497 20.28 -11.75 -44.15
N ILE D 498 20.65 -10.83 -43.27
CA ILE D 498 21.79 -11.00 -42.38
C ILE D 498 21.76 -12.28 -41.53
N PHE D 499 20.63 -12.54 -40.88
CA PHE D 499 20.53 -13.72 -40.02
C PHE D 499 20.51 -15.05 -40.79
N GLN D 500 19.84 -15.05 -41.94
CA GLN D 500 19.72 -16.26 -42.76
C GLN D 500 21.03 -16.63 -43.44
N ASP D 501 21.77 -15.62 -43.87
CA ASP D 501 23.01 -15.84 -44.63
C ASP D 501 24.11 -16.53 -43.80
N CYS D 502 24.33 -16.06 -42.58
CA CYS D 502 25.38 -16.63 -41.72
C CYS D 502 24.95 -17.99 -41.21
N GLU D 503 25.80 -18.99 -41.44
CA GLU D 503 25.54 -20.35 -41.03
C GLU D 503 25.43 -20.42 -39.51
N ALA D 504 26.27 -19.65 -38.83
CA ALA D 504 26.29 -19.64 -37.39
C ALA D 504 24.95 -19.19 -36.82
N GLY D 505 24.58 -19.78 -35.69
CA GLY D 505 23.44 -19.30 -34.96
C GLY D 505 23.89 -18.09 -34.16
N LEU D 506 24.39 -17.07 -34.85
CA LEU D 506 24.78 -15.83 -34.21
C LEU D 506 23.54 -15.12 -33.70
N LEU D 507 22.45 -15.31 -34.43
CA LEU D 507 21.16 -14.76 -34.05
C LEU D 507 20.88 -15.09 -32.62
N ALA D 508 21.19 -16.32 -32.24
CA ALA D 508 21.08 -16.77 -30.87
C ALA D 508 21.74 -15.79 -29.89
N GLU D 509 22.72 -15.03 -30.34
CA GLU D 509 23.33 -14.03 -29.48
C GLU D 509 22.51 -12.74 -29.43
N LEU D 510 22.15 -12.24 -30.61
CA LEU D 510 21.57 -10.91 -30.76
C LEU D 510 20.14 -10.82 -30.27
N VAL D 511 19.44 -11.94 -30.31
CA VAL D 511 18.05 -11.95 -29.89
C VAL D 511 17.89 -11.48 -28.46
N LEU D 512 18.90 -11.79 -27.65
CA LEU D 512 18.85 -11.42 -26.26
C LEU D 512 18.82 -9.90 -26.11
N LYS D 513 19.52 -9.20 -27.00
CA LYS D 513 19.64 -7.75 -26.91
C LYS D 513 19.18 -7.01 -28.16
N LEU D 514 17.87 -7.02 -28.35
CA LEU D 514 17.21 -6.16 -29.32
C LEU D 514 16.05 -5.46 -28.63
N GLN D 515 15.95 -4.16 -28.81
CA GLN D 515 14.87 -3.44 -28.14
C GLN D 515 13.91 -2.83 -29.12
N LEU D 516 12.63 -3.09 -28.93
CA LEU D 516 11.62 -2.58 -29.85
C LEU D 516 11.26 -1.13 -29.58
N GLN D 517 11.48 -0.30 -30.59
CA GLN D 517 11.15 1.11 -30.51
C GLN D 517 10.04 1.49 -31.49
N VAL D 518 9.02 2.18 -31.00
CA VAL D 518 7.90 2.62 -31.84
C VAL D 518 8.08 4.07 -32.28
N PHE D 519 7.88 4.32 -33.57
CA PHE D 519 8.07 5.67 -34.10
C PHE D 519 6.76 6.17 -34.67
N SER D 520 6.48 7.45 -34.45
CA SER D 520 5.27 8.10 -34.97
C SER D 520 5.32 8.34 -36.50
N PRO D 521 4.14 8.46 -37.16
CA PRO D 521 4.10 8.52 -38.62
C PRO D 521 4.57 9.83 -39.21
N GLY D 522 5.34 9.74 -40.29
CA GLY D 522 5.82 10.91 -41.02
C GLY D 522 7.08 11.50 -40.43
N ASP D 523 7.61 10.85 -39.40
CA ASP D 523 8.76 11.38 -38.64
C ASP D 523 10.06 10.70 -39.00
N PHE D 524 11.11 11.51 -39.07
CA PHE D 524 12.40 11.01 -39.48
C PHE D 524 13.06 10.12 -38.44
N ILE D 525 13.22 8.85 -38.82
CA ILE D 525 14.03 7.90 -38.07
C ILE D 525 15.47 8.35 -38.15
N CYS D 526 15.83 8.82 -39.34
CA CYS D 526 17.18 9.28 -39.62
C CYS D 526 17.16 10.61 -40.39
N LYS D 527 18.21 11.39 -40.21
CA LYS D 527 18.44 12.59 -41.00
C LYS D 527 19.85 12.56 -41.55
N LYS D 528 20.01 13.10 -42.74
CA LYS D 528 21.34 13.17 -43.36
C LYS D 528 22.30 13.96 -42.48
N GLY D 529 23.53 13.49 -42.37
CA GLY D 529 24.54 14.20 -41.61
C GLY D 529 24.38 14.04 -40.10
N ASP D 530 24.08 12.82 -39.68
CA ASP D 530 23.95 12.54 -38.26
C ASP D 530 24.77 11.30 -37.85
N ILE D 531 25.13 11.26 -36.57
CA ILE D 531 25.90 10.16 -36.00
C ILE D 531 25.11 8.87 -35.98
N GLY D 532 25.66 7.83 -36.59
CA GLY D 532 25.03 6.53 -36.54
C GLY D 532 25.49 5.78 -35.33
N ARG D 533 24.55 5.40 -34.46
CA ARG D 533 24.85 4.63 -33.25
C ARG D 533 24.08 3.32 -33.24
N GLU D 534 22.91 3.34 -33.86
CA GLU D 534 22.04 2.17 -33.86
C GLU D 534 21.84 1.66 -35.27
N MET D 535 21.31 0.45 -35.35
CA MET D 535 21.03 -0.21 -36.60
C MET D 535 19.68 -0.87 -36.49
N TYR D 536 18.76 -0.53 -37.37
CA TYR D 536 17.37 -0.92 -37.17
C TYR D 536 16.86 -2.07 -38.08
N ILE D 537 16.03 -2.93 -37.51
CA ILE D 537 15.35 -3.96 -38.30
C ILE D 537 13.86 -3.84 -38.08
N VAL D 538 13.14 -3.74 -39.19
CA VAL D 538 11.74 -3.38 -39.14
C VAL D 538 10.81 -4.52 -38.79
N LYS D 539 10.06 -4.40 -37.71
CA LYS D 539 9.14 -5.47 -37.33
C LYS D 539 7.80 -5.32 -38.03
N ARG D 540 7.32 -4.09 -38.14
CA ARG D 540 6.09 -3.85 -38.85
C ARG D 540 6.05 -2.39 -39.29
N GLY D 541 5.10 -2.09 -40.18
CA GLY D 541 5.00 -0.79 -40.82
C GLY D 541 5.88 -0.79 -42.06
N ARG D 542 5.77 0.26 -42.87
CA ARG D 542 6.65 0.40 -44.01
C ARG D 542 7.14 1.83 -44.00
N LEU D 543 8.39 1.99 -44.39
CA LEU D 543 9.06 3.26 -44.34
C LEU D 543 9.84 3.53 -45.63
N GLN D 544 9.88 4.78 -46.06
CA GLN D 544 10.53 5.13 -47.32
C GLN D 544 11.79 5.98 -47.16
N VAL D 545 12.79 5.66 -47.99
CA VAL D 545 14.01 6.45 -48.12
C VAL D 545 13.81 7.66 -49.04
N VAL D 546 13.95 8.87 -48.48
CA VAL D 546 13.71 10.08 -49.23
C VAL D 546 14.66 11.22 -48.92
N ASP D 547 14.90 12.06 -49.92
CA ASP D 547 15.77 13.23 -49.76
C ASP D 547 15.17 14.48 -50.43
N ASP D 548 15.19 15.61 -49.72
CA ASP D 548 14.68 16.87 -50.27
C ASP D 548 13.16 17.00 -50.14
N ASP D 549 12.56 16.32 -49.15
CA ASP D 549 11.11 16.37 -48.89
C ASP D 549 10.29 15.88 -50.09
N GLY D 550 10.68 14.72 -50.63
CA GLY D 550 10.07 14.20 -51.83
C GLY D 550 10.85 14.52 -53.08
N LYS D 551 10.39 13.92 -54.18
CA LYS D 551 10.93 13.97 -55.54
C LYS D 551 12.21 13.12 -55.65
N LYS D 552 12.71 12.52 -54.55
CA LYS D 552 13.85 11.61 -54.61
C LYS D 552 13.35 10.23 -55.03
N VAL D 553 14.19 9.21 -54.85
CA VAL D 553 13.80 7.83 -55.05
C VAL D 553 13.20 7.36 -53.74
N PHE D 554 11.87 7.30 -53.70
CA PHE D 554 11.17 6.83 -52.53
C PHE D 554 11.35 5.32 -52.50
N VAL D 555 12.28 4.86 -51.67
CA VAL D 555 12.56 3.44 -51.58
C VAL D 555 11.87 2.96 -50.33
N THR D 556 11.02 1.96 -50.46
CA THR D 556 10.30 1.48 -49.30
C THR D 556 10.66 0.08 -48.84
N LEU D 557 11.10 0.04 -47.58
CA LEU D 557 11.41 -1.20 -46.89
C LEU D 557 10.18 -1.64 -46.12
N GLN D 558 9.83 -2.91 -46.24
CA GLN D 558 8.76 -3.46 -45.43
C GLN D 558 9.35 -4.20 -44.24
N GLU D 559 8.51 -4.91 -43.49
CA GLU D 559 9.00 -5.63 -42.34
C GLU D 559 10.07 -6.62 -42.75
N GLY D 560 10.96 -6.94 -41.82
CA GLY D 560 12.03 -7.87 -42.09
C GLY D 560 13.26 -7.22 -42.69
N SER D 561 13.07 -6.04 -43.25
CA SER D 561 14.16 -5.34 -43.89
C SER D 561 15.16 -4.80 -42.86
N VAL D 562 16.36 -4.53 -43.35
CA VAL D 562 17.48 -4.06 -42.54
C VAL D 562 18.07 -2.75 -43.05
N PHE D 563 18.25 -1.79 -42.15
CA PHE D 563 18.90 -0.54 -42.52
C PHE D 563 19.60 0.09 -41.32
N GLY D 564 20.21 1.25 -41.55
CA GLY D 564 20.97 1.92 -40.52
C GLY D 564 22.33 1.27 -40.31
N GLU D 565 22.65 0.29 -41.15
CA GLU D 565 23.86 -0.51 -40.97
C GLU D 565 25.12 0.11 -41.56
N LEU D 566 24.98 1.08 -42.45
CA LEU D 566 26.16 1.63 -43.13
C LEU D 566 27.04 2.42 -42.18
N SER D 567 26.41 3.15 -41.28
CA SER D 567 27.16 4.01 -40.36
C SER D 567 27.89 3.20 -39.30
N ILE D 568 27.23 2.19 -38.76
CA ILE D 568 27.81 1.36 -37.70
C ILE D 568 29.11 0.71 -38.17
N LEU D 569 29.05 0.06 -39.33
CA LEU D 569 30.25 -0.51 -39.94
C LEU D 569 31.15 0.63 -40.38
N ASN D 570 32.33 0.70 -39.80
CA ASN D 570 33.25 1.81 -40.02
C ASN D 570 33.96 1.72 -41.36
N ILE D 571 33.14 2.04 -42.36
CA ILE D 571 33.66 2.08 -43.72
C ILE D 571 33.36 3.44 -44.33
N ALA D 572 34.38 4.07 -44.96
CA ALA D 572 34.24 5.41 -45.56
C ALA D 572 34.90 5.46 -46.96
N GLY D 573 34.24 4.83 -47.93
CA GLY D 573 34.70 4.91 -49.32
C GLY D 573 34.52 6.28 -49.96
N SER D 574 33.41 6.95 -49.63
CA SER D 574 33.17 8.35 -49.97
C SER D 574 33.66 9.32 -48.88
N LYS D 575 34.21 8.78 -47.78
CA LYS D 575 34.86 9.51 -46.65
C LYS D 575 33.85 10.19 -45.72
N ASN D 576 32.57 9.81 -45.80
CA ASN D 576 31.52 10.47 -45.01
C ASN D 576 31.66 10.19 -43.51
N GLY D 577 32.02 8.95 -43.15
CA GLY D 577 32.16 8.59 -41.75
C GLY D 577 30.87 8.12 -41.12
N ASN D 578 30.90 8.02 -39.78
CA ASN D 578 29.74 7.61 -38.99
C ASN D 578 28.57 8.59 -39.14
N ARG D 579 28.30 8.77 -40.46
CA ARG D 579 27.22 9.68 -40.82
C ARG D 579 26.12 8.98 -41.59
N ARG D 580 24.87 9.33 -41.29
CA ARG D 580 23.73 8.79 -42.03
C ARG D 580 23.74 9.28 -43.48
N THR D 581 23.89 8.33 -44.41
CA THR D 581 24.00 8.66 -45.83
C THR D 581 22.74 9.31 -46.37
N ALA D 582 21.60 8.70 -46.05
CA ALA D 582 20.31 9.23 -46.45
C ALA D 582 19.49 9.57 -45.22
N ASN D 583 18.26 10.02 -45.40
CA ASN D 583 17.36 10.19 -44.26
C ASN D 583 16.11 9.33 -44.45
N VAL D 584 15.89 8.42 -43.52
CA VAL D 584 14.80 7.45 -43.61
C VAL D 584 13.55 7.96 -42.91
N ARG D 585 12.42 7.92 -43.60
CA ARG D 585 11.19 8.46 -43.03
C ARG D 585 10.12 7.38 -42.91
N SER D 586 9.27 7.49 -41.89
CA SER D 586 8.17 6.54 -41.71
C SER D 586 6.90 7.03 -42.36
N VAL D 587 6.05 6.11 -42.82
CA VAL D 587 4.78 6.47 -43.46
C VAL D 587 3.61 6.37 -42.46
N GLY D 588 3.76 5.49 -41.48
CA GLY D 588 2.74 5.30 -40.47
C GLY D 588 3.41 5.01 -39.14
N TYR D 589 2.72 4.28 -38.26
CA TYR D 589 3.32 3.85 -37.01
C TYR D 589 4.18 2.61 -37.20
N THR D 590 5.51 2.78 -37.16
CA THR D 590 6.44 1.70 -37.50
C THR D 590 7.24 1.21 -36.28
N ASP D 591 7.34 -0.11 -36.14
CA ASP D 591 8.09 -0.70 -35.01
C ASP D 591 9.42 -1.24 -35.46
N LEU D 592 10.49 -0.83 -34.80
CA LEU D 592 11.82 -1.22 -35.25
C LEU D 592 12.52 -2.00 -34.17
N PHE D 593 13.36 -2.94 -34.61
CA PHE D 593 14.31 -3.55 -33.69
C PHE D 593 15.50 -2.61 -33.58
N VAL D 594 15.99 -2.39 -32.36
CA VAL D 594 17.14 -1.53 -32.20
C VAL D 594 18.27 -2.29 -31.55
N LEU D 595 19.39 -2.25 -32.27
CA LEU D 595 20.62 -2.92 -31.92
C LEU D 595 21.74 -1.87 -31.79
N SER D 596 22.18 -1.58 -30.56
CA SER D 596 23.24 -0.60 -30.35
C SER D 596 24.57 -1.04 -30.95
N LYS D 597 25.36 -0.06 -31.41
CA LYS D 597 26.64 -0.30 -32.08
C LYS D 597 27.56 -1.23 -31.29
N THR D 598 27.68 -0.92 -30.00
CA THR D 598 28.49 -1.68 -29.08
C THR D 598 28.13 -3.17 -29.09
N ASP D 599 26.84 -3.47 -29.15
CA ASP D 599 26.38 -4.86 -29.14
C ASP D 599 26.69 -5.56 -30.44
N LEU D 600 26.35 -4.92 -31.54
CA LEU D 600 26.62 -5.51 -32.84
C LEU D 600 28.09 -5.84 -32.94
N TRP D 601 28.93 -4.90 -32.55
CA TRP D 601 30.35 -5.11 -32.71
C TRP D 601 30.92 -6.14 -31.74
N ASN D 602 30.57 -6.01 -30.46
CA ASN D 602 31.04 -6.97 -29.46
C ASN D 602 30.67 -8.39 -29.85
N ALA D 603 29.53 -8.53 -30.51
CA ALA D 603 29.09 -9.83 -30.97
C ALA D 603 29.74 -10.21 -32.30
N LEU D 604 30.21 -9.21 -33.05
CA LEU D 604 30.68 -9.45 -34.42
C LEU D 604 32.09 -10.03 -34.49
N ARG D 605 32.88 -9.84 -33.44
CA ARG D 605 34.25 -10.36 -33.38
C ARG D 605 34.22 -11.89 -33.38
N GLU D 606 33.14 -12.42 -32.84
CA GLU D 606 32.98 -13.84 -32.63
C GLU D 606 32.71 -14.57 -33.94
N TYR D 607 32.05 -13.87 -34.85
CA TYR D 607 31.73 -14.44 -36.14
C TYR D 607 32.20 -13.50 -37.24
N PRO D 608 33.40 -13.76 -37.79
CA PRO D 608 33.99 -12.90 -38.83
C PRO D 608 33.32 -13.08 -40.19
N ASP D 609 32.63 -14.20 -40.39
CA ASP D 609 31.88 -14.42 -41.61
C ASP D 609 30.77 -13.36 -41.81
N ALA D 610 30.02 -13.10 -40.74
CA ALA D 610 28.97 -12.08 -40.75
C ALA D 610 29.55 -10.72 -41.13
N ARG D 611 30.74 -10.45 -40.61
CA ARG D 611 31.50 -9.28 -41.00
C ARG D 611 31.71 -9.28 -42.51
N LYS D 612 32.19 -10.40 -43.05
CA LYS D 612 32.45 -10.51 -44.49
C LYS D 612 31.22 -10.20 -45.32
N LEU D 613 30.08 -10.77 -44.93
CA LEU D 613 28.85 -10.61 -45.70
C LEU D 613 28.24 -9.20 -45.59
N LEU D 614 28.13 -8.71 -44.35
CA LEU D 614 27.60 -7.37 -44.10
C LEU D 614 28.44 -6.29 -44.79
N LEU D 615 29.76 -6.41 -44.68
CA LEU D 615 30.66 -5.49 -45.37
C LEU D 615 30.56 -5.65 -46.88
N ALA D 616 30.39 -6.90 -47.34
CA ALA D 616 30.23 -7.18 -48.77
C ALA D 616 29.00 -6.47 -49.34
N LYS D 617 27.96 -6.35 -48.52
CA LYS D 617 26.78 -5.59 -48.93
C LYS D 617 27.07 -4.08 -48.84
N GLY D 618 27.79 -3.69 -47.79
CA GLY D 618 28.11 -2.29 -47.55
C GLY D 618 28.90 -1.62 -48.66
N ARG D 619 29.90 -2.33 -49.19
CA ARG D 619 30.67 -1.82 -50.32
C ARG D 619 29.74 -1.56 -51.51
N GLU D 620 28.77 -2.45 -51.69
CA GLU D 620 27.88 -2.37 -52.84
C GLU D 620 26.81 -1.28 -52.67
N ILE D 621 26.47 -0.94 -51.43
CA ILE D 621 25.55 0.17 -51.19
C ILE D 621 26.28 1.52 -51.30
N LEU D 622 27.53 1.58 -50.83
CA LEU D 622 28.34 2.80 -50.91
C LEU D 622 28.91 3.01 -52.33
N LYS D 623 28.86 1.95 -53.15
CA LYS D 623 29.29 2.00 -54.55
C LYS D 623 28.51 3.02 -55.37
N LYS D 624 27.20 3.09 -55.13
CA LYS D 624 26.30 4.03 -55.80
C LYS D 624 26.75 5.48 -55.59
N ASP D 625 27.30 5.76 -54.41
CA ASP D 625 27.79 7.09 -54.03
C ASP D 625 29.29 7.27 -54.30
#